data_2KT9
#
_entry.id   2KT9
#
_entity_poly.entity_id   1
_entity_poly.type   'polypeptide(L)'
_entity_poly.pdbx_seq_one_letter_code
;MAASTVHTSFILKVLWLDQNVAIAVDQIVGKGTSPLTSYFFWPRADAWQQLKDELEAKHWIAEADRINVLNQATEVINFW
QDLKNQNKQISMAEAQGKFPEVVFSGSNLEHHHHHH
;
_entity_poly.pdbx_strand_id   A
#
# COMPACT_ATOMS: atom_id res chain seq x y z
N MET A 1 -1.48 -25.16 26.78
CA MET A 1 -2.70 -24.43 26.33
C MET A 1 -3.05 -24.79 24.87
N ALA A 2 -4.32 -25.04 24.60
CA ALA A 2 -4.77 -25.35 23.24
C ALA A 2 -4.69 -24.11 22.33
N ALA A 3 -3.52 -23.88 21.73
CA ALA A 3 -3.29 -22.71 20.87
C ALA A 3 -3.58 -23.02 19.39
N SER A 4 -4.29 -22.11 18.73
CA SER A 4 -4.63 -22.27 17.31
C SER A 4 -3.76 -21.36 16.43
N THR A 5 -3.62 -21.72 15.15
CA THR A 5 -2.82 -20.93 14.20
C THR A 5 -3.65 -19.79 13.59
N VAL A 6 -3.17 -18.56 13.76
CA VAL A 6 -3.83 -17.38 13.19
C VAL A 6 -3.08 -16.90 11.93
N HIS A 7 -3.81 -16.42 10.92
CA HIS A 7 -3.19 -15.91 9.70
C HIS A 7 -3.10 -14.37 9.73
N THR A 8 -1.93 -13.85 10.09
CA THR A 8 -1.68 -12.40 10.06
C THR A 8 -1.73 -11.87 8.62
N SER A 9 -2.93 -11.49 8.17
CA SER A 9 -3.11 -10.96 6.81
C SER A 9 -2.50 -9.57 6.67
N PHE A 10 -2.32 -9.11 5.43
CA PHE A 10 -1.64 -7.83 5.17
C PHE A 10 -2.54 -6.88 4.36
N ILE A 11 -2.56 -5.62 4.75
CA ILE A 11 -3.39 -4.59 4.08
C ILE A 11 -2.52 -3.51 3.41
N LEU A 12 -2.81 -3.21 2.14
CA LEU A 12 -2.04 -2.20 1.40
C LEU A 12 -2.62 -0.79 1.60
N LYS A 13 -1.74 0.18 1.89
CA LYS A 13 -2.13 1.59 1.95
C LYS A 13 -1.46 2.38 0.81
N VAL A 14 -2.14 3.41 0.31
CA VAL A 14 -1.61 4.25 -0.77
C VAL A 14 -1.77 5.75 -0.47
N LEU A 15 -0.65 6.44 -0.28
CA LEU A 15 -0.65 7.89 -0.08
C LEU A 15 -0.60 8.59 -1.45
N TRP A 16 -1.70 9.23 -1.83
CA TRP A 16 -1.82 9.83 -3.17
C TRP A 16 -1.32 11.30 -3.18
N LEU A 17 -0.31 11.58 -4.00
CA LEU A 17 0.22 12.94 -4.14
C LEU A 17 -0.20 13.58 -5.48
N ASP A 18 0.24 14.80 -5.72
CA ASP A 18 -0.11 15.54 -6.94
C ASP A 18 0.49 14.90 -8.19
N GLN A 19 1.82 14.74 -8.21
CA GLN A 19 2.50 14.08 -9.32
C GLN A 19 3.25 12.81 -8.87
N ASN A 20 2.95 12.34 -7.65
CA ASN A 20 3.60 11.15 -7.09
C ASN A 20 2.59 10.24 -6.35
N VAL A 21 3.06 9.08 -5.90
CA VAL A 21 2.22 8.13 -5.15
C VAL A 21 3.08 7.20 -4.27
N ALA A 22 2.64 6.97 -3.04
CA ALA A 22 3.38 6.14 -2.08
C ALA A 22 2.56 4.93 -1.59
N ILE A 23 3.24 3.83 -1.32
CA ILE A 23 2.57 2.60 -0.84
C ILE A 23 3.17 2.10 0.50
N ALA A 24 2.32 1.53 1.36
CA ALA A 24 2.74 1.03 2.68
C ALA A 24 1.77 -0.04 3.24
N VAL A 25 2.31 -1.19 3.63
CA VAL A 25 1.49 -2.33 4.07
C VAL A 25 1.44 -2.47 5.60
N ASP A 26 0.29 -2.90 6.13
CA ASP A 26 0.13 -3.19 7.57
C ASP A 26 -0.12 -4.70 7.79
N GLN A 27 0.27 -5.17 8.98
CA GLN A 27 -0.02 -6.56 9.38
C GLN A 27 -1.23 -6.61 10.33
N ILE A 28 -2.18 -7.49 10.05
CA ILE A 28 -3.37 -7.64 10.91
C ILE A 28 -3.05 -8.47 12.16
N VAL A 29 -3.00 -7.79 13.29
CA VAL A 29 -2.62 -8.41 14.56
C VAL A 29 -3.88 -8.79 15.38
N GLY A 30 -3.72 -9.66 16.38
CA GLY A 30 -4.86 -10.16 17.17
C GLY A 30 -5.76 -9.06 17.77
N LYS A 31 -5.25 -7.84 17.89
CA LYS A 31 -6.03 -6.71 18.43
C LYS A 31 -6.21 -5.57 17.41
N GLY A 32 -6.00 -5.86 16.13
CA GLY A 32 -6.18 -4.85 15.09
C GLY A 32 -5.14 -4.93 13.97
N THR A 33 -4.37 -3.86 13.78
CA THR A 33 -3.30 -3.84 12.78
C THR A 33 -2.03 -3.20 13.33
N SER A 34 -0.92 -3.36 12.60
CA SER A 34 0.35 -2.72 12.97
C SER A 34 1.14 -2.36 11.71
N PRO A 35 1.67 -1.13 11.63
CA PRO A 35 2.47 -0.68 10.47
C PRO A 35 3.65 -1.62 10.14
N LEU A 36 3.55 -2.34 9.03
CA LEU A 36 4.59 -3.29 8.62
C LEU A 36 5.71 -2.56 7.84
N THR A 37 5.32 -1.80 6.83
CA THR A 37 6.27 -1.03 6.01
C THR A 37 5.84 0.44 5.90
N SER A 38 6.80 1.34 5.70
CA SER A 38 6.49 2.77 5.56
C SER A 38 6.17 3.14 4.11
N TYR A 39 5.63 4.34 3.90
CA TYR A 39 5.26 4.81 2.56
C TYR A 39 6.49 5.04 1.67
N PHE A 40 6.68 4.19 0.68
CA PHE A 40 7.74 4.37 -0.32
C PHE A 40 7.21 5.22 -1.50
N PHE A 41 7.82 6.39 -1.70
CA PHE A 41 7.30 7.37 -2.68
C PHE A 41 7.75 7.07 -4.13
N TRP A 42 6.82 6.53 -4.92
CA TRP A 42 7.04 6.29 -6.35
C TRP A 42 6.60 7.52 -7.19
N PRO A 43 7.28 7.83 -8.32
CA PRO A 43 8.43 7.07 -8.84
C PRO A 43 9.80 7.60 -8.38
N ARG A 44 9.80 8.55 -7.43
CA ARG A 44 11.04 9.12 -6.90
C ARG A 44 11.94 8.02 -6.30
N ALA A 45 11.29 7.03 -5.71
CA ALA A 45 11.98 5.87 -5.14
C ALA A 45 11.33 4.58 -5.64
N ASP A 46 12.11 3.49 -5.66
CA ASP A 46 11.60 2.19 -6.12
C ASP A 46 10.61 1.60 -5.09
N ALA A 47 9.39 2.12 -5.11
CA ALA A 47 8.35 1.73 -4.15
C ALA A 47 8.08 0.21 -4.14
N TRP A 48 7.64 -0.33 -5.27
CA TRP A 48 7.29 -1.75 -5.37
C TRP A 48 8.48 -2.66 -5.02
N GLN A 49 9.67 -2.30 -5.52
CA GLN A 49 10.88 -3.07 -5.25
C GLN A 49 11.22 -3.08 -3.76
N GLN A 50 11.24 -1.89 -3.14
CA GLN A 50 11.53 -1.78 -1.70
C GLN A 50 10.42 -2.45 -0.86
N LEU A 51 9.18 -2.40 -1.35
CA LEU A 51 8.07 -3.06 -0.67
C LEU A 51 8.26 -4.58 -0.62
N LYS A 52 8.50 -5.20 -1.77
CA LYS A 52 8.74 -6.64 -1.83
C LYS A 52 10.03 -7.01 -1.08
N ASP A 53 11.03 -6.13 -1.17
CA ASP A 53 12.30 -6.31 -0.45
C ASP A 53 12.06 -6.41 1.07
N GLU A 54 11.22 -5.53 1.61
CA GLU A 54 10.80 -5.60 3.00
C GLU A 54 10.10 -6.94 3.30
N LEU A 55 9.18 -7.33 2.42
CA LEU A 55 8.44 -8.60 2.58
C LEU A 55 9.36 -9.82 2.48
N GLU A 56 10.41 -9.72 1.66
CA GLU A 56 11.39 -10.80 1.52
C GLU A 56 12.36 -10.81 2.71
N ALA A 57 12.64 -9.64 3.26
CA ALA A 57 13.45 -9.50 4.47
C ALA A 57 12.71 -10.05 5.69
N LYS A 58 11.41 -9.78 5.76
CA LYS A 58 10.56 -10.31 6.82
C LYS A 58 10.17 -11.76 6.48
N HIS A 59 11.03 -12.70 6.87
CA HIS A 59 10.93 -14.10 6.44
C HIS A 59 9.73 -14.85 7.05
N TRP A 60 8.96 -14.18 7.89
CA TRP A 60 7.72 -14.79 8.44
C TRP A 60 6.53 -14.58 7.48
N ILE A 61 6.76 -13.85 6.38
CA ILE A 61 5.75 -13.66 5.32
C ILE A 61 5.75 -14.87 4.36
N ALA A 62 4.55 -15.34 4.02
CA ALA A 62 4.41 -16.43 3.05
C ALA A 62 4.39 -15.91 1.61
N GLU A 63 4.72 -16.79 0.65
CA GLU A 63 4.77 -16.40 -0.77
C GLU A 63 3.40 -15.89 -1.24
N ALA A 64 2.34 -16.65 -0.97
CA ALA A 64 0.98 -16.26 -1.34
C ALA A 64 0.64 -14.84 -0.85
N ASP A 65 0.97 -14.55 0.40
CA ASP A 65 0.67 -13.24 0.99
C ASP A 65 1.43 -12.10 0.30
N ARG A 66 2.75 -12.26 0.15
CA ARG A 66 3.57 -11.20 -0.48
C ARG A 66 3.17 -10.99 -1.94
N ILE A 67 2.95 -12.07 -2.68
CA ILE A 67 2.55 -11.97 -4.09
C ILE A 67 1.21 -11.24 -4.23
N ASN A 68 0.24 -11.61 -3.38
CA ASN A 68 -1.09 -10.98 -3.39
C ASN A 68 -0.99 -9.45 -3.30
N VAL A 69 -0.39 -8.95 -2.22
CA VAL A 69 -0.27 -7.51 -2.00
C VAL A 69 0.61 -6.82 -3.07
N LEU A 70 1.56 -7.57 -3.63
CA LEU A 70 2.39 -7.06 -4.73
C LEU A 70 1.58 -6.95 -6.03
N ASN A 71 0.61 -7.85 -6.23
CA ASN A 71 -0.26 -7.81 -7.41
C ASN A 71 -1.11 -6.52 -7.42
N GLN A 72 -1.82 -6.30 -6.32
CA GLN A 72 -2.68 -5.12 -6.19
C GLN A 72 -1.86 -3.82 -6.16
N ALA A 73 -0.69 -3.86 -5.51
CA ALA A 73 0.25 -2.72 -5.53
C ALA A 73 0.67 -2.39 -6.98
N THR A 74 0.99 -3.43 -7.75
CA THR A 74 1.33 -3.27 -9.17
C THR A 74 0.18 -2.61 -9.93
N GLU A 75 -1.05 -3.04 -9.65
CA GLU A 75 -2.23 -2.45 -10.29
C GLU A 75 -2.40 -0.96 -9.92
N VAL A 76 -2.12 -0.62 -8.66
CA VAL A 76 -2.17 0.79 -8.23
C VAL A 76 -1.12 1.63 -8.98
N ILE A 77 0.09 1.09 -9.10
CA ILE A 77 1.17 1.77 -9.81
C ILE A 77 0.85 1.94 -11.30
N ASN A 78 0.34 0.89 -11.93
CA ASN A 78 -0.07 0.95 -13.34
C ASN A 78 -1.26 1.90 -13.52
N PHE A 79 -2.19 1.89 -12.57
CA PHE A 79 -3.33 2.80 -12.57
C PHE A 79 -2.85 4.26 -12.53
N TRP A 80 -1.95 4.55 -11.59
CA TRP A 80 -1.36 5.89 -11.45
C TRP A 80 -0.61 6.32 -12.73
N GLN A 81 0.29 5.46 -13.22
CA GLN A 81 1.05 5.73 -14.45
C GLN A 81 0.10 6.02 -15.62
N ASP A 82 -0.97 5.24 -15.71
CA ASP A 82 -2.01 5.42 -16.71
C ASP A 82 -2.60 6.84 -16.65
N LEU A 83 -2.82 7.33 -15.43
CA LEU A 83 -3.37 8.67 -15.21
C LEU A 83 -2.36 9.78 -15.57
N LYS A 84 -1.11 9.62 -15.14
CA LYS A 84 -0.05 10.61 -15.40
C LYS A 84 0.12 10.91 -16.90
N ASN A 85 -0.02 9.88 -17.73
CA ASN A 85 0.13 10.04 -19.19
C ASN A 85 -1.12 10.63 -19.85
N GLN A 86 -2.31 10.24 -19.39
CA GLN A 86 -3.57 10.71 -19.99
C GLN A 86 -4.12 11.98 -19.33
N ASN A 87 -3.60 12.33 -18.16
CA ASN A 87 -4.10 13.49 -17.39
C ASN A 87 -5.61 13.36 -17.08
N LYS A 88 -6.04 12.15 -16.74
CA LYS A 88 -7.47 11.86 -16.49
C LYS A 88 -8.08 12.74 -15.39
N GLN A 89 -7.26 13.21 -14.44
CA GLN A 89 -7.73 14.09 -13.35
C GLN A 89 -8.84 13.45 -12.50
N ILE A 90 -8.88 12.11 -12.45
CA ILE A 90 -9.93 11.40 -11.71
C ILE A 90 -9.87 11.65 -10.19
N SER A 91 -10.94 11.27 -9.49
CA SER A 91 -11.04 11.48 -8.04
C SER A 91 -10.54 10.28 -7.24
N MET A 92 -10.10 10.54 -6.00
CA MET A 92 -9.66 9.51 -5.07
C MET A 92 -10.72 8.40 -4.91
N ALA A 93 -11.99 8.80 -4.89
CA ALA A 93 -13.11 7.85 -4.77
C ALA A 93 -13.13 6.85 -5.94
N GLU A 94 -12.82 7.34 -7.14
CA GLU A 94 -12.78 6.49 -8.34
C GLU A 94 -11.70 5.41 -8.23
N ALA A 95 -10.59 5.76 -7.58
CA ALA A 95 -9.53 4.78 -7.29
C ALA A 95 -10.00 3.76 -6.24
N GLN A 96 -10.77 4.24 -5.25
CA GLN A 96 -11.37 3.36 -4.24
C GLN A 96 -12.37 2.38 -4.85
N GLY A 97 -13.04 2.81 -5.91
CA GLY A 97 -13.93 1.92 -6.64
C GLY A 97 -13.19 0.79 -7.36
N LYS A 98 -11.90 0.99 -7.59
CA LYS A 98 -11.05 -0.01 -8.24
C LYS A 98 -10.37 -0.93 -7.21
N PHE A 99 -9.90 -0.33 -6.11
CA PHE A 99 -9.16 -1.07 -5.07
C PHE A 99 -9.91 -1.08 -3.72
N PRO A 100 -10.88 -1.99 -3.53
CA PRO A 100 -11.75 -2.01 -2.34
C PRO A 100 -11.02 -2.36 -1.03
N GLU A 101 -9.95 -3.13 -1.12
CA GLU A 101 -9.20 -3.56 0.08
C GLU A 101 -8.05 -2.59 0.41
N VAL A 102 -7.76 -1.67 -0.50
CA VAL A 102 -6.60 -0.77 -0.33
C VAL A 102 -7.00 0.55 0.35
N VAL A 103 -6.25 0.93 1.39
CA VAL A 103 -6.53 2.15 2.15
C VAL A 103 -5.74 3.35 1.61
N PHE A 104 -6.43 4.27 0.94
CA PHE A 104 -5.79 5.48 0.41
C PHE A 104 -5.74 6.60 1.46
N SER A 105 -4.72 7.45 1.36
CA SER A 105 -4.53 8.55 2.32
C SER A 105 -3.94 9.79 1.64
N GLY A 106 -3.86 10.90 2.38
CA GLY A 106 -3.32 12.14 1.84
C GLY A 106 -2.16 12.70 2.66
N SER A 107 -1.31 13.50 2.03
CA SER A 107 -0.12 14.06 2.69
C SER A 107 -0.45 15.29 3.54
N ASN A 108 -1.63 15.28 4.17
CA ASN A 108 -2.07 16.41 4.99
C ASN A 108 -1.11 16.67 6.17
N LEU A 109 -0.70 15.61 6.85
CA LEU A 109 0.24 15.72 7.97
C LEU A 109 1.67 15.34 7.55
N GLU A 110 2.62 15.56 8.45
CA GLU A 110 4.04 15.31 8.17
C GLU A 110 4.39 13.82 8.15
N HIS A 111 4.74 13.33 6.97
CA HIS A 111 5.31 11.99 6.84
C HIS A 111 6.81 12.07 6.48
N HIS A 112 7.34 13.29 6.40
CA HIS A 112 8.76 13.50 6.11
C HIS A 112 9.61 13.18 7.35
N HIS A 113 9.10 13.55 8.52
CA HIS A 113 9.74 13.20 9.79
C HIS A 113 9.38 11.77 10.19
N HIS A 114 10.39 10.90 10.26
CA HIS A 114 10.18 9.48 10.56
C HIS A 114 9.59 9.22 11.95
N HIS A 115 8.27 9.13 12.01
CA HIS A 115 7.56 8.59 13.17
C HIS A 115 6.59 7.48 12.74
N HIS A 116 6.70 7.09 11.46
CA HIS A 116 5.94 5.99 10.84
C HIS A 116 6.62 5.49 9.56
N MET A 1 -14.96 -18.92 17.34
CA MET A 1 -14.10 -20.13 17.24
C MET A 1 -12.70 -19.86 17.82
N ALA A 2 -12.01 -20.93 18.21
CA ALA A 2 -10.68 -20.83 18.82
C ALA A 2 -9.66 -20.15 17.89
N ALA A 3 -9.11 -19.03 18.34
CA ALA A 3 -8.06 -18.31 17.59
C ALA A 3 -6.66 -18.67 18.12
N SER A 4 -6.46 -19.95 18.46
CA SER A 4 -5.18 -20.46 18.98
C SER A 4 -4.01 -20.01 18.10
N THR A 5 -4.07 -20.36 16.81
CA THR A 5 -3.03 -19.96 15.86
C THR A 5 -3.32 -18.56 15.29
N VAL A 6 -2.48 -17.60 15.67
CA VAL A 6 -2.64 -16.21 15.22
C VAL A 6 -2.36 -16.05 13.71
N HIS A 7 -3.33 -16.42 12.88
CA HIS A 7 -3.23 -16.27 11.42
C HIS A 7 -3.27 -14.79 11.01
N THR A 8 -2.10 -14.25 10.71
CA THR A 8 -1.96 -12.82 10.38
C THR A 8 -2.18 -12.55 8.87
N SER A 9 -3.06 -11.61 8.56
CA SER A 9 -3.30 -11.19 7.17
C SER A 9 -2.57 -9.86 6.87
N PHE A 10 -2.68 -9.36 5.64
CA PHE A 10 -1.93 -8.16 5.23
C PHE A 10 -2.79 -7.18 4.41
N ILE A 11 -2.64 -5.88 4.67
CA ILE A 11 -3.37 -4.82 3.96
C ILE A 11 -2.39 -3.86 3.26
N LEU A 12 -2.86 -3.20 2.19
CA LEU A 12 -2.03 -2.22 1.47
C LEU A 12 -2.55 -0.79 1.67
N LYS A 13 -1.69 0.10 2.16
CA LYS A 13 -2.01 1.53 2.23
C LYS A 13 -1.25 2.32 1.17
N VAL A 14 -1.97 3.15 0.41
CA VAL A 14 -1.37 3.96 -0.65
C VAL A 14 -1.60 5.46 -0.42
N LEU A 15 -0.50 6.22 -0.31
CA LEU A 15 -0.60 7.67 -0.13
C LEU A 15 -0.80 8.36 -1.49
N TRP A 16 -1.97 8.95 -1.69
CA TRP A 16 -2.32 9.58 -2.97
C TRP A 16 -2.07 11.10 -2.93
N LEU A 17 -1.02 11.56 -3.61
CA LEU A 17 -0.65 12.97 -3.60
C LEU A 17 -0.88 13.65 -4.96
N ASP A 18 -0.61 14.96 -5.02
CA ASP A 18 -0.79 15.78 -6.22
C ASP A 18 -0.12 15.17 -7.47
N GLN A 19 1.20 15.05 -7.45
CA GLN A 19 1.96 14.47 -8.57
C GLN A 19 2.86 13.31 -8.12
N ASN A 20 2.63 12.82 -6.90
CA ASN A 20 3.41 11.71 -6.35
C ASN A 20 2.52 10.68 -5.66
N VAL A 21 3.03 9.46 -5.48
CA VAL A 21 2.27 8.39 -4.82
C VAL A 21 3.20 7.43 -4.07
N ALA A 22 2.73 6.91 -2.93
CA ALA A 22 3.54 6.01 -2.09
C ALA A 22 2.74 4.77 -1.65
N ILE A 23 3.43 3.65 -1.46
CA ILE A 23 2.79 2.39 -1.06
C ILE A 23 3.39 1.81 0.24
N ALA A 24 2.57 1.12 1.03
CA ALA A 24 3.00 0.50 2.29
C ALA A 24 2.08 -0.66 2.69
N VAL A 25 2.60 -1.61 3.48
CA VAL A 25 1.83 -2.79 3.90
C VAL A 25 1.61 -2.82 5.43
N ASP A 26 0.45 -3.31 5.85
CA ASP A 26 0.10 -3.45 7.28
C ASP A 26 -0.23 -4.91 7.62
N GLN A 27 0.07 -5.31 8.85
CA GLN A 27 -0.23 -6.67 9.31
C GLN A 27 -1.48 -6.69 10.19
N ILE A 28 -2.42 -7.60 9.89
CA ILE A 28 -3.63 -7.77 10.70
C ILE A 28 -3.37 -8.73 11.87
N VAL A 29 -3.17 -8.18 13.05
CA VAL A 29 -2.90 -8.97 14.26
C VAL A 29 -4.21 -9.34 14.96
N GLY A 30 -4.20 -10.42 15.74
CA GLY A 30 -5.38 -10.83 16.50
C GLY A 30 -5.89 -9.76 17.46
N LYS A 31 -5.05 -8.75 17.70
CA LYS A 31 -5.43 -7.60 18.54
C LYS A 31 -5.92 -6.43 17.67
N GLY A 32 -5.37 -6.28 16.47
CA GLY A 32 -5.73 -5.18 15.58
C GLY A 32 -4.73 -5.01 14.44
N THR A 33 -4.90 -3.97 13.65
CA THR A 33 -4.01 -3.71 12.51
C THR A 33 -2.78 -2.87 12.92
N SER A 34 -1.62 -3.22 12.38
CA SER A 34 -0.36 -2.51 12.72
C SER A 34 0.52 -2.32 11.47
N PRO A 35 1.07 -1.11 11.27
CA PRO A 35 1.94 -0.82 10.11
C PRO A 35 3.16 -1.75 10.01
N LEU A 36 3.23 -2.50 8.91
CA LEU A 36 4.33 -3.47 8.70
C LEU A 36 5.52 -2.81 7.99
N THR A 37 5.24 -1.94 7.03
CA THR A 37 6.29 -1.19 6.31
C THR A 37 6.00 0.31 6.26
N SER A 38 6.94 1.07 5.69
CA SER A 38 6.78 2.53 5.53
C SER A 38 6.41 2.90 4.09
N TYR A 39 5.91 4.11 3.88
CA TYR A 39 5.51 4.57 2.53
C TYR A 39 6.71 4.78 1.60
N PHE A 40 6.79 3.97 0.55
CA PHE A 40 7.84 4.11 -0.47
C PHE A 40 7.36 4.96 -1.66
N PHE A 41 8.05 6.07 -1.91
CA PHE A 41 7.69 7.01 -3.00
C PHE A 41 8.46 6.71 -4.29
N TRP A 42 7.74 6.68 -5.42
CA TRP A 42 8.37 6.44 -6.74
C TRP A 42 8.05 7.61 -7.70
N PRO A 43 8.85 7.82 -8.77
CA PRO A 43 10.05 7.02 -9.08
C PRO A 43 11.32 7.51 -8.36
N ARG A 44 11.16 8.44 -7.41
CA ARG A 44 12.28 8.93 -6.59
C ARG A 44 13.01 7.75 -5.93
N ALA A 45 12.25 6.76 -5.50
CA ALA A 45 12.80 5.50 -5.01
C ALA A 45 12.04 4.31 -5.60
N ASP A 46 12.73 3.20 -5.83
CA ASP A 46 12.08 1.98 -6.32
C ASP A 46 11.09 1.43 -5.28
N ALA A 47 9.88 1.99 -5.28
CA ALA A 47 8.85 1.65 -4.31
C ALA A 47 8.56 0.14 -4.25
N TRP A 48 8.29 -0.46 -5.40
CA TRP A 48 7.91 -1.87 -5.46
C TRP A 48 9.08 -2.78 -5.05
N GLN A 49 10.29 -2.42 -5.45
CA GLN A 49 11.50 -3.19 -5.12
C GLN A 49 11.76 -3.17 -3.60
N GLN A 50 11.81 -1.98 -3.01
CA GLN A 50 12.05 -1.86 -1.56
C GLN A 50 10.86 -2.39 -0.73
N LEU A 51 9.65 -2.34 -1.28
CA LEU A 51 8.48 -2.92 -0.61
C LEU A 51 8.60 -4.46 -0.52
N LYS A 52 8.82 -5.10 -1.67
CA LYS A 52 8.99 -6.56 -1.70
C LYS A 52 10.21 -6.98 -0.87
N ASP A 53 11.26 -6.15 -0.90
CA ASP A 53 12.49 -6.43 -0.15
C ASP A 53 12.21 -6.57 1.36
N GLU A 54 11.39 -5.66 1.89
CA GLU A 54 10.94 -5.74 3.29
C GLU A 54 10.11 -7.01 3.53
N LEU A 55 9.15 -7.27 2.64
CA LEU A 55 8.29 -8.46 2.75
C LEU A 55 9.12 -9.76 2.71
N GLU A 56 10.20 -9.76 1.93
CA GLU A 56 11.12 -10.91 1.86
C GLU A 56 12.00 -10.97 3.11
N ALA A 57 12.47 -9.82 3.57
CA ALA A 57 13.28 -9.74 4.79
C ALA A 57 12.51 -10.25 6.01
N LYS A 58 11.18 -10.10 5.98
CA LYS A 58 10.31 -10.66 7.00
C LYS A 58 9.91 -12.08 6.58
N HIS A 59 10.77 -13.06 6.87
CA HIS A 59 10.63 -14.43 6.35
C HIS A 59 9.46 -15.21 6.97
N TRP A 60 8.75 -14.59 7.91
CA TRP A 60 7.52 -15.19 8.47
C TRP A 60 6.30 -14.92 7.56
N ILE A 61 6.51 -14.16 6.49
CA ILE A 61 5.49 -13.93 5.45
C ILE A 61 5.51 -15.06 4.41
N ALA A 62 4.33 -15.57 4.05
CA ALA A 62 4.24 -16.59 2.99
C ALA A 62 4.20 -15.95 1.59
N GLU A 63 4.65 -16.69 0.58
CA GLU A 63 4.70 -16.18 -0.79
C GLU A 63 3.34 -15.59 -1.23
N ALA A 64 2.28 -16.37 -1.07
CA ALA A 64 0.93 -15.94 -1.44
C ALA A 64 0.57 -14.56 -0.86
N ASP A 65 0.94 -14.34 0.40
CA ASP A 65 0.61 -13.09 1.09
C ASP A 65 1.36 -11.89 0.48
N ARG A 66 2.69 -12.01 0.34
CA ARG A 66 3.47 -10.92 -0.25
C ARG A 66 3.10 -10.68 -1.72
N ILE A 67 2.86 -11.76 -2.46
CA ILE A 67 2.46 -11.64 -3.87
C ILE A 67 1.10 -10.94 -3.99
N ASN A 68 0.18 -11.23 -3.05
CA ASN A 68 -1.12 -10.55 -3.00
C ASN A 68 -0.94 -9.02 -2.96
N VAL A 69 -0.24 -8.53 -1.94
CA VAL A 69 -0.03 -7.09 -1.78
C VAL A 69 0.85 -6.51 -2.91
N LEU A 70 1.78 -7.31 -3.44
CA LEU A 70 2.64 -6.86 -4.55
C LEU A 70 1.85 -6.69 -5.86
N ASN A 71 0.94 -7.62 -6.15
CA ASN A 71 0.11 -7.54 -7.36
C ASN A 71 -0.80 -6.32 -7.31
N GLN A 72 -1.57 -6.18 -6.22
CA GLN A 72 -2.48 -5.04 -6.07
C GLN A 72 -1.71 -3.72 -6.04
N ALA A 73 -0.51 -3.72 -5.42
CA ALA A 73 0.37 -2.54 -5.43
C ALA A 73 0.82 -2.21 -6.86
N THR A 74 1.23 -3.23 -7.61
CA THR A 74 1.61 -3.07 -9.03
C THR A 74 0.49 -2.40 -9.82
N GLU A 75 -0.73 -2.89 -9.63
CA GLU A 75 -1.90 -2.31 -10.30
C GLU A 75 -2.08 -0.82 -9.93
N VAL A 76 -1.94 -0.49 -8.65
CA VAL A 76 -2.04 0.91 -8.20
C VAL A 76 -0.97 1.80 -8.88
N ILE A 77 0.26 1.30 -8.92
CA ILE A 77 1.36 2.01 -9.58
C ILE A 77 1.06 2.26 -11.08
N ASN A 78 0.70 1.20 -11.78
CA ASN A 78 0.39 1.28 -13.22
C ASN A 78 -0.93 2.04 -13.48
N PHE A 79 -1.84 2.01 -12.51
CA PHE A 79 -3.10 2.75 -12.60
C PHE A 79 -2.84 4.26 -12.48
N TRP A 80 -2.05 4.65 -11.48
CA TRP A 80 -1.63 6.03 -11.29
C TRP A 80 -0.97 6.58 -12.58
N GLN A 81 -0.06 5.79 -13.15
CA GLN A 81 0.57 6.12 -14.43
C GLN A 81 -0.47 6.24 -15.55
N ASP A 82 -1.37 5.27 -15.61
CA ASP A 82 -2.43 5.23 -16.63
C ASP A 82 -3.31 6.50 -16.57
N LEU A 83 -3.55 6.99 -15.37
CA LEU A 83 -4.29 8.24 -15.18
C LEU A 83 -3.48 9.44 -15.68
N LYS A 84 -2.15 9.35 -15.56
CA LYS A 84 -1.26 10.44 -15.95
C LYS A 84 -1.23 10.64 -17.47
N ASN A 85 -1.04 9.55 -18.24
CA ASN A 85 -0.98 9.66 -19.70
C ASN A 85 -2.35 10.02 -20.31
N GLN A 86 -3.42 9.46 -19.73
CA GLN A 86 -4.78 9.81 -20.17
C GLN A 86 -5.23 11.17 -19.60
N ASN A 87 -4.49 11.67 -18.61
CA ASN A 87 -4.79 12.98 -18.00
C ASN A 87 -6.22 13.03 -17.39
N LYS A 88 -6.71 11.88 -16.93
CA LYS A 88 -8.06 11.82 -16.32
C LYS A 88 -8.16 12.76 -15.10
N GLN A 89 -7.12 12.75 -14.25
CA GLN A 89 -7.07 13.60 -13.05
C GLN A 89 -8.29 13.38 -12.14
N ILE A 90 -8.70 12.12 -12.00
CA ILE A 90 -9.89 11.76 -11.19
C ILE A 90 -9.67 11.97 -9.69
N SER A 91 -10.70 11.68 -8.90
CA SER A 91 -10.67 11.87 -7.44
C SER A 91 -10.23 10.60 -6.71
N MET A 92 -9.87 10.76 -5.42
CA MET A 92 -9.50 9.62 -4.57
C MET A 92 -10.66 8.62 -4.45
N ALA A 93 -11.89 9.14 -4.37
CA ALA A 93 -13.09 8.29 -4.33
C ALA A 93 -13.19 7.39 -5.57
N GLU A 94 -12.85 7.95 -6.73
CA GLU A 94 -12.85 7.18 -7.98
C GLU A 94 -11.73 6.12 -8.00
N ALA A 95 -10.61 6.43 -7.34
CA ALA A 95 -9.54 5.45 -7.14
C ALA A 95 -10.06 4.24 -6.32
N GLN A 96 -10.90 4.53 -5.33
CA GLN A 96 -11.58 3.48 -4.54
C GLN A 96 -12.53 2.65 -5.42
N GLY A 97 -12.87 3.16 -6.60
CA GLY A 97 -13.68 2.41 -7.54
C GLY A 97 -12.93 1.21 -8.11
N LYS A 98 -11.64 1.39 -8.39
CA LYS A 98 -10.80 0.31 -8.90
C LYS A 98 -10.25 -0.54 -7.73
N PHE A 99 -9.83 0.14 -6.65
CA PHE A 99 -9.23 -0.55 -5.49
C PHE A 99 -10.01 -0.28 -4.19
N PRO A 100 -11.21 -0.88 -4.03
CA PRO A 100 -12.03 -0.70 -2.81
C PRO A 100 -11.45 -1.42 -1.60
N GLU A 101 -10.56 -2.38 -1.84
CA GLU A 101 -9.93 -3.16 -0.76
C GLU A 101 -8.55 -2.62 -0.40
N VAL A 102 -8.16 -1.48 -0.99
CA VAL A 102 -6.89 -0.83 -0.68
C VAL A 102 -7.13 0.52 0.04
N VAL A 103 -6.38 0.76 1.10
CA VAL A 103 -6.57 1.97 1.93
C VAL A 103 -5.70 3.15 1.43
N PHE A 104 -6.34 4.13 0.80
CA PHE A 104 -5.63 5.30 0.29
C PHE A 104 -5.61 6.45 1.33
N SER A 105 -4.44 7.05 1.53
CA SER A 105 -4.30 8.19 2.45
C SER A 105 -4.28 9.52 1.69
N GLY A 106 -4.60 10.60 2.39
CA GLY A 106 -4.69 11.92 1.77
C GLY A 106 -3.83 12.98 2.46
N SER A 107 -4.48 13.97 3.07
CA SER A 107 -3.80 15.13 3.68
C SER A 107 -3.13 14.81 5.02
N ASN A 108 -2.59 13.60 5.17
CA ASN A 108 -1.89 13.19 6.39
C ASN A 108 -0.81 12.13 6.07
N LEU A 109 0.42 12.38 6.54
CA LEU A 109 1.53 11.48 6.23
C LEU A 109 2.51 11.34 7.41
N GLU A 110 3.45 10.41 7.30
CA GLU A 110 4.35 10.02 8.39
C GLU A 110 5.22 11.17 8.94
N HIS A 111 6.12 11.67 8.08
CA HIS A 111 7.30 12.47 8.51
C HIS A 111 8.34 11.57 9.20
N HIS A 112 7.85 10.63 10.01
CA HIS A 112 8.64 9.51 10.54
C HIS A 112 9.61 8.94 9.49
N HIS A 113 10.86 8.67 9.89
CA HIS A 113 11.90 8.22 8.96
C HIS A 113 11.53 6.91 8.24
N HIS A 114 11.88 6.85 6.95
CA HIS A 114 11.70 5.64 6.15
C HIS A 114 13.03 4.88 6.06
N HIS A 115 13.16 3.82 6.85
CA HIS A 115 14.44 3.13 7.05
C HIS A 115 15.15 2.77 5.74
N HIS A 116 16.29 3.41 5.51
CA HIS A 116 17.19 3.05 4.41
C HIS A 116 18.57 2.62 4.95
N MET A 1 -8.05 -25.48 20.69
CA MET A 1 -7.29 -24.78 19.63
C MET A 1 -6.60 -25.78 18.67
N ALA A 2 -7.17 -25.95 17.47
CA ALA A 2 -6.54 -26.78 16.44
C ALA A 2 -5.32 -26.08 15.83
N ALA A 3 -5.45 -24.77 15.65
CA ALA A 3 -4.34 -23.93 15.19
C ALA A 3 -3.87 -22.97 16.31
N SER A 4 -2.63 -23.10 16.74
CA SER A 4 -2.09 -22.27 17.83
C SER A 4 -1.44 -20.98 17.30
N THR A 5 -0.92 -21.04 16.08
CA THR A 5 -0.31 -19.87 15.44
C THR A 5 -1.38 -18.93 14.85
N VAL A 6 -1.55 -17.75 15.46
CA VAL A 6 -2.51 -16.77 14.95
C VAL A 6 -2.07 -16.20 13.59
N HIS A 7 -2.97 -16.26 12.60
CA HIS A 7 -2.66 -15.78 11.26
C HIS A 7 -2.73 -14.25 11.16
N THR A 8 -1.59 -13.61 10.99
CA THR A 8 -1.51 -12.16 10.79
C THR A 8 -1.71 -11.81 9.30
N SER A 9 -2.85 -11.21 8.98
CA SER A 9 -3.15 -10.80 7.59
C SER A 9 -2.46 -9.47 7.25
N PHE A 10 -2.59 -9.02 6.00
CA PHE A 10 -1.91 -7.81 5.54
C PHE A 10 -2.85 -6.87 4.77
N ILE A 11 -2.67 -5.56 4.99
CA ILE A 11 -3.48 -4.53 4.31
C ILE A 11 -2.59 -3.58 3.50
N LEU A 12 -3.05 -3.19 2.31
CA LEU A 12 -2.31 -2.24 1.47
C LEU A 12 -2.90 -0.82 1.58
N LYS A 13 -2.12 0.11 2.11
CA LYS A 13 -2.50 1.53 2.15
C LYS A 13 -1.69 2.34 1.13
N VAL A 14 -2.38 3.18 0.36
CA VAL A 14 -1.74 3.98 -0.69
C VAL A 14 -1.97 5.49 -0.49
N LEU A 15 -0.89 6.25 -0.37
CA LEU A 15 -0.95 7.71 -0.28
C LEU A 15 -1.08 8.31 -1.69
N TRP A 16 -2.20 8.98 -1.95
CA TRP A 16 -2.54 9.46 -3.30
C TRP A 16 -2.15 10.95 -3.51
N LEU A 17 -1.16 11.20 -4.36
CA LEU A 17 -0.76 12.57 -4.70
C LEU A 17 -0.74 12.78 -6.23
N ASP A 18 -0.65 14.05 -6.64
CA ASP A 18 -0.55 14.39 -8.07
C ASP A 18 0.81 13.98 -8.66
N GLN A 19 1.89 14.53 -8.11
CA GLN A 19 3.24 14.23 -8.58
C GLN A 19 3.70 12.81 -8.19
N ASN A 20 3.27 12.32 -7.03
CA ASN A 20 3.75 11.03 -6.50
C ASN A 20 2.61 10.13 -5.98
N VAL A 21 2.94 8.87 -5.79
CA VAL A 21 2.04 7.91 -5.14
C VAL A 21 2.86 6.95 -4.26
N ALA A 22 2.42 6.75 -3.01
CA ALA A 22 3.17 5.94 -2.06
C ALA A 22 2.38 4.72 -1.59
N ILE A 23 3.04 3.57 -1.54
CA ILE A 23 2.40 2.33 -1.08
C ILE A 23 2.99 1.82 0.24
N ALA A 24 2.15 1.24 1.10
CA ALA A 24 2.59 0.72 2.40
C ALA A 24 1.72 -0.47 2.85
N VAL A 25 2.36 -1.58 3.19
CA VAL A 25 1.66 -2.75 3.72
C VAL A 25 1.72 -2.80 5.25
N ASP A 26 0.55 -2.90 5.88
CA ASP A 26 0.46 -3.01 7.35
C ASP A 26 0.03 -4.42 7.77
N GLN A 27 0.45 -4.83 8.97
CA GLN A 27 0.16 -6.18 9.48
C GLN A 27 -1.00 -6.18 10.49
N ILE A 28 -1.97 -7.08 10.29
CA ILE A 28 -3.09 -7.23 11.23
C ILE A 28 -2.74 -8.21 12.36
N VAL A 29 -2.27 -7.67 13.48
CA VAL A 29 -1.89 -8.48 14.64
C VAL A 29 -3.13 -8.86 15.46
N GLY A 30 -3.00 -9.87 16.33
CA GLY A 30 -4.11 -10.32 17.17
C GLY A 30 -4.79 -9.20 17.97
N LYS A 31 -4.01 -8.21 18.41
CA LYS A 31 -4.55 -7.11 19.23
C LYS A 31 -4.78 -5.81 18.42
N GLY A 32 -4.39 -5.80 17.14
CA GLY A 32 -4.59 -4.61 16.32
C GLY A 32 -3.64 -4.54 15.13
N THR A 33 -3.76 -3.47 14.36
CA THR A 33 -2.93 -3.26 13.17
C THR A 33 -1.61 -2.56 13.50
N SER A 34 -0.53 -2.98 12.86
CA SER A 34 0.80 -2.37 13.09
C SER A 34 1.48 -2.02 11.76
N PRO A 35 2.12 -0.82 11.69
CA PRO A 35 2.86 -0.39 10.49
C PRO A 35 4.04 -1.31 10.15
N LEU A 36 3.80 -2.27 9.26
CA LEU A 36 4.83 -3.23 8.85
C LEU A 36 5.89 -2.57 7.97
N THR A 37 5.43 -1.75 7.02
CA THR A 37 6.33 -1.03 6.10
C THR A 37 6.02 0.48 6.10
N SER A 38 6.74 1.24 5.28
CA SER A 38 6.55 2.70 5.18
C SER A 38 6.06 3.11 3.79
N TYR A 39 5.54 4.34 3.68
CA TYR A 39 5.03 4.86 2.42
C TYR A 39 6.17 5.23 1.46
N PHE A 40 6.47 4.32 0.53
CA PHE A 40 7.53 4.55 -0.47
C PHE A 40 7.02 5.39 -1.65
N PHE A 41 7.54 6.60 -1.80
CA PHE A 41 7.07 7.54 -2.83
C PHE A 41 7.64 7.26 -4.23
N TRP A 42 6.80 6.74 -5.11
CA TRP A 42 7.12 6.55 -6.52
C TRP A 42 6.63 7.77 -7.35
N PRO A 43 7.35 8.16 -8.44
CA PRO A 43 8.55 7.48 -8.94
C PRO A 43 9.87 8.02 -8.38
N ARG A 44 9.84 8.74 -7.26
CA ARG A 44 11.07 9.23 -6.63
C ARG A 44 11.97 8.05 -6.22
N ALA A 45 11.35 6.98 -5.74
CA ALA A 45 12.05 5.74 -5.40
C ALA A 45 11.22 4.53 -5.83
N ASP A 46 11.87 3.42 -6.16
CA ASP A 46 11.18 2.19 -6.54
C ASP A 46 10.29 1.66 -5.39
N ALA A 47 9.06 2.17 -5.32
CA ALA A 47 8.11 1.80 -4.26
C ALA A 47 7.91 0.29 -4.18
N TRP A 48 7.64 -0.33 -5.32
CA TRP A 48 7.39 -1.78 -5.39
C TRP A 48 8.63 -2.59 -4.98
N GLN A 49 9.81 -2.15 -5.41
CA GLN A 49 11.07 -2.82 -5.07
C GLN A 49 11.37 -2.73 -3.57
N GLN A 50 11.27 -1.51 -3.02
CA GLN A 50 11.52 -1.30 -1.59
C GLN A 50 10.47 -2.03 -0.72
N LEU A 51 9.25 -2.13 -1.23
CA LEU A 51 8.18 -2.86 -0.53
C LEU A 51 8.47 -4.37 -0.49
N LYS A 52 8.72 -4.97 -1.66
CA LYS A 52 9.00 -6.40 -1.75
C LYS A 52 10.25 -6.77 -0.95
N ASP A 53 11.25 -5.90 -0.97
CA ASP A 53 12.51 -6.12 -0.24
C ASP A 53 12.24 -6.35 1.26
N GLU A 54 11.34 -5.54 1.82
CA GLU A 54 10.89 -5.71 3.21
C GLU A 54 10.17 -7.05 3.40
N LEU A 55 9.16 -7.31 2.56
CA LEU A 55 8.33 -8.51 2.68
C LEU A 55 9.15 -9.81 2.54
N GLU A 56 10.14 -9.80 1.67
CA GLU A 56 11.01 -10.97 1.44
C GLU A 56 12.03 -11.16 2.56
N ALA A 57 12.43 -10.06 3.20
CA ALA A 57 13.31 -10.12 4.38
C ALA A 57 12.56 -10.70 5.59
N LYS A 58 11.30 -10.30 5.73
CA LYS A 58 10.45 -10.81 6.81
C LYS A 58 9.92 -12.20 6.45
N HIS A 59 10.66 -13.23 6.86
CA HIS A 59 10.40 -14.61 6.40
C HIS A 59 9.12 -15.22 7.01
N TRP A 60 8.44 -14.49 7.89
CA TRP A 60 7.13 -14.93 8.39
C TRP A 60 6.01 -14.61 7.38
N ILE A 61 6.36 -13.87 6.32
CA ILE A 61 5.47 -13.66 5.17
C ILE A 61 5.59 -14.83 4.19
N ALA A 62 4.46 -15.41 3.79
CA ALA A 62 4.46 -16.53 2.85
C ALA A 62 4.32 -16.06 1.39
N GLU A 63 4.52 -16.99 0.46
CA GLU A 63 4.40 -16.70 -0.99
C GLU A 63 3.08 -16.01 -1.32
N ALA A 64 1.96 -16.69 -1.06
CA ALA A 64 0.63 -16.15 -1.32
C ALA A 64 0.46 -14.72 -0.79
N ASP A 65 0.90 -14.48 0.45
CA ASP A 65 0.75 -13.18 1.09
C ASP A 65 1.54 -12.07 0.36
N ARG A 66 2.83 -12.32 0.10
CA ARG A 66 3.67 -11.30 -0.57
C ARG A 66 3.23 -11.06 -2.02
N ILE A 67 2.97 -12.15 -2.75
CA ILE A 67 2.56 -12.03 -4.16
C ILE A 67 1.23 -11.27 -4.30
N ASN A 68 0.26 -11.63 -3.47
CA ASN A 68 -1.07 -11.00 -3.51
C ASN A 68 -0.98 -9.47 -3.30
N VAL A 69 -0.30 -9.03 -2.25
CA VAL A 69 -0.16 -7.60 -1.95
C VAL A 69 0.71 -6.88 -3.00
N LEU A 70 1.73 -7.56 -3.53
CA LEU A 70 2.60 -6.98 -4.56
C LEU A 70 1.87 -6.82 -5.90
N ASN A 71 0.96 -7.73 -6.21
CA ASN A 71 0.16 -7.64 -7.44
C ASN A 71 -0.79 -6.43 -7.42
N GLN A 72 -1.59 -6.32 -6.36
CA GLN A 72 -2.52 -5.18 -6.22
C GLN A 72 -1.75 -3.85 -6.11
N ALA A 73 -0.59 -3.88 -5.44
CA ALA A 73 0.29 -2.71 -5.38
C ALA A 73 0.78 -2.33 -6.78
N THR A 74 1.17 -3.34 -7.56
CA THR A 74 1.56 -3.13 -8.97
C THR A 74 0.42 -2.51 -9.79
N GLU A 75 -0.80 -3.01 -9.57
CA GLU A 75 -1.99 -2.44 -10.23
C GLU A 75 -2.13 -0.95 -9.93
N VAL A 76 -2.04 -0.59 -8.64
CA VAL A 76 -2.14 0.81 -8.20
C VAL A 76 -1.07 1.69 -8.88
N ILE A 77 0.19 1.22 -8.85
CA ILE A 77 1.30 1.95 -9.48
C ILE A 77 1.07 2.15 -10.99
N ASN A 78 0.73 1.07 -11.69
CA ASN A 78 0.46 1.13 -13.14
C ASN A 78 -0.78 1.98 -13.45
N PHE A 79 -1.78 1.91 -12.58
CA PHE A 79 -3.02 2.69 -12.74
C PHE A 79 -2.73 4.19 -12.61
N TRP A 80 -2.08 4.57 -11.50
CA TRP A 80 -1.68 5.97 -11.28
C TRP A 80 -0.82 6.50 -12.45
N GLN A 81 0.16 5.69 -12.86
CA GLN A 81 1.01 6.02 -14.01
C GLN A 81 0.15 6.23 -15.28
N ASP A 82 -0.82 5.33 -15.49
CA ASP A 82 -1.75 5.42 -16.62
C ASP A 82 -2.53 6.75 -16.60
N LEU A 83 -2.95 7.15 -15.41
CA LEU A 83 -3.68 8.40 -15.25
C LEU A 83 -2.82 9.60 -15.66
N LYS A 84 -1.58 9.64 -15.18
CA LYS A 84 -0.69 10.77 -15.48
C LYS A 84 -0.35 10.87 -16.97
N ASN A 85 -0.04 9.74 -17.61
CA ASN A 85 0.31 9.76 -19.04
C ASN A 85 -0.92 10.08 -19.93
N GLN A 86 -2.12 9.94 -19.37
CA GLN A 86 -3.36 10.35 -20.05
C GLN A 86 -3.93 11.67 -19.47
N ASN A 87 -3.18 12.30 -18.57
CA ASN A 87 -3.56 13.60 -17.96
C ASN A 87 -4.95 13.53 -17.27
N LYS A 88 -5.26 12.37 -16.70
CA LYS A 88 -6.52 12.19 -15.96
C LYS A 88 -6.43 12.78 -14.54
N GLN A 89 -5.55 12.18 -13.72
CA GLN A 89 -5.42 12.53 -12.29
C GLN A 89 -6.79 12.55 -11.58
N ILE A 90 -7.31 11.36 -11.24
CA ILE A 90 -8.63 11.26 -10.62
C ILE A 90 -8.55 11.36 -9.08
N SER A 91 -9.71 11.47 -8.45
CA SER A 91 -9.80 11.53 -6.98
C SER A 91 -9.52 10.17 -6.33
N MET A 92 -8.96 10.19 -5.12
CA MET A 92 -8.68 8.95 -4.37
C MET A 92 -9.97 8.14 -4.13
N ALA A 93 -11.11 8.82 -4.06
CA ALA A 93 -12.41 8.16 -3.97
C ALA A 93 -12.70 7.34 -5.25
N GLU A 94 -12.44 7.94 -6.41
CA GLU A 94 -12.59 7.23 -7.69
C GLU A 94 -11.67 6.00 -7.74
N ALA A 95 -10.48 6.11 -7.14
CA ALA A 95 -9.57 4.98 -7.03
C ALA A 95 -10.18 3.85 -6.20
N GLN A 96 -10.96 4.21 -5.18
CA GLN A 96 -11.67 3.22 -4.34
C GLN A 96 -12.72 2.44 -5.14
N GLY A 97 -13.15 3.01 -6.27
CA GLY A 97 -14.07 2.33 -7.16
C GLY A 97 -13.44 1.08 -7.80
N LYS A 98 -12.21 1.23 -8.28
CA LYS A 98 -11.48 0.12 -8.92
C LYS A 98 -10.78 -0.75 -7.85
N PHE A 99 -10.27 -0.12 -6.79
CA PHE A 99 -9.56 -0.84 -5.72
C PHE A 99 -10.29 -0.73 -4.36
N PRO A 100 -11.45 -1.41 -4.20
CA PRO A 100 -12.21 -1.36 -2.94
C PRO A 100 -11.48 -2.08 -1.79
N GLU A 101 -10.62 -3.03 -2.15
CA GLU A 101 -9.86 -3.82 -1.16
C GLU A 101 -8.60 -3.07 -0.69
N VAL A 102 -8.26 -1.98 -1.37
CA VAL A 102 -7.07 -1.19 -1.02
C VAL A 102 -7.48 0.14 -0.34
N VAL A 103 -6.73 0.55 0.68
CA VAL A 103 -7.05 1.77 1.42
C VAL A 103 -6.22 2.96 0.93
N PHE A 104 -6.84 3.85 0.14
CA PHE A 104 -6.17 5.06 -0.35
C PHE A 104 -6.30 6.22 0.66
N SER A 105 -5.17 6.67 1.20
CA SER A 105 -5.16 7.76 2.17
C SER A 105 -5.27 9.14 1.49
N GLY A 106 -6.39 9.82 1.71
CA GLY A 106 -6.57 11.16 1.16
C GLY A 106 -6.96 12.18 2.23
N SER A 107 -6.01 13.03 2.64
CA SER A 107 -6.26 14.04 3.69
C SER A 107 -5.52 15.34 3.39
N ASN A 108 -5.92 16.43 4.06
CA ASN A 108 -5.30 17.74 3.86
C ASN A 108 -3.94 17.84 4.59
N LEU A 109 -3.09 18.73 4.10
CA LEU A 109 -1.73 18.89 4.60
C LEU A 109 -1.69 19.70 5.92
N GLU A 110 -0.85 19.27 6.85
CA GLU A 110 -0.72 19.95 8.14
C GLU A 110 0.21 21.17 8.05
N HIS A 111 -0.14 22.27 8.72
CA HIS A 111 0.70 23.46 8.75
C HIS A 111 1.20 23.76 10.17
N HIS A 112 0.90 22.88 11.11
CA HIS A 112 1.39 23.00 12.49
C HIS A 112 2.64 22.13 12.71
N HIS A 113 3.67 22.73 13.30
CA HIS A 113 4.95 22.06 13.54
C HIS A 113 4.82 20.95 14.60
N HIS A 114 5.05 19.70 14.19
CA HIS A 114 5.07 18.58 15.13
C HIS A 114 6.28 18.68 16.06
N HIS A 115 6.13 18.19 17.30
CA HIS A 115 7.12 18.42 18.35
C HIS A 115 7.25 19.94 18.58
N HIS A 116 6.11 20.57 18.87
CA HIS A 116 5.99 22.03 18.98
C HIS A 116 7.06 22.66 19.91
N MET A 1 -6.50 -21.84 23.63
CA MET A 1 -5.73 -20.80 24.38
C MET A 1 -4.23 -20.87 24.06
N ALA A 2 -3.59 -22.00 24.39
CA ALA A 2 -2.16 -22.20 24.13
C ALA A 2 -1.88 -22.38 22.63
N ALA A 3 -2.54 -23.35 22.01
CA ALA A 3 -2.39 -23.58 20.56
C ALA A 3 -3.36 -22.70 19.77
N SER A 4 -2.83 -21.66 19.12
CA SER A 4 -3.67 -20.73 18.34
C SER A 4 -3.17 -20.63 16.90
N THR A 5 -4.07 -20.77 15.93
CA THR A 5 -3.73 -20.65 14.51
C THR A 5 -3.18 -19.25 14.19
N VAL A 6 -1.88 -19.17 13.87
CA VAL A 6 -1.25 -17.90 13.52
C VAL A 6 -1.73 -17.41 12.13
N HIS A 7 -2.77 -16.58 12.11
CA HIS A 7 -3.31 -16.02 10.86
C HIS A 7 -3.22 -14.49 10.84
N THR A 8 -2.06 -13.98 10.44
CA THR A 8 -1.84 -12.53 10.33
C THR A 8 -2.09 -12.05 8.89
N SER A 9 -3.23 -11.42 8.66
CA SER A 9 -3.56 -10.89 7.33
C SER A 9 -2.83 -9.57 7.04
N PHE A 10 -2.66 -9.24 5.76
CA PHE A 10 -1.88 -8.06 5.36
C PHE A 10 -2.72 -7.06 4.56
N ILE A 11 -2.71 -5.80 4.99
CA ILE A 11 -3.46 -4.74 4.31
C ILE A 11 -2.53 -3.79 3.55
N LEU A 12 -2.98 -3.31 2.39
CA LEU A 12 -2.17 -2.37 1.60
C LEU A 12 -2.72 -0.93 1.68
N LYS A 13 -1.86 0.02 2.03
CA LYS A 13 -2.23 1.43 2.03
C LYS A 13 -1.45 2.21 0.95
N VAL A 14 -2.11 3.17 0.30
CA VAL A 14 -1.47 4.00 -0.73
C VAL A 14 -1.69 5.49 -0.45
N LEU A 15 -0.60 6.23 -0.26
CA LEU A 15 -0.66 7.67 -0.03
C LEU A 15 -0.79 8.40 -1.39
N TRP A 16 -1.95 8.98 -1.63
CA TRP A 16 -2.26 9.59 -2.93
C TRP A 16 -2.07 11.11 -2.90
N LEU A 17 -1.00 11.59 -3.53
CA LEU A 17 -0.70 13.03 -3.60
C LEU A 17 -0.96 13.60 -5.00
N ASP A 18 -0.60 14.87 -5.20
CA ASP A 18 -0.81 15.55 -6.49
C ASP A 18 -0.12 14.80 -7.65
N GLN A 19 1.20 14.72 -7.59
CA GLN A 19 2.00 14.03 -8.61
C GLN A 19 2.90 12.95 -8.00
N ASN A 20 2.72 12.71 -6.70
CA ASN A 20 3.47 11.64 -5.98
C ASN A 20 2.50 10.57 -5.46
N VAL A 21 2.98 9.34 -5.33
CA VAL A 21 2.18 8.24 -4.82
C VAL A 21 3.05 7.21 -4.06
N ALA A 22 2.65 6.87 -2.83
CA ALA A 22 3.45 5.99 -1.99
C ALA A 22 2.67 4.75 -1.54
N ILE A 23 3.34 3.60 -1.47
CA ILE A 23 2.71 2.34 -1.04
C ILE A 23 3.28 1.82 0.30
N ALA A 24 2.44 1.13 1.07
CA ALA A 24 2.85 0.55 2.37
C ALA A 24 1.92 -0.60 2.79
N VAL A 25 2.42 -1.50 3.65
CA VAL A 25 1.64 -2.66 4.10
C VAL A 25 1.47 -2.70 5.63
N ASP A 26 0.37 -3.28 6.10
CA ASP A 26 0.09 -3.43 7.53
C ASP A 26 -0.17 -4.89 7.90
N GLN A 27 0.22 -5.28 9.11
CA GLN A 27 -0.02 -6.64 9.61
C GLN A 27 -1.16 -6.66 10.64
N ILE A 28 -2.15 -7.52 10.40
CA ILE A 28 -3.27 -7.67 11.33
C ILE A 28 -2.89 -8.64 12.48
N VAL A 29 -2.49 -8.06 13.60
CA VAL A 29 -2.00 -8.83 14.76
C VAL A 29 -3.17 -9.34 15.63
N GLY A 30 -2.91 -10.33 16.46
CA GLY A 30 -3.93 -10.88 17.35
C GLY A 30 -4.68 -9.82 18.17
N LYS A 31 -4.02 -8.68 18.44
CA LYS A 31 -4.66 -7.56 19.14
C LYS A 31 -5.54 -6.73 18.20
N GLY A 32 -5.09 -6.60 16.94
CA GLY A 32 -5.78 -5.74 15.98
C GLY A 32 -4.94 -5.49 14.72
N THR A 33 -4.43 -4.28 14.55
CA THR A 33 -3.61 -3.93 13.39
C THR A 33 -2.28 -3.26 13.80
N SER A 34 -1.27 -3.38 12.95
CA SER A 34 0.04 -2.78 13.20
C SER A 34 0.78 -2.49 11.88
N PRO A 35 1.34 -1.27 11.71
CA PRO A 35 2.09 -0.90 10.50
C PRO A 35 3.29 -1.83 10.23
N LEU A 36 3.28 -2.51 9.08
CA LEU A 36 4.35 -3.46 8.73
C LEU A 36 5.52 -2.74 8.03
N THR A 37 5.21 -2.01 6.97
CA THR A 37 6.23 -1.24 6.22
C THR A 37 5.87 0.25 6.16
N SER A 38 6.82 1.08 5.73
CA SER A 38 6.60 2.52 5.58
C SER A 38 6.16 2.87 4.15
N TYR A 39 5.82 4.13 3.91
CA TYR A 39 5.38 4.59 2.59
C TYR A 39 6.57 4.80 1.62
N PHE A 40 6.62 3.99 0.56
CA PHE A 40 7.66 4.12 -0.46
C PHE A 40 7.16 4.99 -1.63
N PHE A 41 7.81 6.14 -1.84
CA PHE A 41 7.31 7.16 -2.79
C PHE A 41 7.70 6.88 -4.25
N TRP A 42 6.70 6.48 -5.04
CA TRP A 42 6.82 6.35 -6.50
C TRP A 42 6.38 7.67 -7.18
N PRO A 43 7.06 8.10 -8.28
CA PRO A 43 8.23 7.42 -8.86
C PRO A 43 9.58 7.96 -8.36
N ARG A 44 9.58 8.67 -7.23
CA ARG A 44 10.81 9.27 -6.69
C ARG A 44 11.80 8.18 -6.21
N ALA A 45 11.29 6.97 -6.03
CA ALA A 45 12.12 5.81 -5.69
C ALA A 45 11.42 4.51 -6.12
N ASP A 46 12.18 3.45 -6.35
CA ASP A 46 11.59 2.15 -6.72
C ASP A 46 10.72 1.61 -5.58
N ALA A 47 9.46 2.02 -5.57
CA ALA A 47 8.53 1.65 -4.49
C ALA A 47 8.32 0.13 -4.40
N TRP A 48 8.08 -0.49 -5.55
CA TRP A 48 7.79 -1.93 -5.60
C TRP A 48 8.99 -2.76 -5.09
N GLN A 49 10.21 -2.36 -5.46
CA GLN A 49 11.42 -3.05 -5.02
C GLN A 49 11.61 -2.92 -3.49
N GLN A 50 11.45 -1.71 -2.98
CA GLN A 50 11.57 -1.47 -1.53
C GLN A 50 10.52 -2.28 -0.75
N LEU A 51 9.31 -2.37 -1.30
CA LEU A 51 8.23 -3.12 -0.65
C LEU A 51 8.52 -4.63 -0.66
N LYS A 52 8.81 -5.20 -1.83
CA LYS A 52 9.09 -6.63 -1.94
C LYS A 52 10.29 -7.04 -1.07
N ASP A 53 11.34 -6.22 -1.10
CA ASP A 53 12.55 -6.49 -0.29
C ASP A 53 12.22 -6.57 1.21
N GLU A 54 11.32 -5.68 1.66
CA GLU A 54 10.81 -5.73 3.04
C GLU A 54 10.10 -7.06 3.32
N LEU A 55 9.20 -7.44 2.41
CA LEU A 55 8.42 -8.68 2.56
C LEU A 55 9.33 -9.93 2.47
N GLU A 56 10.38 -9.84 1.67
CA GLU A 56 11.36 -10.94 1.53
C GLU A 56 12.29 -11.02 2.74
N ALA A 57 12.64 -9.86 3.31
CA ALA A 57 13.48 -9.80 4.51
C ALA A 57 12.78 -10.42 5.72
N LYS A 58 11.48 -10.16 5.84
CA LYS A 58 10.67 -10.73 6.92
C LYS A 58 10.27 -12.18 6.59
N HIS A 59 10.97 -13.15 7.17
CA HIS A 59 10.80 -14.57 6.82
C HIS A 59 9.38 -15.10 7.15
N TRP A 60 8.72 -14.50 8.13
CA TRP A 60 7.38 -14.95 8.52
C TRP A 60 6.30 -14.53 7.50
N ILE A 61 6.70 -13.75 6.50
CA ILE A 61 5.82 -13.43 5.35
C ILE A 61 5.95 -14.51 4.27
N ALA A 62 4.82 -14.95 3.72
CA ALA A 62 4.80 -16.01 2.72
C ALA A 62 4.72 -15.47 1.30
N GLU A 63 5.07 -16.32 0.33
CA GLU A 63 5.03 -15.93 -1.08
C GLU A 63 3.60 -15.60 -1.53
N ALA A 64 2.65 -16.45 -1.17
CA ALA A 64 1.25 -16.26 -1.58
C ALA A 64 0.71 -14.87 -1.20
N ASP A 65 0.88 -14.48 0.07
CA ASP A 65 0.37 -13.19 0.55
C ASP A 65 1.22 -12.00 0.07
N ARG A 66 2.55 -12.11 0.13
CA ARG A 66 3.42 -11.03 -0.32
C ARG A 66 3.19 -10.73 -1.81
N ILE A 67 3.05 -11.78 -2.62
CA ILE A 67 2.78 -11.62 -4.06
C ILE A 67 1.42 -10.95 -4.29
N ASN A 68 0.43 -11.31 -3.48
CA ASN A 68 -0.90 -10.68 -3.55
C ASN A 68 -0.80 -9.15 -3.40
N VAL A 69 -0.25 -8.70 -2.26
CA VAL A 69 -0.11 -7.26 -2.00
C VAL A 69 0.83 -6.59 -3.02
N LEU A 70 1.80 -7.34 -3.55
CA LEU A 70 2.69 -6.83 -4.60
C LEU A 70 1.96 -6.68 -5.94
N ASN A 71 1.04 -7.59 -6.24
CA ASN A 71 0.26 -7.52 -7.50
C ASN A 71 -0.71 -6.33 -7.48
N GLN A 72 -1.53 -6.23 -6.43
CA GLN A 72 -2.47 -5.11 -6.29
C GLN A 72 -1.72 -3.77 -6.21
N ALA A 73 -0.55 -3.77 -5.56
CA ALA A 73 0.32 -2.59 -5.56
C ALA A 73 0.78 -2.24 -6.99
N THR A 74 1.20 -3.27 -7.73
CA THR A 74 1.59 -3.11 -9.14
C THR A 74 0.44 -2.49 -9.95
N GLU A 75 -0.79 -2.95 -9.71
CA GLU A 75 -1.97 -2.40 -10.35
C GLU A 75 -2.14 -0.91 -10.01
N VAL A 76 -1.91 -0.54 -8.74
CA VAL A 76 -1.98 0.86 -8.32
C VAL A 76 -0.91 1.72 -9.01
N ILE A 77 0.31 1.22 -9.06
CA ILE A 77 1.43 1.91 -9.73
C ILE A 77 1.10 2.14 -11.22
N ASN A 78 0.72 1.08 -11.93
CA ASN A 78 0.34 1.19 -13.34
C ASN A 78 -0.95 2.00 -13.53
N PHE A 79 -1.84 1.97 -12.53
CA PHE A 79 -3.07 2.76 -12.57
C PHE A 79 -2.75 4.26 -12.51
N TRP A 80 -1.96 4.65 -11.52
CA TRP A 80 -1.49 6.04 -11.38
C TRP A 80 -0.83 6.51 -12.68
N GLN A 81 0.13 5.73 -13.18
CA GLN A 81 0.81 6.02 -14.44
C GLN A 81 -0.19 6.09 -15.61
N ASP A 82 -1.16 5.18 -15.61
CA ASP A 82 -2.20 5.14 -16.64
C ASP A 82 -3.01 6.44 -16.66
N LEU A 83 -3.34 6.95 -15.47
CA LEU A 83 -4.06 8.22 -15.34
C LEU A 83 -3.21 9.39 -15.86
N LYS A 84 -1.93 9.42 -15.45
CA LYS A 84 -1.00 10.47 -15.89
C LYS A 84 -0.83 10.46 -17.42
N ASN A 85 -0.69 9.26 -18.00
CA ASN A 85 -0.59 9.11 -19.46
C ASN A 85 -1.84 9.63 -20.16
N GLN A 86 -3.01 9.17 -19.72
CA GLN A 86 -4.28 9.58 -20.32
C GLN A 86 -4.76 10.95 -19.79
N ASN A 87 -3.94 11.57 -18.94
CA ASN A 87 -4.24 12.93 -18.41
C ASN A 87 -5.55 12.95 -17.61
N LYS A 88 -5.96 11.79 -17.10
CA LYS A 88 -7.21 11.68 -16.34
C LYS A 88 -7.10 12.33 -14.96
N GLN A 89 -7.79 13.46 -14.79
CA GLN A 89 -7.88 14.11 -13.48
C GLN A 89 -9.11 13.61 -12.72
N ILE A 90 -8.98 12.48 -12.04
CA ILE A 90 -10.10 11.86 -11.33
C ILE A 90 -10.03 12.08 -9.81
N SER A 91 -11.15 11.90 -9.14
CA SER A 91 -11.23 12.01 -7.67
C SER A 91 -10.55 10.81 -7.00
N MET A 92 -9.99 11.01 -5.80
CA MET A 92 -9.35 9.91 -5.07
C MET A 92 -10.37 8.79 -4.78
N ALA A 93 -11.63 9.18 -4.55
CA ALA A 93 -12.73 8.21 -4.38
C ALA A 93 -12.90 7.32 -5.62
N GLU A 94 -12.69 7.89 -6.81
CA GLU A 94 -12.75 7.13 -8.07
C GLU A 94 -11.67 6.04 -8.10
N ALA A 95 -10.52 6.32 -7.50
CA ALA A 95 -9.45 5.32 -7.34
C ALA A 95 -9.87 4.24 -6.34
N GLN A 96 -10.52 4.65 -5.25
CA GLN A 96 -11.08 3.72 -4.26
C GLN A 96 -12.15 2.80 -4.86
N GLY A 97 -12.80 3.27 -5.93
CA GLY A 97 -13.74 2.42 -6.67
C GLY A 97 -13.03 1.27 -7.40
N LYS A 98 -11.79 1.51 -7.81
CA LYS A 98 -10.99 0.51 -8.52
C LYS A 98 -10.20 -0.37 -7.52
N PHE A 99 -9.82 0.23 -6.38
CA PHE A 99 -9.07 -0.50 -5.34
C PHE A 99 -9.74 -0.36 -3.95
N PRO A 100 -10.92 -1.00 -3.74
CA PRO A 100 -11.65 -0.91 -2.47
C PRO A 100 -10.92 -1.60 -1.31
N GLU A 101 -10.16 -2.64 -1.62
CA GLU A 101 -9.40 -3.39 -0.61
C GLU A 101 -8.09 -2.69 -0.25
N VAL A 102 -7.69 -1.71 -1.05
CA VAL A 102 -6.47 -0.95 -0.80
C VAL A 102 -6.78 0.41 -0.18
N VAL A 103 -6.33 0.62 1.06
CA VAL A 103 -6.66 1.85 1.80
C VAL A 103 -5.80 3.04 1.33
N PHE A 104 -6.42 3.93 0.56
CA PHE A 104 -5.75 5.15 0.11
C PHE A 104 -5.78 6.22 1.19
N SER A 105 -4.73 7.05 1.25
CA SER A 105 -4.61 8.09 2.27
C SER A 105 -4.50 9.48 1.65
N GLY A 106 -5.43 10.35 2.01
CA GLY A 106 -5.40 11.74 1.54
C GLY A 106 -5.41 12.73 2.71
N SER A 107 -4.40 13.60 2.77
CA SER A 107 -4.16 14.50 3.92
C SER A 107 -4.02 13.70 5.23
N ASN A 108 -5.15 13.26 5.78
CA ASN A 108 -5.17 12.38 6.97
C ASN A 108 -4.66 13.09 8.25
N LEU A 109 -5.00 12.51 9.39
CA LEU A 109 -4.58 13.05 10.69
C LEU A 109 -3.07 12.82 10.92
N GLU A 110 -2.57 11.67 10.47
CA GLU A 110 -1.14 11.37 10.52
C GLU A 110 -0.56 11.25 9.10
N HIS A 111 0.57 11.91 8.86
CA HIS A 111 1.17 11.93 7.51
C HIS A 111 2.69 12.20 7.54
N HIS A 112 3.40 11.60 6.59
CA HIS A 112 4.86 11.74 6.49
C HIS A 112 5.26 13.15 6.00
N HIS A 113 5.66 14.02 6.94
CA HIS A 113 6.16 15.35 6.58
C HIS A 113 7.52 15.26 5.84
N HIS A 114 7.81 16.27 5.03
CA HIS A 114 8.96 16.22 4.09
C HIS A 114 10.13 17.12 4.51
N HIS A 115 11.25 17.00 3.79
CA HIS A 115 12.43 17.84 4.02
C HIS A 115 13.40 17.77 2.81
N HIS A 116 14.22 18.80 2.64
CA HIS A 116 15.26 18.81 1.58
C HIS A 116 16.67 18.64 2.16
N MET A 1 -10.55 -28.75 13.47
CA MET A 1 -9.45 -28.07 12.75
C MET A 1 -8.25 -27.85 13.67
N ALA A 2 -7.04 -28.10 13.15
CA ALA A 2 -5.81 -28.00 13.95
C ALA A 2 -5.14 -26.63 13.82
N ALA A 3 -4.33 -26.26 14.81
CA ALA A 3 -3.61 -24.98 14.83
C ALA A 3 -2.10 -25.19 14.59
N SER A 4 -1.53 -24.43 13.65
CA SER A 4 -0.11 -24.55 13.32
C SER A 4 0.44 -23.23 12.76
N THR A 5 -0.14 -22.77 11.65
CA THR A 5 0.33 -21.55 10.99
C THR A 5 -0.18 -20.28 11.69
N VAL A 6 0.73 -19.32 11.92
CA VAL A 6 0.38 -18.05 12.54
C VAL A 6 -0.64 -17.27 11.69
N HIS A 7 -1.77 -16.92 12.31
CA HIS A 7 -2.81 -16.16 11.63
C HIS A 7 -2.51 -14.64 11.63
N THR A 8 -1.90 -14.16 10.56
CA THR A 8 -1.59 -12.73 10.40
C THR A 8 -1.41 -12.38 8.91
N SER A 9 -2.45 -11.79 8.32
CA SER A 9 -2.41 -11.39 6.90
C SER A 9 -1.91 -9.96 6.75
N PHE A 10 -1.79 -9.48 5.51
CA PHE A 10 -1.26 -8.13 5.24
C PHE A 10 -2.19 -7.32 4.32
N ILE A 11 -2.18 -6.00 4.50
CA ILE A 11 -3.06 -5.09 3.74
C ILE A 11 -2.26 -3.95 3.10
N LEU A 12 -2.53 -3.65 1.83
CA LEU A 12 -1.84 -2.57 1.11
C LEU A 12 -2.49 -1.19 1.37
N LYS A 13 -1.66 -0.20 1.67
CA LYS A 13 -2.09 1.19 1.81
C LYS A 13 -1.42 2.09 0.75
N VAL A 14 -2.16 3.07 0.25
CA VAL A 14 -1.64 3.99 -0.77
C VAL A 14 -1.84 5.45 -0.36
N LEU A 15 -0.75 6.20 -0.26
CA LEU A 15 -0.81 7.64 0.05
C LEU A 15 -0.87 8.44 -1.25
N TRP A 16 -2.03 9.04 -1.51
CA TRP A 16 -2.26 9.76 -2.78
C TRP A 16 -1.94 11.26 -2.63
N LEU A 17 -0.87 11.70 -3.28
CA LEU A 17 -0.49 13.13 -3.27
C LEU A 17 -0.92 13.82 -4.57
N ASP A 18 -0.43 15.05 -4.77
CA ASP A 18 -0.76 15.83 -5.96
C ASP A 18 -0.09 15.26 -7.22
N GLN A 19 1.24 15.40 -7.31
CA GLN A 19 2.00 14.90 -8.47
C GLN A 19 2.73 13.58 -8.14
N ASN A 20 2.62 13.12 -6.89
CA ASN A 20 3.32 11.89 -6.45
C ASN A 20 2.37 10.91 -5.76
N VAL A 21 2.87 9.72 -5.45
CA VAL A 21 2.10 8.69 -4.75
C VAL A 21 3.02 7.71 -3.98
N ALA A 22 2.52 7.15 -2.87
CA ALA A 22 3.31 6.21 -2.05
C ALA A 22 2.50 4.95 -1.69
N ILE A 23 3.21 3.86 -1.39
CA ILE A 23 2.57 2.60 -0.97
C ILE A 23 3.19 2.03 0.31
N ALA A 24 2.40 1.30 1.10
CA ALA A 24 2.86 0.69 2.36
C ALA A 24 2.02 -0.55 2.71
N VAL A 25 2.42 -1.29 3.75
CA VAL A 25 1.70 -2.51 4.17
C VAL A 25 1.54 -2.60 5.69
N ASP A 26 0.31 -2.90 6.13
CA ASP A 26 0.01 -3.15 7.55
C ASP A 26 -0.29 -4.64 7.79
N GLN A 27 0.16 -5.15 8.94
CA GLN A 27 -0.12 -6.55 9.31
C GLN A 27 -1.39 -6.65 10.17
N ILE A 28 -2.21 -7.67 9.90
CA ILE A 28 -3.44 -7.88 10.66
C ILE A 28 -3.16 -8.66 11.96
N VAL A 29 -2.97 -7.90 13.04
CA VAL A 29 -2.69 -8.48 14.35
C VAL A 29 -3.99 -8.91 15.05
N GLY A 30 -3.87 -9.75 16.08
CA GLY A 30 -5.06 -10.20 16.82
C GLY A 30 -5.92 -9.06 17.37
N LYS A 31 -5.35 -7.88 17.53
CA LYS A 31 -6.08 -6.71 18.05
C LYS A 31 -6.56 -5.77 16.93
N GLY A 32 -6.25 -6.12 15.68
CA GLY A 32 -6.59 -5.26 14.54
C GLY A 32 -5.48 -5.23 13.49
N THR A 33 -5.01 -4.04 13.13
CA THR A 33 -3.88 -3.91 12.20
C THR A 33 -2.73 -3.13 12.84
N SER A 34 -1.54 -3.24 12.26
CA SER A 34 -0.36 -2.49 12.72
C SER A 34 0.62 -2.26 11.58
N PRO A 35 1.14 -1.02 11.43
CA PRO A 35 2.09 -0.67 10.36
C PRO A 35 3.32 -1.60 10.31
N LEU A 36 3.45 -2.33 9.20
CA LEU A 36 4.59 -3.23 9.00
C LEU A 36 5.71 -2.55 8.21
N THR A 37 5.34 -1.83 7.15
CA THR A 37 6.30 -1.08 6.33
C THR A 37 5.93 0.41 6.26
N SER A 38 6.87 1.23 5.77
CA SER A 38 6.61 2.66 5.59
C SER A 38 6.18 2.97 4.15
N TYR A 39 5.78 4.21 3.89
CA TYR A 39 5.30 4.62 2.57
C TYR A 39 6.46 4.88 1.59
N PHE A 40 6.51 4.08 0.52
CA PHE A 40 7.52 4.26 -0.53
C PHE A 40 6.96 5.06 -1.70
N PHE A 41 7.58 6.21 -1.99
CA PHE A 41 7.10 7.11 -3.05
C PHE A 41 7.74 6.78 -4.42
N TRP A 42 6.96 6.86 -5.48
CA TRP A 42 7.47 6.69 -6.85
C TRP A 42 6.84 7.74 -7.79
N PRO A 43 7.48 8.08 -8.93
CA PRO A 43 8.77 7.48 -9.39
C PRO A 43 10.00 8.00 -8.63
N ARG A 44 9.78 8.73 -7.52
CA ARG A 44 10.87 9.18 -6.64
C ARG A 44 11.87 8.05 -6.34
N ALA A 45 11.33 6.87 -6.03
CA ALA A 45 12.14 5.67 -5.82
C ALA A 45 11.44 4.43 -6.38
N ASP A 46 12.13 3.29 -6.40
CA ASP A 46 11.52 2.02 -6.84
C ASP A 46 10.60 1.46 -5.74
N ALA A 47 9.37 1.97 -5.72
CA ALA A 47 8.39 1.62 -4.67
C ALA A 47 8.15 0.11 -4.57
N TRP A 48 7.84 -0.54 -5.69
CA TRP A 48 7.53 -1.97 -5.70
C TRP A 48 8.75 -2.80 -5.26
N GLN A 49 9.92 -2.48 -5.81
CA GLN A 49 11.17 -3.14 -5.42
C GLN A 49 11.44 -3.00 -3.91
N GLN A 50 11.33 -1.77 -3.38
CA GLN A 50 11.55 -1.52 -1.96
C GLN A 50 10.51 -2.25 -1.08
N LEU A 51 9.26 -2.29 -1.55
CA LEU A 51 8.18 -2.95 -0.82
C LEU A 51 8.43 -4.47 -0.70
N LYS A 52 8.65 -5.13 -1.85
CA LYS A 52 8.90 -6.58 -1.86
C LYS A 52 10.15 -6.92 -1.03
N ASP A 53 11.18 -6.10 -1.15
CA ASP A 53 12.42 -6.28 -0.37
C ASP A 53 12.12 -6.29 1.14
N GLU A 54 11.33 -5.33 1.59
CA GLU A 54 10.91 -5.25 3.00
C GLU A 54 10.16 -6.51 3.46
N LEU A 55 9.40 -7.12 2.56
CA LEU A 55 8.60 -8.31 2.89
C LEU A 55 9.41 -9.61 2.77
N GLU A 56 10.39 -9.63 1.84
CA GLU A 56 11.27 -10.79 1.68
C GLU A 56 12.33 -10.84 2.80
N ALA A 57 12.71 -9.68 3.31
CA ALA A 57 13.62 -9.58 4.46
C ALA A 57 12.96 -10.18 5.71
N LYS A 58 11.71 -9.81 5.94
CA LYS A 58 10.91 -10.35 7.05
C LYS A 58 10.43 -11.77 6.73
N HIS A 59 11.21 -12.76 7.14
CA HIS A 59 11.00 -14.16 6.74
C HIS A 59 9.69 -14.78 7.28
N TRP A 60 8.91 -14.03 8.07
CA TRP A 60 7.63 -14.54 8.60
C TRP A 60 6.46 -14.22 7.67
N ILE A 61 6.72 -13.50 6.58
CA ILE A 61 5.69 -13.18 5.57
C ILE A 61 5.45 -14.38 4.62
N ALA A 62 4.21 -14.85 4.57
CA ALA A 62 3.83 -15.95 3.69
C ALA A 62 3.87 -15.54 2.20
N GLU A 63 4.37 -16.43 1.34
CA GLU A 63 4.54 -16.11 -0.08
C GLU A 63 3.21 -15.81 -0.78
N ALA A 64 2.19 -16.62 -0.50
CA ALA A 64 0.87 -16.44 -1.12
C ALA A 64 0.33 -15.01 -0.93
N ASP A 65 0.46 -14.47 0.29
CA ASP A 65 -0.08 -13.15 0.59
C ASP A 65 0.88 -12.02 0.16
N ARG A 66 2.19 -12.28 0.18
CA ARG A 66 3.15 -11.27 -0.32
C ARG A 66 2.95 -11.04 -1.82
N ILE A 67 2.67 -12.12 -2.56
CA ILE A 67 2.33 -12.02 -3.98
C ILE A 67 1.00 -11.28 -4.16
N ASN A 68 0.04 -11.58 -3.29
CA ASN A 68 -1.25 -10.88 -3.27
C ASN A 68 -1.06 -9.34 -3.19
N VAL A 69 -0.39 -8.88 -2.13
CA VAL A 69 -0.17 -7.44 -1.92
C VAL A 69 0.71 -6.83 -3.02
N LEU A 70 1.69 -7.60 -3.52
CA LEU A 70 2.54 -7.12 -4.62
C LEU A 70 1.76 -6.99 -5.93
N ASN A 71 0.77 -7.86 -6.15
CA ASN A 71 -0.08 -7.78 -7.34
C ASN A 71 -1.00 -6.55 -7.30
N GLN A 72 -1.73 -6.40 -6.20
CA GLN A 72 -2.62 -5.24 -6.03
C GLN A 72 -1.80 -3.93 -6.00
N ALA A 73 -0.56 -4.00 -5.49
CA ALA A 73 0.36 -2.87 -5.53
C ALA A 73 0.73 -2.51 -6.98
N THR A 74 1.17 -3.53 -7.74
CA THR A 74 1.49 -3.35 -9.16
C THR A 74 0.32 -2.71 -9.93
N GLU A 75 -0.89 -3.19 -9.63
CA GLU A 75 -2.11 -2.62 -10.24
C GLU A 75 -2.24 -1.12 -9.96
N VAL A 76 -2.14 -0.73 -8.68
CA VAL A 76 -2.22 0.69 -8.30
C VAL A 76 -1.10 1.52 -8.94
N ILE A 77 0.10 0.95 -8.99
CA ILE A 77 1.24 1.59 -9.64
C ILE A 77 0.97 1.86 -11.13
N ASN A 78 0.56 0.83 -11.86
CA ASN A 78 0.22 0.97 -13.27
C ASN A 78 -0.97 1.91 -13.48
N PHE A 79 -1.96 1.82 -12.58
CA PHE A 79 -3.17 2.64 -12.64
C PHE A 79 -2.83 4.14 -12.49
N TRP A 80 -2.01 4.46 -11.50
CA TRP A 80 -1.56 5.83 -11.28
C TRP A 80 -0.78 6.36 -12.49
N GLN A 81 0.23 5.60 -12.93
CA GLN A 81 1.00 5.97 -14.12
C GLN A 81 0.10 6.14 -15.34
N ASP A 82 -0.90 5.26 -15.45
CA ASP A 82 -1.89 5.31 -16.53
C ASP A 82 -2.61 6.67 -16.54
N LEU A 83 -2.94 7.17 -15.36
CA LEU A 83 -3.54 8.49 -15.21
C LEU A 83 -2.54 9.60 -15.58
N LYS A 84 -1.26 9.35 -15.35
CA LYS A 84 -0.20 10.33 -15.64
C LYS A 84 0.01 10.51 -17.15
N ASN A 85 0.12 9.40 -17.89
CA ASN A 85 0.31 9.48 -19.36
C ASN A 85 -0.96 9.99 -20.07
N GLN A 86 -2.12 9.80 -19.43
CA GLN A 86 -3.38 10.33 -19.96
C GLN A 86 -3.73 11.70 -19.33
N ASN A 87 -2.88 12.18 -18.40
CA ASN A 87 -3.06 13.49 -17.76
C ASN A 87 -4.39 13.62 -16.99
N LYS A 88 -4.95 12.49 -16.58
CA LYS A 88 -6.25 12.47 -15.87
C LYS A 88 -6.12 12.97 -14.42
N GLN A 89 -5.47 12.17 -13.58
CA GLN A 89 -5.34 12.48 -12.13
C GLN A 89 -6.73 12.59 -11.48
N ILE A 90 -7.31 11.46 -11.08
CA ILE A 90 -8.66 11.43 -10.51
C ILE A 90 -8.66 11.50 -8.97
N SER A 91 -9.84 11.68 -8.38
CA SER A 91 -9.98 11.76 -6.92
C SER A 91 -9.83 10.38 -6.28
N MET A 92 -9.26 10.35 -5.07
CA MET A 92 -9.09 9.09 -4.32
C MET A 92 -10.41 8.30 -4.20
N ALA A 93 -11.53 9.02 -4.20
CA ALA A 93 -12.86 8.40 -4.14
C ALA A 93 -13.15 7.59 -5.41
N GLU A 94 -12.69 8.10 -6.55
CA GLU A 94 -12.87 7.40 -7.84
C GLU A 94 -11.96 6.16 -7.90
N ALA A 95 -10.75 6.29 -7.38
CA ALA A 95 -9.81 5.16 -7.29
C ALA A 95 -10.41 3.99 -6.51
N GLN A 96 -11.18 4.32 -5.47
CA GLN A 96 -11.89 3.31 -4.67
C GLN A 96 -12.92 2.52 -5.50
N GLY A 97 -13.24 3.03 -6.68
CA GLY A 97 -14.13 2.32 -7.60
C GLY A 97 -13.47 1.07 -8.19
N LYS A 98 -12.14 1.09 -8.29
CA LYS A 98 -11.38 -0.05 -8.83
C LYS A 98 -10.68 -0.82 -7.70
N PHE A 99 -10.18 -0.11 -6.69
CA PHE A 99 -9.43 -0.74 -5.58
C PHE A 99 -10.08 -0.47 -4.20
N PRO A 100 -11.31 -0.99 -3.95
CA PRO A 100 -12.01 -0.79 -2.67
C PRO A 100 -11.34 -1.55 -1.50
N GLU A 101 -10.56 -2.58 -1.84
CA GLU A 101 -9.85 -3.38 -0.82
C GLU A 101 -8.58 -2.67 -0.34
N VAL A 102 -8.05 -1.75 -1.17
CA VAL A 102 -6.82 -1.04 -0.83
C VAL A 102 -7.12 0.21 0.00
N VAL A 103 -6.35 0.42 1.07
CA VAL A 103 -6.57 1.56 1.97
C VAL A 103 -5.81 2.81 1.50
N PHE A 104 -6.53 3.75 0.91
CA PHE A 104 -5.92 5.02 0.46
C PHE A 104 -5.94 6.06 1.59
N SER A 105 -4.76 6.57 1.93
CA SER A 105 -4.62 7.58 2.99
C SER A 105 -4.62 8.99 2.40
N GLY A 106 -5.59 9.82 2.80
CA GLY A 106 -5.67 11.19 2.31
C GLY A 106 -5.74 12.23 3.44
N SER A 107 -6.46 13.32 3.18
CA SER A 107 -6.60 14.43 4.14
C SER A 107 -5.24 15.03 4.54
N ASN A 108 -4.73 15.94 3.71
CA ASN A 108 -3.47 16.64 4.00
C ASN A 108 -3.71 18.12 4.32
N LEU A 109 -4.95 18.56 4.15
CA LEU A 109 -5.31 19.98 4.31
C LEU A 109 -6.08 20.22 5.61
N GLU A 110 -6.08 21.46 6.11
CA GLU A 110 -6.81 21.80 7.33
C GLU A 110 -8.33 21.81 7.11
N HIS A 111 -8.92 20.62 7.03
CA HIS A 111 -10.37 20.46 6.92
C HIS A 111 -11.01 20.46 8.32
N HIS A 112 -10.17 20.64 9.34
CA HIS A 112 -10.59 20.63 10.74
C HIS A 112 -9.84 21.69 11.55
N HIS A 113 -10.45 22.20 12.60
CA HIS A 113 -9.80 23.20 13.46
C HIS A 113 -8.80 22.55 14.43
N HIS A 114 -7.53 22.90 14.28
CA HIS A 114 -6.48 22.39 15.17
C HIS A 114 -6.70 22.88 16.61
N HIS A 115 -7.24 24.10 16.75
CA HIS A 115 -7.72 24.58 18.05
C HIS A 115 -9.08 23.93 18.37
N HIS A 116 -9.04 22.62 18.66
CA HIS A 116 -10.27 21.87 18.97
C HIS A 116 -10.60 21.93 20.47
N MET A 1 -13.73 -23.04 16.99
CA MET A 1 -13.28 -22.15 15.88
C MET A 1 -12.45 -22.92 14.84
N ALA A 2 -11.58 -22.23 14.11
CA ALA A 2 -10.82 -22.83 13.00
C ALA A 2 -9.63 -23.67 13.51
N ALA A 3 -8.59 -23.00 14.00
CA ALA A 3 -7.36 -23.68 14.46
C ALA A 3 -6.43 -22.70 15.19
N SER A 4 -5.49 -23.24 15.95
CA SER A 4 -4.50 -22.42 16.69
C SER A 4 -3.40 -21.90 15.75
N THR A 5 -3.33 -22.45 14.55
CA THR A 5 -2.36 -22.01 13.54
C THR A 5 -2.58 -20.54 13.16
N VAL A 6 -1.63 -19.68 13.52
CA VAL A 6 -1.77 -18.24 13.26
C VAL A 6 -1.26 -17.85 11.86
N HIS A 7 -2.03 -17.00 11.18
CA HIS A 7 -1.65 -16.49 9.87
C HIS A 7 -1.89 -14.98 9.79
N THR A 8 -0.82 -14.21 9.67
CA THR A 8 -0.91 -12.75 9.57
C THR A 8 -1.37 -12.31 8.17
N SER A 9 -2.46 -11.54 8.13
CA SER A 9 -2.95 -10.97 6.85
C SER A 9 -2.32 -9.59 6.61
N PHE A 10 -2.48 -9.03 5.42
CA PHE A 10 -1.79 -7.78 5.06
C PHE A 10 -2.69 -6.82 4.26
N ILE A 11 -2.72 -5.56 4.69
CA ILE A 11 -3.50 -4.51 4.02
C ILE A 11 -2.59 -3.51 3.28
N LEU A 12 -3.03 -3.03 2.13
CA LEU A 12 -2.25 -2.04 1.36
C LEU A 12 -2.82 -0.62 1.51
N LYS A 13 -1.95 0.33 1.84
CA LYS A 13 -2.32 1.74 1.86
C LYS A 13 -1.53 2.52 0.79
N VAL A 14 -2.20 3.43 0.11
CA VAL A 14 -1.57 4.23 -0.95
C VAL A 14 -1.68 5.73 -0.65
N LEU A 15 -0.54 6.39 -0.50
CA LEU A 15 -0.50 7.83 -0.27
C LEU A 15 -0.53 8.56 -1.62
N TRP A 16 -1.71 9.06 -1.99
CA TRP A 16 -1.90 9.76 -3.27
C TRP A 16 -1.63 11.26 -3.13
N LEU A 17 -0.63 11.76 -3.85
CA LEU A 17 -0.21 13.17 -3.73
C LEU A 17 -0.51 14.00 -4.98
N ASP A 18 -0.15 15.27 -4.90
CA ASP A 18 -0.30 16.25 -5.99
C ASP A 18 0.22 15.72 -7.35
N GLN A 19 1.24 14.87 -7.31
CA GLN A 19 1.85 14.34 -8.54
C GLN A 19 2.31 12.89 -8.37
N ASN A 20 3.14 12.63 -7.37
CA ASN A 20 3.70 11.29 -7.14
C ASN A 20 2.83 10.45 -6.19
N VAL A 21 3.20 9.18 -6.00
CA VAL A 21 2.43 8.25 -5.17
C VAL A 21 3.34 7.38 -4.28
N ALA A 22 2.83 6.98 -3.12
CA ALA A 22 3.58 6.12 -2.20
C ALA A 22 2.76 4.91 -1.74
N ILE A 23 3.42 3.79 -1.47
CA ILE A 23 2.73 2.55 -1.05
C ILE A 23 3.30 2.01 0.29
N ALA A 24 2.42 1.45 1.12
CA ALA A 24 2.82 0.85 2.40
C ALA A 24 1.84 -0.28 2.82
N VAL A 25 2.33 -1.23 3.60
CA VAL A 25 1.51 -2.38 4.01
C VAL A 25 1.37 -2.49 5.55
N ASP A 26 0.21 -2.95 6.01
CA ASP A 26 -0.02 -3.19 7.44
C ASP A 26 -0.21 -4.69 7.73
N GLN A 27 0.35 -5.15 8.84
CA GLN A 27 0.21 -6.54 9.26
C GLN A 27 -1.00 -6.72 10.21
N ILE A 28 -1.99 -7.51 9.76
CA ILE A 28 -3.18 -7.80 10.57
C ILE A 28 -2.87 -8.83 11.67
N VAL A 29 -2.94 -8.40 12.91
CA VAL A 29 -2.63 -9.26 14.06
C VAL A 29 -3.90 -9.57 14.87
N GLY A 30 -3.90 -10.65 15.64
CA GLY A 30 -5.02 -10.97 16.53
C GLY A 30 -5.20 -9.92 17.62
N LYS A 31 -5.65 -8.73 17.22
CA LYS A 31 -5.71 -7.55 18.09
C LYS A 31 -6.13 -6.32 17.26
N GLY A 32 -5.67 -6.29 16.01
CA GLY A 32 -5.98 -5.17 15.11
C GLY A 32 -5.04 -5.14 13.90
N THR A 33 -4.47 -3.97 13.61
CA THR A 33 -3.53 -3.81 12.49
C THR A 33 -2.30 -3.00 12.91
N SER A 34 -1.12 -3.46 12.51
CA SER A 34 0.14 -2.78 12.84
C SER A 34 0.92 -2.40 11.58
N PRO A 35 1.42 -1.16 11.47
CA PRO A 35 2.20 -0.70 10.30
C PRO A 35 3.41 -1.61 10.01
N LEU A 36 3.32 -2.39 8.95
CA LEU A 36 4.40 -3.31 8.57
C LEU A 36 5.56 -2.57 7.90
N THR A 37 5.25 -1.86 6.81
CA THR A 37 6.25 -1.09 6.05
C THR A 37 5.89 0.39 5.98
N SER A 38 6.86 1.23 5.61
CA SER A 38 6.61 2.67 5.45
C SER A 38 6.22 3.02 4.00
N TYR A 39 5.75 4.25 3.79
CA TYR A 39 5.34 4.69 2.46
C TYR A 39 6.53 4.89 1.52
N PHE A 40 6.70 3.97 0.58
CA PHE A 40 7.76 4.07 -0.44
C PHE A 40 7.31 4.97 -1.61
N PHE A 41 7.95 6.13 -1.74
CA PHE A 41 7.58 7.12 -2.77
C PHE A 41 8.14 6.79 -4.16
N TRP A 42 7.25 6.68 -5.13
CA TRP A 42 7.60 6.42 -6.53
C TRP A 42 7.09 7.58 -7.43
N PRO A 43 7.85 7.97 -8.49
CA PRO A 43 9.11 7.33 -8.90
C PRO A 43 10.36 7.88 -8.20
N ARG A 44 10.18 8.52 -7.04
CA ARG A 44 11.32 9.01 -6.24
C ARG A 44 12.29 7.87 -5.89
N ALA A 45 11.75 6.70 -5.65
CA ALA A 45 12.54 5.50 -5.39
C ALA A 45 11.80 4.24 -5.86
N ASP A 46 12.50 3.12 -5.94
CA ASP A 46 11.88 1.86 -6.35
C ASP A 46 10.92 1.33 -5.27
N ALA A 47 9.68 1.84 -5.32
CA ALA A 47 8.66 1.50 -4.33
C ALA A 47 8.38 0.00 -4.27
N TRP A 48 8.10 -0.59 -5.43
CA TRP A 48 7.77 -2.03 -5.51
C TRP A 48 8.96 -2.91 -5.09
N GLN A 49 10.16 -2.54 -5.56
CA GLN A 49 11.39 -3.25 -5.22
C GLN A 49 11.65 -3.22 -3.70
N GLN A 50 11.46 -2.04 -3.09
CA GLN A 50 11.63 -1.92 -1.63
C GLN A 50 10.53 -2.68 -0.86
N LEU A 51 9.31 -2.65 -1.39
CA LEU A 51 8.19 -3.37 -0.78
C LEU A 51 8.45 -4.89 -0.75
N LYS A 52 8.75 -5.47 -1.91
CA LYS A 52 9.07 -6.91 -1.99
C LYS A 52 10.29 -7.24 -1.12
N ASP A 53 11.28 -6.34 -1.12
CA ASP A 53 12.49 -6.51 -0.30
C ASP A 53 12.15 -6.65 1.19
N GLU A 54 11.30 -5.74 1.69
CA GLU A 54 10.83 -5.82 3.08
C GLU A 54 10.14 -7.16 3.37
N LEU A 55 9.24 -7.56 2.47
CA LEU A 55 8.47 -8.80 2.61
C LEU A 55 9.37 -10.04 2.59
N GLU A 56 10.36 -10.04 1.70
CA GLU A 56 11.30 -11.16 1.59
C GLU A 56 12.35 -11.14 2.72
N ALA A 57 12.61 -9.96 3.27
CA ALA A 57 13.49 -9.82 4.43
C ALA A 57 12.82 -10.38 5.69
N LYS A 58 11.53 -10.09 5.83
CA LYS A 58 10.72 -10.64 6.92
C LYS A 58 10.24 -12.06 6.58
N HIS A 59 11.05 -13.06 6.94
CA HIS A 59 10.79 -14.46 6.53
C HIS A 59 9.54 -15.07 7.19
N TRP A 60 8.87 -14.31 8.06
CA TRP A 60 7.62 -14.79 8.68
C TRP A 60 6.39 -14.46 7.81
N ILE A 61 6.61 -13.74 6.71
CA ILE A 61 5.57 -13.49 5.72
C ILE A 61 5.37 -14.71 4.79
N ALA A 62 4.13 -15.03 4.45
CA ALA A 62 3.85 -16.09 3.48
C ALA A 62 3.93 -15.55 2.05
N GLU A 63 4.60 -16.28 1.17
CA GLU A 63 4.84 -15.80 -0.20
C GLU A 63 3.53 -15.45 -0.93
N ALA A 64 2.52 -16.31 -0.83
CA ALA A 64 1.21 -16.06 -1.43
C ALA A 64 0.67 -14.66 -1.03
N ASP A 65 0.76 -14.35 0.25
CA ASP A 65 0.32 -13.05 0.77
C ASP A 65 1.18 -11.89 0.22
N ARG A 66 2.51 -12.07 0.19
CA ARG A 66 3.40 -11.03 -0.31
C ARG A 66 3.12 -10.77 -1.81
N ILE A 67 2.85 -11.84 -2.55
CA ILE A 67 2.52 -11.73 -3.97
C ILE A 67 1.18 -11.01 -4.14
N ASN A 68 0.21 -11.32 -3.29
CA ASN A 68 -1.10 -10.67 -3.31
C ASN A 68 -0.97 -9.14 -3.19
N VAL A 69 -0.27 -8.67 -2.15
CA VAL A 69 -0.07 -7.22 -1.95
C VAL A 69 0.81 -6.60 -3.06
N LEU A 70 1.79 -7.37 -3.56
CA LEU A 70 2.64 -6.90 -4.66
C LEU A 70 1.85 -6.75 -5.98
N ASN A 71 0.89 -7.65 -6.21
CA ASN A 71 0.05 -7.59 -7.42
C ASN A 71 -0.83 -6.33 -7.41
N GLN A 72 -1.59 -6.14 -6.34
CA GLN A 72 -2.47 -4.97 -6.22
C GLN A 72 -1.66 -3.66 -6.21
N ALA A 73 -0.50 -3.68 -5.53
CA ALA A 73 0.41 -2.52 -5.53
C ALA A 73 0.85 -2.16 -6.96
N THR A 74 1.26 -3.17 -7.72
CA THR A 74 1.63 -2.98 -9.14
C THR A 74 0.47 -2.37 -9.94
N GLU A 75 -0.74 -2.87 -9.71
CA GLU A 75 -1.93 -2.34 -10.39
C GLU A 75 -2.17 -0.86 -10.04
N VAL A 76 -1.90 -0.49 -8.78
CA VAL A 76 -1.98 0.91 -8.35
C VAL A 76 -0.93 1.78 -9.08
N ILE A 77 0.30 1.27 -9.15
CA ILE A 77 1.39 1.97 -9.87
C ILE A 77 1.03 2.19 -11.35
N ASN A 78 0.59 1.13 -12.01
CA ASN A 78 0.18 1.21 -13.42
C ASN A 78 -1.05 2.12 -13.60
N PHE A 79 -1.97 2.07 -12.65
CA PHE A 79 -3.16 2.94 -12.67
C PHE A 79 -2.75 4.42 -12.58
N TRP A 80 -1.93 4.74 -11.58
CA TRP A 80 -1.36 6.08 -11.40
C TRP A 80 -0.64 6.56 -12.68
N GLN A 81 0.13 5.65 -13.29
CA GLN A 81 0.88 5.97 -14.50
C GLN A 81 -0.05 6.22 -15.69
N ASP A 82 -1.14 5.45 -15.78
CA ASP A 82 -2.16 5.65 -16.82
C ASP A 82 -2.78 7.05 -16.71
N LEU A 83 -3.16 7.43 -15.49
CA LEU A 83 -3.72 8.76 -15.23
C LEU A 83 -2.68 9.85 -15.52
N LYS A 84 -1.43 9.57 -15.18
CA LYS A 84 -0.31 10.48 -15.41
C LYS A 84 -0.16 10.82 -16.90
N ASN A 85 -0.23 9.79 -17.74
CA ASN A 85 -0.11 9.97 -19.20
C ASN A 85 -1.28 10.79 -19.78
N GLN A 86 -2.48 10.54 -19.26
CA GLN A 86 -3.71 11.13 -19.82
C GLN A 86 -4.24 12.30 -18.98
N ASN A 87 -3.54 12.65 -17.89
CA ASN A 87 -3.90 13.79 -17.04
C ASN A 87 -5.32 13.65 -16.46
N LYS A 88 -5.71 12.42 -16.15
CA LYS A 88 -7.03 12.13 -15.60
C LYS A 88 -7.16 12.56 -14.13
N GLN A 89 -7.71 13.76 -13.91
CA GLN A 89 -7.98 14.23 -12.54
C GLN A 89 -9.31 13.64 -12.03
N ILE A 90 -9.27 12.36 -11.63
CA ILE A 90 -10.48 11.66 -11.19
C ILE A 90 -10.76 11.84 -9.69
N SER A 91 -11.87 11.26 -9.25
CA SER A 91 -12.26 11.30 -7.83
C SER A 91 -11.63 10.13 -7.06
N MET A 92 -11.11 10.40 -5.87
CA MET A 92 -10.47 9.34 -5.05
C MET A 92 -11.47 8.19 -4.76
N ALA A 93 -12.76 8.49 -4.83
CA ALA A 93 -13.81 7.49 -4.71
C ALA A 93 -13.68 6.40 -5.80
N GLU A 94 -13.29 6.82 -7.01
CA GLU A 94 -13.05 5.88 -8.12
C GLU A 94 -11.91 4.91 -7.77
N ALA A 95 -10.81 5.45 -7.23
CA ALA A 95 -9.69 4.63 -6.78
C ALA A 95 -10.13 3.62 -5.71
N GLN A 96 -11.04 4.04 -4.84
CA GLN A 96 -11.61 3.16 -3.80
C GLN A 96 -12.51 2.07 -4.41
N GLY A 97 -13.25 2.43 -5.46
CA GLY A 97 -14.09 1.46 -6.16
C GLY A 97 -13.27 0.45 -6.95
N LYS A 98 -12.17 0.91 -7.52
CA LYS A 98 -11.25 0.05 -8.28
C LYS A 98 -10.46 -0.86 -7.32
N PHE A 99 -9.96 -0.27 -6.23
CA PHE A 99 -9.21 -1.02 -5.21
C PHE A 99 -9.96 -1.05 -3.87
N PRO A 100 -10.91 -1.99 -3.70
CA PRO A 100 -11.78 -2.04 -2.50
C PRO A 100 -11.05 -2.48 -1.21
N GLU A 101 -9.86 -3.05 -1.36
CA GLU A 101 -9.08 -3.52 -0.21
C GLU A 101 -7.88 -2.59 0.08
N VAL A 102 -7.81 -1.47 -0.63
CA VAL A 102 -6.69 -0.52 -0.48
C VAL A 102 -7.17 0.84 0.09
N VAL A 103 -6.44 1.33 1.10
CA VAL A 103 -6.78 2.59 1.75
C VAL A 103 -5.89 3.74 1.26
N PHE A 104 -6.49 4.76 0.63
CA PHE A 104 -5.75 5.93 0.14
C PHE A 104 -5.69 7.03 1.20
N SER A 105 -4.47 7.40 1.63
CA SER A 105 -4.28 8.41 2.69
C SER A 105 -4.08 9.82 2.13
N GLY A 106 -4.47 10.81 2.92
CA GLY A 106 -4.32 12.21 2.55
C GLY A 106 -3.56 13.03 3.58
N SER A 107 -4.26 13.95 4.25
CA SER A 107 -3.65 14.81 5.28
C SER A 107 -2.99 14.00 6.40
N ASN A 108 -3.79 13.31 7.20
CA ASN A 108 -3.27 12.48 8.30
C ASN A 108 -4.37 11.62 8.93
N LEU A 109 -3.99 10.44 9.44
CA LEU A 109 -4.94 9.50 10.04
C LEU A 109 -5.15 9.78 11.54
N GLU A 110 -6.41 9.74 11.97
CA GLU A 110 -6.78 10.03 13.36
C GLU A 110 -6.06 9.12 14.36
N HIS A 111 -5.25 9.71 15.23
CA HIS A 111 -4.57 8.98 16.30
C HIS A 111 -4.54 9.81 17.59
N HIS A 112 -5.18 9.30 18.65
CA HIS A 112 -5.29 10.02 19.92
C HIS A 112 -3.93 10.19 20.61
N HIS A 113 -2.97 9.33 20.27
CA HIS A 113 -1.61 9.43 20.82
C HIS A 113 -0.80 10.54 20.11
N HIS A 114 -1.36 11.75 20.09
CA HIS A 114 -0.73 12.90 19.44
C HIS A 114 0.33 13.53 20.36
N HIS A 115 1.45 12.81 20.53
CA HIS A 115 2.53 13.20 21.45
C HIS A 115 2.07 13.29 22.92
N HIS A 116 0.92 12.66 23.21
CA HIS A 116 0.38 12.63 24.58
C HIS A 116 0.59 11.24 25.22
N MET A 1 12.17 -26.20 4.77
CA MET A 1 11.08 -25.42 4.13
C MET A 1 9.70 -26.02 4.45
N ALA A 2 8.72 -25.16 4.71
CA ALA A 2 7.34 -25.59 5.00
C ALA A 2 6.32 -24.55 4.53
N ALA A 3 5.04 -24.87 4.65
CA ALA A 3 3.97 -23.93 4.25
C ALA A 3 4.00 -22.64 5.08
N SER A 4 4.15 -22.78 6.41
CA SER A 4 4.25 -21.63 7.32
C SER A 4 3.03 -20.67 7.20
N THR A 5 1.84 -21.24 6.99
CA THR A 5 0.62 -20.45 6.81
C THR A 5 0.47 -19.36 7.89
N VAL A 6 0.72 -18.11 7.50
CA VAL A 6 0.72 -16.98 8.44
C VAL A 6 -0.71 -16.60 8.90
N HIS A 7 -0.92 -16.60 10.22
CA HIS A 7 -2.19 -16.17 10.80
C HIS A 7 -2.22 -14.65 11.03
N THR A 8 -2.02 -13.91 9.94
CA THR A 8 -2.01 -12.45 9.97
C THR A 8 -2.38 -11.87 8.60
N SER A 9 -3.50 -11.17 8.53
CA SER A 9 -3.95 -10.56 7.28
C SER A 9 -3.15 -9.26 6.98
N PHE A 10 -3.07 -8.91 5.70
CA PHE A 10 -2.27 -7.75 5.28
C PHE A 10 -3.14 -6.69 4.59
N ILE A 11 -2.84 -5.42 4.87
CA ILE A 11 -3.57 -4.29 4.27
C ILE A 11 -2.61 -3.38 3.48
N LEU A 12 -3.07 -2.85 2.36
CA LEU A 12 -2.26 -1.94 1.55
C LEU A 12 -2.73 -0.49 1.72
N LYS A 13 -1.91 0.35 2.38
CA LYS A 13 -2.20 1.78 2.49
C LYS A 13 -1.42 2.60 1.45
N VAL A 14 -2.15 3.43 0.70
CA VAL A 14 -1.55 4.24 -0.36
C VAL A 14 -1.70 5.74 -0.10
N LEU A 15 -0.58 6.44 0.03
CA LEU A 15 -0.58 7.89 0.21
C LEU A 15 -0.58 8.59 -1.16
N TRP A 16 -1.68 9.25 -1.49
CA TRP A 16 -1.86 9.84 -2.82
C TRP A 16 -1.43 11.33 -2.83
N LEU A 17 -0.42 11.65 -3.63
CA LEU A 17 0.03 13.03 -3.82
C LEU A 17 -0.27 13.50 -5.25
N ASP A 18 -0.29 14.82 -5.45
CA ASP A 18 -0.53 15.39 -6.77
C ASP A 18 0.65 15.11 -7.73
N GLN A 19 1.86 15.07 -7.18
CA GLN A 19 3.08 14.85 -7.99
C GLN A 19 3.52 13.37 -7.97
N ASN A 20 3.25 12.67 -6.87
CA ASN A 20 3.74 11.28 -6.67
C ASN A 20 2.71 10.41 -5.93
N VAL A 21 3.05 9.15 -5.72
CA VAL A 21 2.23 8.24 -4.93
C VAL A 21 3.12 7.31 -4.08
N ALA A 22 2.63 6.96 -2.88
CA ALA A 22 3.39 6.11 -1.96
C ALA A 22 2.59 4.87 -1.55
N ILE A 23 3.27 3.73 -1.49
CA ILE A 23 2.63 2.46 -1.09
C ILE A 23 3.20 1.93 0.24
N ALA A 24 2.34 1.33 1.06
CA ALA A 24 2.74 0.73 2.34
C ALA A 24 1.85 -0.46 2.72
N VAL A 25 2.41 -1.42 3.44
CA VAL A 25 1.65 -2.59 3.90
C VAL A 25 1.60 -2.64 5.43
N ASP A 26 0.41 -2.89 5.97
CA ASP A 26 0.21 -3.01 7.41
C ASP A 26 -0.29 -4.42 7.77
N GLN A 27 0.14 -4.95 8.91
CA GLN A 27 -0.22 -6.30 9.34
C GLN A 27 -1.35 -6.27 10.39
N ILE A 28 -2.35 -7.14 10.21
CA ILE A 28 -3.44 -7.28 11.18
C ILE A 28 -3.09 -8.33 12.26
N VAL A 29 -2.66 -7.84 13.42
CA VAL A 29 -2.23 -8.69 14.52
C VAL A 29 -3.44 -9.13 15.38
N GLY A 30 -3.25 -10.17 16.20
CA GLY A 30 -4.33 -10.68 17.05
C GLY A 30 -4.87 -9.66 18.05
N LYS A 31 -4.20 -8.50 18.16
CA LYS A 31 -4.69 -7.41 19.02
C LYS A 31 -5.19 -6.22 18.17
N GLY A 32 -4.40 -5.78 17.20
CA GLY A 32 -4.80 -4.70 16.31
C GLY A 32 -3.93 -4.60 15.06
N THR A 33 -4.01 -3.48 14.36
CA THR A 33 -3.23 -3.27 13.13
C THR A 33 -1.93 -2.50 13.40
N SER A 34 -0.83 -2.98 12.84
CA SER A 34 0.48 -2.35 12.99
C SER A 34 1.22 -2.25 11.64
N PRO A 35 1.95 -1.14 11.38
CA PRO A 35 2.68 -0.96 10.13
C PRO A 35 3.74 -2.04 9.89
N LEU A 36 3.70 -2.66 8.70
CA LEU A 36 4.65 -3.70 8.31
C LEU A 36 5.80 -3.11 7.49
N THR A 37 5.47 -2.18 6.59
CA THR A 37 6.48 -1.47 5.77
C THR A 37 6.25 0.05 5.81
N SER A 38 7.19 0.80 5.25
CA SER A 38 7.09 2.27 5.17
C SER A 38 6.42 2.73 3.87
N TYR A 39 5.96 3.98 3.86
CA TYR A 39 5.39 4.58 2.65
C TYR A 39 6.51 4.94 1.65
N PHE A 40 6.63 4.15 0.59
CA PHE A 40 7.67 4.37 -0.43
C PHE A 40 7.15 5.25 -1.57
N PHE A 41 7.65 6.48 -1.65
CA PHE A 41 7.24 7.45 -2.68
C PHE A 41 8.01 7.25 -3.99
N TRP A 42 7.30 7.11 -5.11
CA TRP A 42 7.96 6.97 -6.42
C TRP A 42 7.50 8.06 -7.40
N PRO A 43 8.34 8.44 -8.39
CA PRO A 43 9.71 7.91 -8.57
C PRO A 43 10.77 8.60 -7.69
N ARG A 44 10.37 9.07 -6.51
CA ARG A 44 11.33 9.64 -5.54
C ARG A 44 12.22 8.54 -4.94
N ALA A 45 11.73 7.31 -4.97
CA ALA A 45 12.48 6.14 -4.55
C ALA A 45 11.92 4.88 -5.23
N ASP A 46 12.65 3.77 -5.16
CA ASP A 46 12.16 2.50 -5.72
C ASP A 46 11.05 1.91 -4.84
N ALA A 47 9.82 2.34 -5.10
CA ALA A 47 8.67 1.96 -4.27
C ALA A 47 8.44 0.43 -4.21
N TRP A 48 8.04 -0.15 -5.34
CA TRP A 48 7.69 -1.57 -5.40
C TRP A 48 8.92 -2.46 -5.10
N GLN A 49 10.10 -1.99 -5.52
CA GLN A 49 11.34 -2.72 -5.26
C GLN A 49 11.62 -2.85 -3.75
N GLN A 50 11.55 -1.72 -3.03
CA GLN A 50 11.76 -1.74 -1.58
C GLN A 50 10.64 -2.49 -0.86
N LEU A 51 9.41 -2.38 -1.37
CA LEU A 51 8.28 -3.12 -0.80
C LEU A 51 8.51 -4.63 -0.84
N LYS A 52 8.83 -5.15 -2.03
CA LYS A 52 9.10 -6.58 -2.18
C LYS A 52 10.35 -6.98 -1.41
N ASP A 53 11.36 -6.10 -1.39
CA ASP A 53 12.57 -6.31 -0.61
C ASP A 53 12.25 -6.54 0.89
N GLU A 54 11.38 -5.69 1.43
CA GLU A 54 10.92 -5.84 2.82
C GLU A 54 10.27 -7.22 3.04
N LEU A 55 9.41 -7.62 2.12
CA LEU A 55 8.70 -8.91 2.21
C LEU A 55 9.67 -10.10 2.06
N GLU A 56 10.77 -9.91 1.33
CA GLU A 56 11.81 -10.94 1.22
C GLU A 56 12.61 -11.04 2.53
N ALA A 57 12.79 -9.91 3.20
CA ALA A 57 13.49 -9.86 4.48
C ALA A 57 12.63 -10.44 5.62
N LYS A 58 11.32 -10.17 5.57
CA LYS A 58 10.38 -10.69 6.56
C LYS A 58 10.02 -12.15 6.22
N HIS A 59 10.80 -13.08 6.75
CA HIS A 59 10.72 -14.50 6.36
C HIS A 59 9.48 -15.23 6.91
N TRP A 60 8.65 -14.53 7.69
CA TRP A 60 7.39 -15.12 8.18
C TRP A 60 6.21 -14.78 7.26
N ILE A 61 6.50 -14.11 6.14
CA ILE A 61 5.51 -13.81 5.10
C ILE A 61 5.50 -14.92 4.04
N ALA A 62 4.30 -15.37 3.65
CA ALA A 62 4.18 -16.50 2.70
C ALA A 62 4.20 -16.03 1.24
N GLU A 63 4.20 -16.99 0.31
CA GLU A 63 4.22 -16.68 -1.12
C GLU A 63 2.90 -16.05 -1.59
N ALA A 64 1.78 -16.74 -1.33
CA ALA A 64 0.47 -16.31 -1.83
C ALA A 64 0.10 -14.88 -1.40
N ASP A 65 0.23 -14.58 -0.11
CA ASP A 65 -0.09 -13.25 0.41
C ASP A 65 0.89 -12.18 -0.07
N ARG A 66 2.19 -12.47 -0.01
CA ARG A 66 3.23 -11.56 -0.53
C ARG A 66 3.01 -11.21 -2.01
N ILE A 67 2.80 -12.21 -2.85
CA ILE A 67 2.52 -11.98 -4.27
C ILE A 67 1.21 -11.19 -4.45
N ASN A 68 0.21 -11.50 -3.63
CA ASN A 68 -1.07 -10.79 -3.67
C ASN A 68 -0.89 -9.27 -3.47
N VAL A 69 -0.31 -8.89 -2.34
CA VAL A 69 -0.11 -7.48 -2.01
C VAL A 69 0.82 -6.78 -3.00
N LEU A 70 1.77 -7.54 -3.56
CA LEU A 70 2.64 -7.02 -4.62
C LEU A 70 1.85 -6.74 -5.90
N ASN A 71 0.91 -7.63 -6.24
CA ASN A 71 0.07 -7.46 -7.43
C ASN A 71 -0.84 -6.23 -7.33
N GLN A 72 -1.60 -6.13 -6.24
CA GLN A 72 -2.50 -4.98 -6.05
C GLN A 72 -1.71 -3.67 -5.94
N ALA A 73 -0.54 -3.71 -5.28
CA ALA A 73 0.35 -2.55 -5.23
C ALA A 73 0.79 -2.16 -6.65
N THR A 74 1.18 -3.15 -7.44
CA THR A 74 1.54 -2.94 -8.85
C THR A 74 0.38 -2.32 -9.63
N GLU A 75 -0.84 -2.79 -9.37
CA GLU A 75 -2.03 -2.22 -10.02
C GLU A 75 -2.21 -0.74 -9.68
N VAL A 76 -2.03 -0.39 -8.40
CA VAL A 76 -2.11 1.01 -7.97
C VAL A 76 -1.04 1.87 -8.65
N ILE A 77 0.19 1.36 -8.70
CA ILE A 77 1.30 2.05 -9.40
C ILE A 77 0.98 2.25 -10.89
N ASN A 78 0.59 1.16 -11.56
CA ASN A 78 0.21 1.21 -12.96
C ASN A 78 -1.00 2.12 -13.18
N PHE A 79 -1.91 2.14 -12.21
CA PHE A 79 -3.10 3.01 -12.26
C PHE A 79 -2.70 4.48 -12.24
N TRP A 80 -1.83 4.85 -11.29
CA TRP A 80 -1.30 6.22 -11.20
C TRP A 80 -0.61 6.64 -12.52
N GLN A 81 0.27 5.77 -13.02
CA GLN A 81 0.97 6.01 -14.30
C GLN A 81 -0.04 6.09 -15.47
N ASP A 82 -1.06 5.22 -15.42
CA ASP A 82 -2.10 5.18 -16.45
C ASP A 82 -2.82 6.53 -16.56
N LEU A 83 -3.21 7.08 -15.40
CA LEU A 83 -3.85 8.38 -15.33
C LEU A 83 -2.88 9.49 -15.75
N LYS A 84 -1.63 9.40 -15.27
CA LYS A 84 -0.60 10.42 -15.56
C LYS A 84 -0.37 10.59 -17.08
N ASN A 85 -0.24 9.48 -17.79
CA ASN A 85 -0.01 9.52 -19.25
C ASN A 85 -1.24 10.05 -19.99
N GLN A 86 -2.43 9.61 -19.59
CA GLN A 86 -3.68 10.03 -20.25
C GLN A 86 -4.27 11.30 -19.64
N ASN A 87 -3.58 11.89 -18.66
CA ASN A 87 -4.01 13.14 -18.03
C ASN A 87 -5.36 13.01 -17.32
N LYS A 88 -5.78 11.77 -17.03
CA LYS A 88 -7.06 11.53 -16.34
C LYS A 88 -7.01 12.00 -14.89
N GLN A 89 -7.35 13.26 -14.67
CA GLN A 89 -7.35 13.84 -13.33
C GLN A 89 -8.63 13.47 -12.56
N ILE A 90 -8.82 12.16 -12.37
CA ILE A 90 -10.03 11.63 -11.73
C ILE A 90 -10.03 11.81 -10.21
N SER A 91 -11.10 11.37 -9.56
CA SER A 91 -11.27 11.53 -8.11
C SER A 91 -10.89 10.25 -7.34
N MET A 92 -10.71 10.41 -6.03
CA MET A 92 -10.40 9.28 -5.13
C MET A 92 -11.47 8.18 -5.21
N ALA A 93 -12.71 8.57 -5.49
CA ALA A 93 -13.83 7.62 -5.55
C ALA A 93 -13.57 6.46 -6.50
N GLU A 94 -13.18 6.76 -7.74
CA GLU A 94 -12.93 5.73 -8.74
C GLU A 94 -11.75 4.82 -8.36
N ALA A 95 -10.74 5.40 -7.70
CA ALA A 95 -9.62 4.61 -7.16
C ALA A 95 -10.13 3.59 -6.12
N GLN A 96 -11.00 4.06 -5.23
CA GLN A 96 -11.66 3.18 -4.24
C GLN A 96 -12.65 2.23 -4.89
N GLY A 97 -13.09 2.58 -6.10
CA GLY A 97 -13.97 1.70 -6.87
C GLY A 97 -13.27 0.44 -7.36
N LYS A 98 -12.05 0.60 -7.88
CA LYS A 98 -11.26 -0.55 -8.36
C LYS A 98 -10.54 -1.26 -7.19
N PHE A 99 -10.16 -0.50 -6.17
CA PHE A 99 -9.42 -1.05 -5.02
C PHE A 99 -10.20 -0.91 -3.71
N PRO A 100 -11.23 -1.76 -3.49
CA PRO A 100 -12.09 -1.67 -2.29
C PRO A 100 -11.36 -2.09 -1.00
N GLU A 101 -10.30 -2.88 -1.15
CA GLU A 101 -9.53 -3.38 0.01
C GLU A 101 -8.22 -2.60 0.21
N VAL A 102 -7.97 -1.59 -0.63
CA VAL A 102 -6.76 -0.77 -0.52
C VAL A 102 -7.08 0.59 0.10
N VAL A 103 -6.43 0.90 1.22
CA VAL A 103 -6.74 2.11 1.99
C VAL A 103 -5.91 3.32 1.50
N PHE A 104 -6.55 4.21 0.75
CA PHE A 104 -5.91 5.44 0.30
C PHE A 104 -6.01 6.54 1.37
N SER A 105 -5.05 7.47 1.37
CA SER A 105 -5.03 8.58 2.34
C SER A 105 -4.56 9.88 1.68
N GLY A 106 -4.90 11.01 2.31
CA GLY A 106 -4.54 12.32 1.75
C GLY A 106 -3.72 13.17 2.71
N SER A 107 -3.04 14.18 2.16
CA SER A 107 -2.10 15.01 2.94
C SER A 107 -2.75 16.27 3.52
N ASN A 108 -4.08 16.34 3.50
CA ASN A 108 -4.80 17.51 4.03
C ASN A 108 -5.21 17.29 5.50
N LEU A 109 -5.06 16.06 5.99
CA LEU A 109 -5.42 15.73 7.38
C LEU A 109 -4.38 16.28 8.37
N GLU A 110 -4.62 16.10 9.67
CA GLU A 110 -3.70 16.56 10.72
C GLU A 110 -2.30 15.94 10.52
N HIS A 111 -2.25 14.63 10.29
CA HIS A 111 -0.97 13.93 10.10
C HIS A 111 -0.27 14.40 8.81
N HIS A 112 0.61 15.40 8.95
CA HIS A 112 1.39 15.90 7.82
C HIS A 112 2.81 15.30 7.82
N HIS A 113 3.38 15.10 6.63
CA HIS A 113 4.73 14.53 6.51
C HIS A 113 5.80 15.48 7.07
N HIS A 114 6.82 14.93 7.71
CA HIS A 114 7.92 15.74 8.29
C HIS A 114 9.29 15.15 7.94
N HIS A 115 10.18 16.00 7.43
CA HIS A 115 11.57 15.58 7.12
C HIS A 115 12.50 15.84 8.32
N HIS A 116 12.26 16.95 9.02
CA HIS A 116 13.03 17.29 10.24
C HIS A 116 12.13 17.22 11.49
N MET A 1 -13.26 -24.43 14.56
CA MET A 1 -12.15 -25.42 14.57
C MET A 1 -11.11 -25.07 15.65
N ALA A 2 -10.51 -26.10 16.26
CA ALA A 2 -9.49 -25.92 17.29
C ALA A 2 -8.12 -25.61 16.67
N ALA A 3 -7.63 -24.39 16.89
CA ALA A 3 -6.34 -23.95 16.34
C ALA A 3 -5.66 -22.90 17.25
N SER A 4 -4.33 -22.91 17.27
CA SER A 4 -3.55 -21.96 18.07
C SER A 4 -3.22 -20.70 17.27
N THR A 5 -2.89 -20.88 15.99
CA THR A 5 -2.53 -19.78 15.09
C THR A 5 -3.60 -18.67 15.07
N VAL A 6 -3.23 -17.49 15.58
CA VAL A 6 -4.14 -16.33 15.61
C VAL A 6 -4.46 -15.84 14.19
N HIS A 7 -3.57 -16.13 13.24
CA HIS A 7 -3.77 -15.77 11.83
C HIS A 7 -3.63 -14.25 11.61
N THR A 8 -2.39 -13.79 11.45
CA THR A 8 -2.11 -12.36 11.19
C THR A 8 -2.22 -12.05 9.70
N SER A 9 -3.24 -11.28 9.33
CA SER A 9 -3.48 -10.93 7.91
C SER A 9 -2.70 -9.68 7.51
N PHE A 10 -2.83 -9.26 6.24
CA PHE A 10 -2.11 -8.07 5.73
C PHE A 10 -3.04 -7.11 4.97
N ILE A 11 -2.66 -5.83 4.95
CA ILE A 11 -3.43 -4.78 4.28
C ILE A 11 -2.51 -3.86 3.47
N LEU A 12 -2.99 -3.34 2.33
CA LEU A 12 -2.21 -2.41 1.52
C LEU A 12 -2.75 -0.97 1.64
N LYS A 13 -1.90 -0.04 2.07
CA LYS A 13 -2.27 1.38 2.12
C LYS A 13 -1.51 2.19 1.07
N VAL A 14 -2.21 3.16 0.47
CA VAL A 14 -1.60 4.05 -0.53
C VAL A 14 -1.89 5.53 -0.20
N LEU A 15 -0.85 6.27 0.12
CA LEU A 15 -0.97 7.71 0.40
C LEU A 15 -0.97 8.50 -0.92
N TRP A 16 -2.15 8.96 -1.32
CA TRP A 16 -2.32 9.68 -2.59
C TRP A 16 -1.92 11.16 -2.45
N LEU A 17 -0.72 11.49 -2.91
CA LEU A 17 -0.20 12.86 -2.81
C LEU A 17 -0.49 13.68 -4.08
N ASP A 18 -0.41 15.01 -3.95
CA ASP A 18 -0.68 15.93 -5.05
C ASP A 18 0.23 15.66 -6.27
N GLN A 19 1.50 15.35 -6.01
CA GLN A 19 2.48 15.12 -7.08
C GLN A 19 3.17 13.74 -6.98
N ASN A 20 2.78 12.93 -5.98
CA ASN A 20 3.43 11.64 -5.72
C ASN A 20 2.43 10.60 -5.21
N VAL A 21 2.91 9.39 -4.97
CA VAL A 21 2.09 8.28 -4.45
C VAL A 21 2.94 7.33 -3.60
N ALA A 22 2.63 7.26 -2.30
CA ALA A 22 3.40 6.42 -1.37
C ALA A 22 2.64 5.12 -1.03
N ILE A 23 3.33 3.98 -1.08
CA ILE A 23 2.72 2.69 -0.77
C ILE A 23 3.35 2.04 0.48
N ALA A 24 2.53 1.30 1.24
CA ALA A 24 2.99 0.59 2.44
C ALA A 24 2.02 -0.54 2.82
N VAL A 25 2.51 -1.52 3.59
CA VAL A 25 1.71 -2.66 4.02
C VAL A 25 1.54 -2.68 5.55
N ASP A 26 0.30 -2.89 6.00
CA ASP A 26 -0.01 -3.03 7.44
C ASP A 26 -0.38 -4.48 7.77
N GLN A 27 -0.11 -4.90 9.00
CA GLN A 27 -0.45 -6.25 9.45
C GLN A 27 -1.66 -6.25 10.42
N ILE A 28 -2.59 -7.17 10.20
CA ILE A 28 -3.74 -7.32 11.09
C ILE A 28 -3.39 -8.21 12.28
N VAL A 29 -3.06 -7.57 13.40
CA VAL A 29 -2.67 -8.26 14.63
C VAL A 29 -3.91 -8.74 15.42
N GLY A 30 -3.74 -9.77 16.25
CA GLY A 30 -4.84 -10.23 17.11
C GLY A 30 -5.46 -9.08 17.92
N LYS A 31 -4.65 -8.08 18.26
CA LYS A 31 -5.13 -6.87 18.92
C LYS A 31 -5.89 -5.95 17.95
N GLY A 32 -5.32 -5.75 16.75
CA GLY A 32 -5.93 -4.86 15.77
C GLY A 32 -5.13 -4.77 14.47
N THR A 33 -4.56 -3.59 14.20
CA THR A 33 -3.71 -3.39 13.01
C THR A 33 -2.45 -2.59 13.35
N SER A 34 -1.36 -2.88 12.65
CA SER A 34 -0.08 -2.17 12.88
C SER A 34 0.75 -2.08 11.59
N PRO A 35 1.31 -0.90 11.28
CA PRO A 35 2.16 -0.72 10.08
C PRO A 35 3.33 -1.72 10.02
N LEU A 36 3.45 -2.43 8.89
CA LEU A 36 4.51 -3.43 8.72
C LEU A 36 5.72 -2.86 7.95
N THR A 37 5.47 -2.15 6.85
CA THR A 37 6.55 -1.57 6.04
C THR A 37 6.48 -0.03 6.03
N SER A 38 7.59 0.61 5.65
CA SER A 38 7.63 2.08 5.53
C SER A 38 6.96 2.55 4.23
N TYR A 39 6.60 3.83 4.18
CA TYR A 39 5.92 4.42 3.01
C TYR A 39 6.93 4.77 1.90
N PHE A 40 6.91 4.02 0.80
CA PHE A 40 7.83 4.23 -0.32
C PHE A 40 7.21 5.17 -1.37
N PHE A 41 7.94 6.22 -1.74
CA PHE A 41 7.41 7.29 -2.60
C PHE A 41 7.66 7.07 -4.10
N TRP A 42 6.62 6.70 -4.83
CA TRP A 42 6.64 6.65 -6.30
C TRP A 42 6.17 8.02 -6.85
N PRO A 43 6.75 8.52 -7.96
CA PRO A 43 7.80 7.85 -8.74
C PRO A 43 9.23 8.34 -8.42
N ARG A 44 9.45 8.82 -7.20
CA ARG A 44 10.78 9.34 -6.82
C ARG A 44 11.72 8.23 -6.33
N ALA A 45 11.21 7.01 -6.19
CA ALA A 45 12.01 5.85 -5.80
C ALA A 45 11.43 4.54 -6.36
N ASP A 46 12.18 3.45 -6.26
CA ASP A 46 11.69 2.13 -6.66
C ASP A 46 10.75 1.56 -5.57
N ALA A 47 9.54 2.11 -5.53
CA ALA A 47 8.57 1.76 -4.49
C ALA A 47 8.28 0.25 -4.44
N TRP A 48 7.98 -0.33 -5.59
CA TRP A 48 7.63 -1.75 -5.68
C TRP A 48 8.80 -2.66 -5.26
N GLN A 49 9.99 -2.37 -5.80
CA GLN A 49 11.20 -3.13 -5.46
C GLN A 49 11.53 -3.05 -3.96
N GLN A 50 11.44 -1.84 -3.40
CA GLN A 50 11.70 -1.64 -1.97
C GLN A 50 10.62 -2.33 -1.11
N LEU A 51 9.38 -2.34 -1.59
CA LEU A 51 8.28 -2.98 -0.88
C LEU A 51 8.46 -4.51 -0.79
N LYS A 52 8.71 -5.14 -1.94
CA LYS A 52 8.91 -6.59 -1.98
C LYS A 52 10.16 -7.01 -1.20
N ASP A 53 11.21 -6.18 -1.25
CA ASP A 53 12.43 -6.42 -0.49
C ASP A 53 12.14 -6.57 1.02
N GLU A 54 11.30 -5.67 1.55
CA GLU A 54 10.86 -5.74 2.94
C GLU A 54 10.01 -7.00 3.21
N LEU A 55 8.98 -7.20 2.38
CA LEU A 55 8.05 -8.33 2.55
C LEU A 55 8.78 -9.69 2.49
N GLU A 56 9.80 -9.80 1.63
CA GLU A 56 10.62 -11.01 1.55
C GLU A 56 11.61 -11.10 2.71
N ALA A 57 12.15 -9.94 3.12
CA ALA A 57 13.06 -9.86 4.28
C ALA A 57 12.37 -10.35 5.55
N LYS A 58 11.07 -10.09 5.66
CA LYS A 58 10.27 -10.58 6.78
C LYS A 58 9.78 -12.00 6.48
N HIS A 59 10.62 -12.98 6.80
CA HIS A 59 10.41 -14.37 6.37
C HIS A 59 9.22 -15.05 7.07
N TRP A 60 8.54 -14.35 7.99
CA TRP A 60 7.31 -14.88 8.60
C TRP A 60 6.09 -14.60 7.71
N ILE A 61 6.31 -13.87 6.61
CA ILE A 61 5.29 -13.65 5.58
C ILE A 61 5.28 -14.81 4.57
N ALA A 62 4.10 -15.31 4.21
CA ALA A 62 3.98 -16.35 3.20
C ALA A 62 4.30 -15.79 1.80
N GLU A 63 5.04 -16.54 0.99
CA GLU A 63 5.43 -16.09 -0.36
C GLU A 63 4.19 -15.70 -1.19
N ALA A 64 3.23 -16.61 -1.28
CA ALA A 64 1.99 -16.35 -2.03
C ALA A 64 1.27 -15.11 -1.49
N ASP A 65 1.27 -14.94 -0.17
CA ASP A 65 0.61 -13.80 0.47
C ASP A 65 1.23 -12.46 0.02
N ARG A 66 2.56 -12.36 0.12
CA ARG A 66 3.26 -11.14 -0.29
C ARG A 66 3.14 -10.90 -1.80
N ILE A 67 3.17 -11.97 -2.59
CA ILE A 67 2.98 -11.85 -4.05
C ILE A 67 1.62 -11.22 -4.38
N ASN A 68 0.57 -11.67 -3.67
CA ASN A 68 -0.77 -11.10 -3.83
C ASN A 68 -0.77 -9.56 -3.68
N VAL A 69 -0.34 -9.10 -2.50
CA VAL A 69 -0.30 -7.66 -2.21
C VAL A 69 0.65 -6.90 -3.13
N LEU A 70 1.69 -7.59 -3.63
CA LEU A 70 2.61 -6.99 -4.60
C LEU A 70 1.93 -6.77 -5.97
N ASN A 71 1.09 -7.72 -6.39
CA ASN A 71 0.39 -7.60 -7.67
C ASN A 71 -0.59 -6.42 -7.67
N GLN A 72 -1.46 -6.37 -6.66
CA GLN A 72 -2.41 -5.27 -6.53
C GLN A 72 -1.68 -3.92 -6.36
N ALA A 73 -0.55 -3.94 -5.65
CA ALA A 73 0.31 -2.76 -5.54
C ALA A 73 0.82 -2.31 -6.92
N THR A 74 1.26 -3.29 -7.72
CA THR A 74 1.70 -3.01 -9.10
C THR A 74 0.60 -2.34 -9.90
N GLU A 75 -0.62 -2.85 -9.77
CA GLU A 75 -1.79 -2.31 -10.50
C GLU A 75 -2.12 -0.88 -10.04
N VAL A 76 -1.93 -0.59 -8.75
CA VAL A 76 -2.11 0.78 -8.24
C VAL A 76 -1.05 1.72 -8.86
N ILE A 77 0.22 1.29 -8.82
CA ILE A 77 1.31 2.05 -9.43
C ILE A 77 1.05 2.30 -10.93
N ASN A 78 0.54 1.26 -11.62
CA ASN A 78 0.16 1.38 -13.03
C ASN A 78 -1.07 2.30 -13.20
N PHE A 79 -1.97 2.26 -12.22
CA PHE A 79 -3.16 3.13 -12.23
C PHE A 79 -2.76 4.62 -12.13
N TRP A 80 -1.69 4.89 -11.38
CA TRP A 80 -1.17 6.25 -11.24
C TRP A 80 -0.59 6.76 -12.58
N GLN A 81 0.25 5.94 -13.22
CA GLN A 81 0.82 6.32 -14.52
C GLN A 81 -0.26 6.29 -15.63
N ASP A 82 -1.30 5.49 -15.40
CA ASP A 82 -2.47 5.46 -16.29
C ASP A 82 -3.05 6.87 -16.47
N LEU A 83 -3.17 7.58 -15.35
CA LEU A 83 -3.66 8.95 -15.34
C LEU A 83 -2.66 9.91 -16.02
N LYS A 84 -1.36 9.61 -15.86
CA LYS A 84 -0.30 10.46 -16.43
C LYS A 84 -0.34 10.50 -17.97
N ASN A 85 -0.45 9.34 -18.61
CA ASN A 85 -0.41 9.29 -20.09
C ASN A 85 -1.76 9.71 -20.71
N GLN A 86 -2.86 9.42 -20.03
CA GLN A 86 -4.20 9.80 -20.52
C GLN A 86 -4.62 11.19 -20.02
N ASN A 87 -3.82 11.80 -19.14
CA ASN A 87 -4.09 13.16 -18.63
C ASN A 87 -5.43 13.21 -17.87
N LYS A 88 -5.87 12.07 -17.32
CA LYS A 88 -7.17 11.97 -16.65
C LYS A 88 -7.34 12.95 -15.48
N GLN A 89 -6.39 12.92 -14.54
CA GLN A 89 -6.47 13.75 -13.32
C GLN A 89 -7.80 13.50 -12.57
N ILE A 90 -8.11 12.23 -12.34
CA ILE A 90 -9.36 11.84 -11.67
C ILE A 90 -9.25 11.92 -10.13
N SER A 91 -10.36 11.66 -9.45
CA SER A 91 -10.39 11.71 -7.98
C SER A 91 -9.96 10.38 -7.34
N MET A 92 -9.37 10.47 -6.14
CA MET A 92 -8.97 9.28 -5.39
C MET A 92 -10.17 8.36 -5.08
N ALA A 93 -11.37 8.95 -5.10
CA ALA A 93 -12.61 8.18 -4.91
C ALA A 93 -12.76 7.08 -5.99
N GLU A 94 -12.41 7.44 -7.22
CA GLU A 94 -12.45 6.49 -8.35
C GLU A 94 -11.40 5.37 -8.17
N ALA A 95 -10.28 5.70 -7.54
CA ALA A 95 -9.26 4.69 -7.19
C ALA A 95 -9.80 3.73 -6.12
N GLN A 96 -10.51 4.29 -5.14
CA GLN A 96 -11.18 3.49 -4.09
C GLN A 96 -12.23 2.54 -4.69
N GLY A 97 -12.93 3.03 -5.71
CA GLY A 97 -13.92 2.19 -6.41
C GLY A 97 -13.28 1.08 -7.24
N LYS A 98 -12.01 1.26 -7.62
CA LYS A 98 -11.27 0.26 -8.39
C LYS A 98 -10.59 -0.77 -7.45
N PHE A 99 -10.00 -0.28 -6.36
CA PHE A 99 -9.28 -1.14 -5.41
C PHE A 99 -9.95 -1.13 -4.02
N PRO A 100 -10.94 -2.02 -3.79
CA PRO A 100 -11.72 -2.04 -2.53
C PRO A 100 -10.91 -2.50 -1.30
N GLU A 101 -9.83 -3.25 -1.54
CA GLU A 101 -9.00 -3.76 -0.44
C GLU A 101 -7.75 -2.90 -0.19
N VAL A 102 -7.66 -1.75 -0.86
CA VAL A 102 -6.51 -0.85 -0.69
C VAL A 102 -6.94 0.47 -0.02
N VAL A 103 -6.31 0.81 1.10
CA VAL A 103 -6.66 2.01 1.87
C VAL A 103 -5.92 3.25 1.34
N PHE A 104 -6.63 4.09 0.60
CA PHE A 104 -6.06 5.36 0.10
C PHE A 104 -6.27 6.51 1.10
N SER A 105 -5.22 7.29 1.34
CA SER A 105 -5.29 8.43 2.26
C SER A 105 -4.64 9.68 1.64
N GLY A 106 -5.02 10.86 2.14
CA GLY A 106 -4.45 12.12 1.63
C GLY A 106 -3.86 12.98 2.75
N SER A 107 -4.47 14.14 2.98
CA SER A 107 -4.03 15.06 4.05
C SER A 107 -4.40 14.51 5.44
N ASN A 108 -3.65 14.92 6.47
CA ASN A 108 -3.85 14.38 7.83
C ASN A 108 -4.92 15.17 8.63
N LEU A 109 -4.63 15.43 9.92
CA LEU A 109 -5.63 15.95 10.86
C LEU A 109 -5.80 17.47 10.76
N GLU A 110 -7.00 17.95 11.13
CA GLU A 110 -7.35 19.38 11.06
C GLU A 110 -6.79 20.18 12.25
N HIS A 111 -5.64 19.76 12.78
CA HIS A 111 -5.07 20.39 13.98
C HIS A 111 -4.75 21.89 13.76
N HIS A 112 -4.66 22.31 12.49
CA HIS A 112 -4.46 23.71 12.14
C HIS A 112 -5.58 24.21 11.21
N HIS A 113 -6.77 23.62 11.34
CA HIS A 113 -7.94 24.01 10.55
C HIS A 113 -9.15 24.24 11.47
N HIS A 114 -9.54 23.21 12.22
CA HIS A 114 -10.59 23.35 13.23
C HIS A 114 -10.00 23.48 14.63
N HIS A 115 -10.06 24.68 15.18
CA HIS A 115 -9.55 24.96 16.53
C HIS A 115 -10.58 24.59 17.60
N HIS A 116 -10.16 23.80 18.58
CA HIS A 116 -11.05 23.35 19.66
C HIS A 116 -10.32 23.30 21.02
N MET A 1 -11.42 -20.55 21.17
CA MET A 1 -10.78 -20.71 22.51
C MET A 1 -9.32 -21.17 22.39
N ALA A 2 -9.11 -22.35 21.80
CA ALA A 2 -7.77 -22.94 21.67
C ALA A 2 -6.77 -21.99 20.98
N ALA A 3 -5.48 -22.20 21.25
CA ALA A 3 -4.43 -21.34 20.71
C ALA A 3 -4.23 -21.58 19.20
N SER A 4 -5.13 -21.03 18.40
CA SER A 4 -5.04 -21.12 16.94
C SER A 4 -4.08 -20.07 16.37
N THR A 5 -3.06 -20.51 15.66
CA THR A 5 -2.08 -19.59 15.05
C THR A 5 -2.78 -18.55 14.14
N VAL A 6 -2.95 -17.34 14.66
CA VAL A 6 -3.63 -16.27 13.94
C VAL A 6 -2.98 -16.01 12.57
N HIS A 7 -3.76 -16.18 11.51
CA HIS A 7 -3.28 -15.92 10.16
C HIS A 7 -3.16 -14.41 9.92
N THR A 8 -2.01 -13.86 10.29
CA THR A 8 -1.78 -12.41 10.16
C THR A 8 -1.83 -11.96 8.69
N SER A 9 -2.99 -11.50 8.26
CA SER A 9 -3.19 -10.98 6.89
C SER A 9 -2.50 -9.62 6.71
N PHE A 10 -2.41 -9.17 5.47
CA PHE A 10 -1.68 -7.95 5.14
C PHE A 10 -2.58 -6.93 4.42
N ILE A 11 -2.58 -5.69 4.89
CA ILE A 11 -3.44 -4.64 4.35
C ILE A 11 -2.62 -3.61 3.56
N LEU A 12 -2.98 -3.40 2.29
CA LEU A 12 -2.27 -2.46 1.43
C LEU A 12 -2.80 -1.01 1.62
N LYS A 13 -1.89 -0.08 1.84
CA LYS A 13 -2.23 1.34 1.92
C LYS A 13 -1.56 2.14 0.80
N VAL A 14 -2.24 3.18 0.33
CA VAL A 14 -1.71 4.05 -0.72
C VAL A 14 -1.90 5.54 -0.36
N LEU A 15 -0.79 6.25 -0.13
CA LEU A 15 -0.84 7.69 0.11
C LEU A 15 -0.95 8.42 -1.23
N TRP A 16 -2.15 8.88 -1.55
CA TRP A 16 -2.46 9.39 -2.88
C TRP A 16 -2.20 10.91 -3.00
N LEU A 17 -1.21 11.29 -3.79
CA LEU A 17 -0.92 12.70 -4.06
C LEU A 17 -1.05 13.00 -5.57
N ASP A 18 -0.77 14.23 -5.97
CA ASP A 18 -0.84 14.63 -7.37
C ASP A 18 0.44 14.25 -8.12
N GLN A 19 1.58 14.71 -7.60
CA GLN A 19 2.88 14.47 -8.23
C GLN A 19 3.55 13.19 -7.70
N ASN A 20 3.06 12.67 -6.58
CA ASN A 20 3.64 11.47 -5.96
C ASN A 20 2.55 10.48 -5.52
N VAL A 21 2.95 9.23 -5.31
CA VAL A 21 2.07 8.19 -4.78
C VAL A 21 2.87 7.16 -3.98
N ALA A 22 2.52 7.00 -2.70
CA ALA A 22 3.28 6.12 -1.80
C ALA A 22 2.49 4.86 -1.40
N ILE A 23 3.18 3.72 -1.35
CA ILE A 23 2.55 2.45 -0.98
C ILE A 23 3.13 1.89 0.34
N ALA A 24 2.27 1.24 1.13
CA ALA A 24 2.68 0.65 2.42
C ALA A 24 1.80 -0.55 2.79
N VAL A 25 2.22 -1.34 3.78
CA VAL A 25 1.45 -2.53 4.21
C VAL A 25 1.32 -2.60 5.75
N ASP A 26 0.17 -3.10 6.22
CA ASP A 26 -0.05 -3.34 7.65
C ASP A 26 -0.21 -4.85 7.94
N GLN A 27 0.17 -5.26 9.14
CA GLN A 27 0.00 -6.66 9.57
C GLN A 27 -1.17 -6.78 10.56
N ILE A 28 -2.11 -7.68 10.28
CA ILE A 28 -3.25 -7.91 11.18
C ILE A 28 -2.84 -8.82 12.36
N VAL A 29 -2.59 -8.21 13.49
CA VAL A 29 -2.10 -8.92 14.68
C VAL A 29 -3.24 -9.60 15.45
N GLY A 30 -2.91 -10.58 16.27
CA GLY A 30 -3.93 -11.33 17.03
C GLY A 30 -4.87 -10.46 17.86
N LYS A 31 -4.46 -9.22 18.17
CA LYS A 31 -5.29 -8.31 18.97
C LYS A 31 -5.70 -7.06 18.17
N GLY A 32 -5.34 -7.00 16.90
CA GLY A 32 -5.67 -5.84 16.07
C GLY A 32 -4.80 -5.71 14.82
N THR A 33 -4.25 -4.52 14.58
CA THR A 33 -3.39 -4.27 13.41
C THR A 33 -2.11 -3.53 13.82
N SER A 34 -1.09 -3.58 12.97
CA SER A 34 0.18 -2.88 13.23
C SER A 34 0.88 -2.51 11.91
N PRO A 35 1.54 -1.34 11.85
CA PRO A 35 2.28 -0.90 10.66
C PRO A 35 3.43 -1.86 10.31
N LEU A 36 3.33 -2.55 9.17
CA LEU A 36 4.35 -3.51 8.74
C LEU A 36 5.50 -2.80 8.00
N THR A 37 5.15 -2.03 6.97
CA THR A 37 6.15 -1.30 6.16
C THR A 37 5.82 0.20 6.10
N SER A 38 6.81 1.01 5.71
CA SER A 38 6.63 2.46 5.57
C SER A 38 6.11 2.83 4.17
N TYR A 39 5.91 4.13 3.95
CA TYR A 39 5.39 4.62 2.66
C TYR A 39 6.52 4.80 1.63
N PHE A 40 6.51 3.97 0.59
CA PHE A 40 7.49 4.07 -0.49
C PHE A 40 6.96 4.98 -1.63
N PHE A 41 7.61 6.13 -1.81
CA PHE A 41 7.12 7.16 -2.75
C PHE A 41 7.53 6.91 -4.21
N TRP A 42 6.56 6.49 -5.03
CA TRP A 42 6.71 6.40 -6.49
C TRP A 42 6.26 7.73 -7.14
N PRO A 43 6.96 8.21 -8.21
CA PRO A 43 8.14 7.57 -8.80
C PRO A 43 9.48 8.13 -8.28
N ARG A 44 9.50 8.60 -7.03
CA ARG A 44 10.73 9.14 -6.44
C ARG A 44 11.76 8.03 -6.19
N ALA A 45 11.26 6.79 -6.07
CA ALA A 45 12.12 5.62 -5.87
C ALA A 45 11.43 4.36 -6.41
N ASP A 46 12.19 3.27 -6.55
CA ASP A 46 11.62 1.97 -6.93
C ASP A 46 10.73 1.42 -5.80
N ALA A 47 9.53 1.98 -5.67
CA ALA A 47 8.60 1.66 -4.59
C ALA A 47 8.31 0.17 -4.49
N TRP A 48 7.92 -0.45 -5.61
CA TRP A 48 7.58 -1.88 -5.64
C TRP A 48 8.78 -2.74 -5.22
N GLN A 49 9.96 -2.40 -5.71
CA GLN A 49 11.18 -3.11 -5.35
C GLN A 49 11.47 -2.99 -3.85
N GLN A 50 11.35 -1.79 -3.31
CA GLN A 50 11.57 -1.54 -1.88
C GLN A 50 10.51 -2.28 -1.03
N LEU A 51 9.30 -2.39 -1.56
CA LEU A 51 8.21 -3.10 -0.88
C LEU A 51 8.50 -4.60 -0.78
N LYS A 52 8.81 -5.24 -1.91
CA LYS A 52 9.12 -6.67 -1.92
C LYS A 52 10.37 -6.97 -1.08
N ASP A 53 11.32 -6.04 -1.07
CA ASP A 53 12.53 -6.16 -0.24
C ASP A 53 12.17 -6.37 1.25
N GLU A 54 11.22 -5.59 1.74
CA GLU A 54 10.68 -5.76 3.10
C GLU A 54 10.03 -7.14 3.27
N LEU A 55 9.11 -7.46 2.36
CA LEU A 55 8.35 -8.71 2.42
C LEU A 55 9.25 -9.95 2.27
N GLU A 56 10.40 -9.79 1.60
CA GLU A 56 11.40 -10.86 1.47
C GLU A 56 12.21 -11.04 2.77
N ALA A 57 12.63 -9.92 3.37
CA ALA A 57 13.43 -9.94 4.59
C ALA A 57 12.65 -10.52 5.79
N LYS A 58 11.39 -10.10 5.92
CA LYS A 58 10.53 -10.58 7.01
C LYS A 58 10.13 -12.06 6.76
N HIS A 59 10.85 -12.98 7.41
CA HIS A 59 10.75 -14.41 7.09
C HIS A 59 9.44 -15.06 7.56
N TRP A 60 8.71 -14.40 8.47
CA TRP A 60 7.44 -14.95 8.96
C TRP A 60 6.28 -14.70 7.97
N ILE A 61 6.57 -13.96 6.89
CA ILE A 61 5.58 -13.69 5.83
C ILE A 61 5.45 -14.88 4.86
N ALA A 62 4.23 -15.15 4.41
CA ALA A 62 3.97 -16.22 3.44
C ALA A 62 4.16 -15.71 2.00
N GLU A 63 4.71 -16.57 1.13
CA GLU A 63 4.99 -16.19 -0.27
C GLU A 63 3.75 -15.65 -0.98
N ALA A 64 2.71 -16.48 -1.09
CA ALA A 64 1.47 -16.10 -1.78
C ALA A 64 0.90 -14.76 -1.25
N ASP A 65 0.94 -14.58 0.06
CA ASP A 65 0.44 -13.36 0.69
C ASP A 65 1.20 -12.10 0.22
N ARG A 66 2.52 -12.14 0.22
CA ARG A 66 3.31 -10.98 -0.20
C ARG A 66 3.24 -10.79 -1.72
N ILE A 67 3.16 -11.88 -2.48
CA ILE A 67 2.97 -11.81 -3.93
C ILE A 67 1.63 -11.14 -4.27
N ASN A 68 0.59 -11.51 -3.52
CA ASN A 68 -0.75 -10.91 -3.68
C ASN A 68 -0.68 -9.37 -3.59
N VAL A 69 -0.21 -8.87 -2.44
CA VAL A 69 -0.14 -7.42 -2.21
C VAL A 69 0.81 -6.72 -3.21
N LEU A 70 1.85 -7.43 -3.66
CA LEU A 70 2.76 -6.90 -4.69
C LEU A 70 2.02 -6.71 -6.04
N ASN A 71 1.21 -7.69 -6.42
CA ASN A 71 0.46 -7.63 -7.68
C ASN A 71 -0.55 -6.48 -7.70
N GLN A 72 -1.41 -6.42 -6.68
CA GLN A 72 -2.40 -5.35 -6.58
C GLN A 72 -1.73 -3.97 -6.44
N ALA A 73 -0.60 -3.91 -5.74
CA ALA A 73 0.21 -2.69 -5.64
C ALA A 73 0.72 -2.26 -7.02
N THR A 74 1.17 -3.24 -7.82
CA THR A 74 1.61 -2.98 -9.20
C THR A 74 0.47 -2.34 -10.01
N GLU A 75 -0.73 -2.88 -9.87
CA GLU A 75 -1.91 -2.32 -10.55
C GLU A 75 -2.17 -0.86 -10.14
N VAL A 76 -1.96 -0.55 -8.86
CA VAL A 76 -2.10 0.83 -8.36
C VAL A 76 -1.05 1.75 -9.02
N ILE A 77 0.20 1.28 -9.09
CA ILE A 77 1.28 2.02 -9.74
C ILE A 77 0.96 2.27 -11.23
N ASN A 78 0.53 1.21 -11.92
CA ASN A 78 0.14 1.33 -13.34
C ASN A 78 -1.08 2.23 -13.51
N PHE A 79 -1.99 2.20 -12.54
CA PHE A 79 -3.18 3.06 -12.55
C PHE A 79 -2.77 4.54 -12.51
N TRP A 80 -1.92 4.90 -11.56
CA TRP A 80 -1.40 6.27 -11.44
C TRP A 80 -0.65 6.68 -12.73
N GLN A 81 0.18 5.76 -13.24
CA GLN A 81 0.88 5.98 -14.52
C GLN A 81 -0.12 6.17 -15.67
N ASP A 82 -1.22 5.43 -15.63
CA ASP A 82 -2.30 5.52 -16.63
C ASP A 82 -2.90 6.93 -16.65
N LEU A 83 -3.15 7.48 -15.46
CA LEU A 83 -3.73 8.81 -15.33
C LEU A 83 -2.82 9.89 -15.91
N LYS A 84 -1.50 9.71 -15.74
CA LYS A 84 -0.51 10.69 -16.20
C LYS A 84 -0.56 10.91 -17.73
N ASN A 85 -0.56 9.81 -18.49
CA ASN A 85 -0.52 9.92 -19.97
C ASN A 85 -1.87 10.35 -20.55
N GLN A 86 -2.96 10.08 -19.82
CA GLN A 86 -4.29 10.52 -20.24
C GLN A 86 -4.73 11.82 -19.54
N ASN A 87 -3.88 12.32 -18.63
CA ASN A 87 -4.18 13.54 -17.87
C ASN A 87 -5.47 13.41 -17.03
N LYS A 88 -5.78 12.18 -16.61
CA LYS A 88 -6.96 11.93 -15.77
C LYS A 88 -6.82 12.59 -14.38
N GLN A 89 -7.17 13.86 -14.28
CA GLN A 89 -7.14 14.55 -13.00
C GLN A 89 -8.35 14.15 -12.15
N ILE A 90 -8.32 12.92 -11.62
CA ILE A 90 -9.42 12.38 -10.81
C ILE A 90 -9.09 12.40 -9.31
N SER A 91 -10.13 12.34 -8.48
CA SER A 91 -9.96 12.32 -7.02
C SER A 91 -9.76 10.89 -6.50
N MET A 92 -9.20 10.78 -5.28
CA MET A 92 -8.91 9.48 -4.66
C MET A 92 -10.12 8.52 -4.64
N ALA A 93 -11.33 9.07 -4.62
CA ALA A 93 -12.56 8.27 -4.58
C ALA A 93 -12.62 7.26 -5.74
N GLU A 94 -12.40 7.74 -6.96
CA GLU A 94 -12.41 6.88 -8.15
C GLU A 94 -11.31 5.82 -8.10
N ALA A 95 -10.16 6.17 -7.52
CA ALA A 95 -9.07 5.22 -7.33
C ALA A 95 -9.52 4.05 -6.43
N GLN A 96 -10.28 4.38 -5.38
CA GLN A 96 -10.86 3.36 -4.48
C GLN A 96 -11.99 2.57 -5.17
N GLY A 97 -12.50 3.12 -6.28
CA GLY A 97 -13.50 2.40 -7.07
C GLY A 97 -12.91 1.22 -7.81
N LYS A 98 -11.64 1.33 -8.20
CA LYS A 98 -10.93 0.23 -8.88
C LYS A 98 -10.27 -0.70 -7.85
N PHE A 99 -9.89 -0.14 -6.69
CA PHE A 99 -9.28 -0.93 -5.60
C PHE A 99 -10.04 -0.74 -4.27
N PRO A 100 -11.22 -1.38 -4.12
CA PRO A 100 -12.09 -1.18 -2.95
C PRO A 100 -11.51 -1.78 -1.64
N GLU A 101 -10.56 -2.72 -1.78
CA GLU A 101 -9.96 -3.38 -0.62
C GLU A 101 -8.69 -2.65 -0.13
N VAL A 102 -8.19 -1.70 -0.93
CA VAL A 102 -6.96 -0.98 -0.60
C VAL A 102 -7.26 0.32 0.17
N VAL A 103 -6.51 0.55 1.25
CA VAL A 103 -6.73 1.73 2.11
C VAL A 103 -5.91 2.94 1.62
N PHE A 104 -6.57 3.90 0.99
CA PHE A 104 -5.90 5.11 0.51
C PHE A 104 -5.84 6.19 1.59
N SER A 105 -4.93 7.15 1.41
CA SER A 105 -4.77 8.27 2.35
C SER A 105 -4.61 9.59 1.59
N GLY A 106 -5.50 10.55 1.86
CA GLY A 106 -5.44 11.85 1.21
C GLY A 106 -5.43 13.03 2.18
N SER A 107 -4.25 13.44 2.61
CA SER A 107 -4.10 14.58 3.54
C SER A 107 -2.65 15.06 3.61
N ASN A 108 -2.42 16.14 4.36
CA ASN A 108 -1.08 16.70 4.52
C ASN A 108 -0.41 16.18 5.81
N LEU A 109 0.92 16.20 5.82
CA LEU A 109 1.69 15.74 6.99
C LEU A 109 2.02 16.92 7.94
N GLU A 110 2.33 16.60 9.20
CA GLU A 110 2.63 17.64 10.20
C GLU A 110 4.04 18.23 10.01
N HIS A 111 5.05 17.37 10.05
CA HIS A 111 6.45 17.82 9.95
C HIS A 111 6.98 17.68 8.51
N HIS A 112 6.96 18.78 7.77
CA HIS A 112 7.48 18.81 6.39
C HIS A 112 9.00 18.57 6.36
N HIS A 113 9.43 17.66 5.49
CA HIS A 113 10.86 17.29 5.41
C HIS A 113 11.62 18.19 4.41
N HIS A 114 12.92 18.36 4.66
CA HIS A 114 13.77 19.20 3.80
C HIS A 114 14.89 18.36 3.16
N HIS A 115 14.76 18.08 1.86
CA HIS A 115 15.69 17.20 1.15
C HIS A 115 17.12 17.79 1.09
N HIS A 116 17.27 18.96 0.48
CA HIS A 116 18.59 19.57 0.30
C HIS A 116 18.77 20.84 1.17
N MET A 1 -11.26 -25.94 21.28
CA MET A 1 -10.21 -24.88 21.14
C MET A 1 -8.80 -25.49 21.12
N ALA A 2 -8.06 -25.22 20.06
CA ALA A 2 -6.66 -25.64 19.95
C ALA A 2 -5.93 -24.80 18.89
N ALA A 3 -5.25 -23.74 19.31
CA ALA A 3 -4.59 -22.81 18.40
C ALA A 3 -3.29 -23.40 17.80
N SER A 4 -3.19 -23.33 16.47
CA SER A 4 -1.97 -23.76 15.76
C SER A 4 -1.36 -22.59 14.97
N THR A 5 -2.22 -21.80 14.32
CA THR A 5 -1.77 -20.62 13.57
C THR A 5 -2.80 -19.47 13.66
N VAL A 6 -2.37 -18.30 14.11
CA VAL A 6 -3.26 -17.14 14.28
C VAL A 6 -3.64 -16.51 12.93
N HIS A 7 -2.79 -16.71 11.91
CA HIS A 7 -3.02 -16.17 10.56
C HIS A 7 -2.97 -14.62 10.56
N THR A 8 -1.80 -14.08 10.22
CA THR A 8 -1.61 -12.62 10.11
C THR A 8 -1.63 -12.19 8.63
N SER A 9 -2.75 -11.61 8.19
CA SER A 9 -2.87 -11.15 6.80
C SER A 9 -2.23 -9.77 6.60
N PHE A 10 -2.24 -9.27 5.37
CA PHE A 10 -1.56 -8.01 5.06
C PHE A 10 -2.45 -7.10 4.19
N ILE A 11 -2.40 -5.79 4.48
CA ILE A 11 -3.20 -4.79 3.75
C ILE A 11 -2.28 -3.77 3.06
N LEU A 12 -2.68 -3.29 1.89
CA LEU A 12 -1.91 -2.28 1.16
C LEU A 12 -2.55 -0.88 1.28
N LYS A 13 -1.78 0.08 1.81
CA LYS A 13 -2.23 1.49 1.83
C LYS A 13 -1.49 2.31 0.76
N VAL A 14 -2.24 3.14 0.05
CA VAL A 14 -1.67 4.00 -0.99
C VAL A 14 -1.95 5.49 -0.68
N LEU A 15 -0.90 6.23 -0.32
CA LEU A 15 -1.01 7.64 -0.01
C LEU A 15 -0.99 8.48 -1.30
N TRP A 16 -2.08 9.21 -1.56
CA TRP A 16 -2.21 10.00 -2.78
C TRP A 16 -1.70 11.45 -2.58
N LEU A 17 -0.71 11.86 -3.37
CA LEU A 17 -0.14 13.21 -3.25
C LEU A 17 -0.45 14.07 -4.50
N ASP A 18 0.04 15.30 -4.50
CA ASP A 18 -0.19 16.26 -5.59
C ASP A 18 0.29 15.71 -6.94
N GLN A 19 1.58 15.43 -7.05
CA GLN A 19 2.18 14.93 -8.30
C GLN A 19 2.84 13.55 -8.10
N ASN A 20 2.71 12.99 -6.91
CA ASN A 20 3.34 11.71 -6.56
C ASN A 20 2.38 10.77 -5.82
N VAL A 21 2.86 9.56 -5.53
CA VAL A 21 2.08 8.57 -4.78
C VAL A 21 3.00 7.69 -3.93
N ALA A 22 2.54 7.26 -2.76
CA ALA A 22 3.35 6.44 -1.85
C ALA A 22 2.62 5.16 -1.42
N ILE A 23 3.35 4.04 -1.31
CA ILE A 23 2.74 2.76 -0.92
C ILE A 23 3.38 2.19 0.36
N ALA A 24 2.58 1.47 1.15
CA ALA A 24 3.05 0.81 2.38
C ALA A 24 2.11 -0.34 2.77
N VAL A 25 2.67 -1.41 3.34
CA VAL A 25 1.87 -2.58 3.74
C VAL A 25 1.73 -2.67 5.27
N ASP A 26 0.53 -3.02 5.72
CA ASP A 26 0.24 -3.18 7.15
C ASP A 26 -0.11 -4.65 7.45
N GLN A 27 0.05 -5.05 8.71
CA GLN A 27 -0.24 -6.43 9.13
C GLN A 27 -1.50 -6.48 10.01
N ILE A 28 -2.35 -7.48 9.78
CA ILE A 28 -3.56 -7.67 10.59
C ILE A 28 -3.28 -8.54 11.83
N VAL A 29 -3.34 -7.91 13.00
CA VAL A 29 -3.07 -8.59 14.28
C VAL A 29 -4.38 -8.82 15.07
N GLY A 30 -4.35 -9.72 16.06
CA GLY A 30 -5.50 -9.94 16.93
C GLY A 30 -5.81 -8.74 17.82
N LYS A 31 -6.23 -7.64 17.20
CA LYS A 31 -6.46 -6.36 17.87
C LYS A 31 -6.81 -5.28 16.83
N GLY A 32 -6.06 -5.26 15.73
CA GLY A 32 -6.24 -4.28 14.67
C GLY A 32 -5.19 -4.39 13.58
N THR A 33 -4.69 -3.26 13.10
CA THR A 33 -3.65 -3.24 12.06
C THR A 33 -2.41 -2.45 12.52
N SER A 34 -1.24 -2.88 12.05
CA SER A 34 0.03 -2.21 12.40
C SER A 34 0.92 -2.03 11.16
N PRO A 35 1.48 -0.82 10.95
CA PRO A 35 2.35 -0.53 9.80
C PRO A 35 3.55 -1.48 9.70
N LEU A 36 3.55 -2.33 8.67
CA LEU A 36 4.60 -3.34 8.49
C LEU A 36 5.82 -2.76 7.74
N THR A 37 5.55 -1.98 6.69
CA THR A 37 6.62 -1.35 5.89
C THR A 37 6.45 0.18 5.87
N SER A 38 7.53 0.89 5.54
CA SER A 38 7.48 2.35 5.42
C SER A 38 6.88 2.79 4.05
N TYR A 39 6.74 4.10 3.86
CA TYR A 39 6.11 4.64 2.64
C TYR A 39 7.16 4.93 1.54
N PHE A 40 7.02 4.26 0.40
CA PHE A 40 7.94 4.43 -0.73
C PHE A 40 7.32 5.39 -1.78
N PHE A 41 8.06 6.43 -2.16
CA PHE A 41 7.56 7.45 -3.10
C PHE A 41 7.78 7.07 -4.57
N TRP A 42 6.70 7.15 -5.36
CA TRP A 42 6.71 6.82 -6.79
C TRP A 42 6.08 7.98 -7.61
N PRO A 43 6.70 8.37 -8.75
CA PRO A 43 7.99 7.84 -9.21
C PRO A 43 9.19 8.65 -8.68
N ARG A 44 9.82 8.14 -7.63
CA ARG A 44 11.00 8.78 -7.06
C ARG A 44 12.03 7.73 -6.64
N ALA A 45 11.53 6.62 -6.11
CA ALA A 45 12.34 5.44 -5.81
C ALA A 45 11.64 4.17 -6.29
N ASP A 46 12.35 3.05 -6.29
CA ASP A 46 11.77 1.77 -6.70
C ASP A 46 10.73 1.29 -5.67
N ALA A 47 9.51 1.82 -5.77
CA ALA A 47 8.44 1.52 -4.81
C ALA A 47 8.20 0.01 -4.66
N TRP A 48 7.88 -0.67 -5.75
CA TRP A 48 7.54 -2.09 -5.71
C TRP A 48 8.76 -2.96 -5.37
N GLN A 49 9.93 -2.58 -5.91
CA GLN A 49 11.17 -3.31 -5.66
C GLN A 49 11.57 -3.25 -4.17
N GLN A 50 11.55 -2.05 -3.61
CA GLN A 50 11.84 -1.85 -2.18
C GLN A 50 10.78 -2.53 -1.29
N LEU A 51 9.53 -2.54 -1.77
CA LEU A 51 8.43 -3.17 -1.03
C LEU A 51 8.63 -4.69 -0.91
N LYS A 52 8.86 -5.36 -2.04
CA LYS A 52 9.09 -6.82 -2.03
C LYS A 52 10.32 -7.16 -1.19
N ASP A 53 11.35 -6.34 -1.28
CA ASP A 53 12.57 -6.49 -0.48
C ASP A 53 12.26 -6.55 1.03
N GLU A 54 11.44 -5.61 1.51
CA GLU A 54 11.00 -5.60 2.92
C GLU A 54 10.28 -6.90 3.29
N LEU A 55 9.28 -7.26 2.47
CA LEU A 55 8.49 -8.48 2.72
C LEU A 55 9.37 -9.75 2.70
N GLU A 56 10.36 -9.78 1.82
CA GLU A 56 11.29 -10.92 1.73
C GLU A 56 12.33 -10.90 2.87
N ALA A 57 12.60 -9.71 3.42
CA ALA A 57 13.48 -9.56 4.57
C ALA A 57 12.80 -10.08 5.84
N LYS A 58 11.50 -9.84 5.93
CA LYS A 58 10.68 -10.32 7.05
C LYS A 58 10.29 -11.80 6.84
N HIS A 59 11.06 -12.70 7.43
CA HIS A 59 10.97 -14.14 7.13
C HIS A 59 9.66 -14.78 7.60
N TRP A 60 8.96 -14.15 8.55
CA TRP A 60 7.73 -14.72 9.11
C TRP A 60 6.50 -14.46 8.22
N ILE A 61 6.69 -13.68 7.15
CA ILE A 61 5.60 -13.35 6.21
C ILE A 61 5.20 -14.57 5.35
N ALA A 62 3.90 -14.78 5.21
CA ALA A 62 3.38 -15.83 4.32
C ALA A 62 3.49 -15.38 2.85
N GLU A 63 4.21 -16.17 2.04
CA GLU A 63 4.51 -15.77 0.66
C GLU A 63 3.23 -15.51 -0.16
N ALA A 64 2.27 -16.43 -0.09
CA ALA A 64 1.00 -16.28 -0.82
C ALA A 64 0.33 -14.93 -0.53
N ASP A 65 0.41 -14.49 0.73
CA ASP A 65 -0.17 -13.21 1.15
C ASP A 65 0.67 -12.00 0.69
N ARG A 66 2.01 -12.11 0.76
CA ARG A 66 2.86 -11.01 0.27
C ARG A 66 2.72 -10.85 -1.25
N ILE A 67 2.47 -11.96 -1.94
CA ILE A 67 2.20 -11.93 -3.39
C ILE A 67 0.89 -11.18 -3.67
N ASN A 68 -0.12 -11.40 -2.82
CA ASN A 68 -1.39 -10.66 -2.92
C ASN A 68 -1.15 -9.14 -2.95
N VAL A 69 -0.51 -8.62 -1.90
CA VAL A 69 -0.25 -7.18 -1.80
C VAL A 69 0.70 -6.68 -2.90
N LEU A 70 1.65 -7.51 -3.31
CA LEU A 70 2.60 -7.15 -4.38
C LEU A 70 1.91 -7.02 -5.74
N ASN A 71 1.00 -7.95 -6.05
CA ASN A 71 0.26 -7.90 -7.32
C ASN A 71 -0.66 -6.67 -7.39
N GLN A 72 -1.49 -6.48 -6.36
CA GLN A 72 -2.39 -5.32 -6.32
C GLN A 72 -1.61 -4.00 -6.28
N ALA A 73 -0.46 -3.98 -5.59
CA ALA A 73 0.43 -2.82 -5.60
C ALA A 73 0.86 -2.48 -7.03
N THR A 74 1.30 -3.49 -7.77
CA THR A 74 1.67 -3.33 -9.19
C THR A 74 0.52 -2.71 -9.98
N GLU A 75 -0.69 -3.27 -9.84
CA GLU A 75 -1.87 -2.77 -10.54
C GLU A 75 -2.15 -1.29 -10.23
N VAL A 76 -2.05 -0.93 -8.95
CA VAL A 76 -2.23 0.47 -8.52
C VAL A 76 -1.17 1.39 -9.14
N ILE A 77 0.08 0.96 -9.12
CA ILE A 77 1.19 1.72 -9.72
C ILE A 77 0.95 2.00 -11.22
N ASN A 78 0.59 0.96 -11.97
CA ASN A 78 0.27 1.13 -13.40
C ASN A 78 -0.97 2.01 -13.60
N PHE A 79 -1.95 1.88 -12.71
CA PHE A 79 -3.18 2.68 -12.77
C PHE A 79 -2.87 4.18 -12.56
N TRP A 80 -2.11 4.49 -11.51
CA TRP A 80 -1.69 5.87 -11.24
C TRP A 80 -0.92 6.45 -12.44
N GLN A 81 -0.01 5.65 -13.01
CA GLN A 81 0.73 6.03 -14.21
C GLN A 81 -0.24 6.30 -15.39
N ASP A 82 -1.26 5.44 -15.51
CA ASP A 82 -2.32 5.61 -16.52
C ASP A 82 -2.97 6.99 -16.39
N LEU A 83 -3.23 7.39 -15.15
CA LEU A 83 -3.85 8.69 -14.86
C LEU A 83 -2.90 9.86 -15.18
N LYS A 84 -1.64 9.73 -14.76
CA LYS A 84 -0.64 10.78 -14.98
C LYS A 84 -0.44 11.09 -16.47
N ASN A 85 -0.29 10.03 -17.29
CA ASN A 85 -0.15 10.20 -18.74
C ASN A 85 -1.37 10.91 -19.35
N GLN A 86 -2.56 10.42 -19.00
CA GLN A 86 -3.81 10.95 -19.53
C GLN A 86 -4.29 12.19 -18.76
N ASN A 87 -3.51 12.61 -17.76
CA ASN A 87 -3.80 13.83 -16.98
C ASN A 87 -5.19 13.77 -16.31
N LYS A 88 -5.62 12.56 -15.94
CA LYS A 88 -6.90 12.35 -15.27
C LYS A 88 -6.89 12.87 -13.83
N GLN A 89 -7.48 14.04 -13.61
CA GLN A 89 -7.52 14.66 -12.27
C GLN A 89 -8.65 14.06 -11.42
N ILE A 90 -8.62 12.74 -11.22
CA ILE A 90 -9.65 12.06 -10.45
C ILE A 90 -9.31 12.00 -8.95
N SER A 91 -10.28 11.61 -8.12
CA SER A 91 -10.09 11.51 -6.67
C SER A 91 -9.67 10.11 -6.23
N MET A 92 -9.06 10.02 -5.05
CA MET A 92 -8.67 8.72 -4.48
C MET A 92 -9.91 7.85 -4.20
N ALA A 93 -11.07 8.47 -4.02
CA ALA A 93 -12.33 7.75 -3.86
C ALA A 93 -12.69 6.98 -5.14
N GLU A 94 -12.38 7.56 -6.29
CA GLU A 94 -12.58 6.90 -7.59
C GLU A 94 -11.61 5.72 -7.76
N ALA A 95 -10.42 5.85 -7.17
CA ALA A 95 -9.46 4.75 -7.11
C ALA A 95 -10.00 3.62 -6.20
N GLN A 96 -10.75 4.00 -5.16
CA GLN A 96 -11.43 3.03 -4.30
C GLN A 96 -12.49 2.24 -5.08
N GLY A 97 -13.20 2.93 -5.97
CA GLY A 97 -14.18 2.28 -6.82
C GLY A 97 -13.57 1.22 -7.73
N LYS A 98 -12.31 1.42 -8.13
CA LYS A 98 -11.60 0.45 -8.98
C LYS A 98 -10.96 -0.66 -8.14
N PHE A 99 -10.24 -0.26 -7.08
CA PHE A 99 -9.57 -1.22 -6.18
C PHE A 99 -10.16 -1.18 -4.75
N PRO A 100 -11.32 -1.82 -4.53
CA PRO A 100 -11.97 -1.84 -3.20
C PRO A 100 -11.12 -2.54 -2.12
N GLU A 101 -10.27 -3.45 -2.57
CA GLU A 101 -9.39 -4.22 -1.67
C GLU A 101 -8.28 -3.35 -1.07
N VAL A 102 -7.83 -2.34 -1.83
CA VAL A 102 -6.72 -1.49 -1.41
C VAL A 102 -7.20 -0.27 -0.60
N VAL A 103 -6.41 0.18 0.35
CA VAL A 103 -6.77 1.34 1.20
C VAL A 103 -6.02 2.61 0.75
N PHE A 104 -6.74 3.51 0.07
CA PHE A 104 -6.13 4.77 -0.40
C PHE A 104 -6.30 5.89 0.65
N SER A 105 -5.21 6.62 0.89
CA SER A 105 -5.21 7.77 1.81
C SER A 105 -5.21 9.08 1.02
N GLY A 106 -6.04 10.03 1.43
CA GLY A 106 -6.12 11.31 0.72
C GLY A 106 -5.88 12.52 1.62
N SER A 107 -6.25 13.70 1.14
CA SER A 107 -6.06 14.95 1.89
C SER A 107 -7.10 15.09 3.02
N ASN A 108 -6.65 14.90 4.25
CA ASN A 108 -7.51 15.05 5.43
C ASN A 108 -6.90 16.02 6.44
N LEU A 109 -7.47 16.11 7.64
CA LEU A 109 -6.91 16.92 8.70
C LEU A 109 -5.57 16.33 9.22
N GLU A 110 -4.71 17.19 9.74
CA GLU A 110 -3.38 16.76 10.19
C GLU A 110 -3.40 16.18 11.61
N HIS A 111 -2.33 15.47 11.96
CA HIS A 111 -2.28 14.70 13.21
C HIS A 111 -0.93 14.85 13.94
N HIS A 112 -0.90 14.42 15.21
CA HIS A 112 0.25 14.65 16.10
C HIS A 112 1.48 13.83 15.70
N HIS A 113 2.67 14.41 15.89
CA HIS A 113 3.93 13.75 15.52
C HIS A 113 4.75 13.34 16.75
N HIS A 114 4.92 12.03 16.94
CA HIS A 114 5.78 11.49 18.01
C HIS A 114 6.45 10.18 17.59
N HIS A 115 7.77 10.13 17.75
CA HIS A 115 8.58 8.98 17.32
C HIS A 115 8.68 7.89 18.39
N HIS A 116 8.87 6.64 17.96
CA HIS A 116 9.08 5.52 18.90
C HIS A 116 10.58 5.20 19.07
N MET A 1 11.83 -30.95 6.28
CA MET A 1 11.48 -31.66 7.54
C MET A 1 10.18 -31.12 8.17
N ALA A 2 10.07 -29.79 8.31
CA ALA A 2 8.90 -29.17 8.94
C ALA A 2 8.82 -27.66 8.62
N ALA A 3 7.75 -27.03 9.09
CA ALA A 3 7.54 -25.58 8.90
C ALA A 3 6.48 -25.06 9.89
N SER A 4 6.11 -23.79 9.77
CA SER A 4 5.06 -23.21 10.64
C SER A 4 4.20 -22.20 9.87
N THR A 5 2.92 -22.13 10.23
CA THR A 5 1.98 -21.19 9.60
C THR A 5 1.64 -20.02 10.52
N VAL A 6 2.07 -18.82 10.15
CA VAL A 6 1.78 -17.61 10.92
C VAL A 6 0.30 -17.20 10.80
N HIS A 7 -0.30 -16.76 11.90
CA HIS A 7 -1.68 -16.29 11.90
C HIS A 7 -1.73 -14.76 11.78
N THR A 8 -1.55 -14.25 10.57
CA THR A 8 -1.47 -12.80 10.33
C THR A 8 -1.82 -12.45 8.86
N SER A 9 -2.77 -11.54 8.68
CA SER A 9 -3.13 -11.05 7.34
C SER A 9 -2.40 -9.74 7.02
N PHE A 10 -2.63 -9.17 5.83
CA PHE A 10 -1.89 -7.98 5.40
C PHE A 10 -2.80 -6.95 4.71
N ILE A 11 -2.57 -5.67 5.00
CA ILE A 11 -3.35 -4.58 4.39
C ILE A 11 -2.44 -3.68 3.55
N LEU A 12 -2.97 -3.14 2.45
CA LEU A 12 -2.22 -2.20 1.61
C LEU A 12 -2.74 -0.76 1.78
N LYS A 13 -1.94 0.10 2.41
CA LYS A 13 -2.27 1.52 2.54
C LYS A 13 -1.51 2.37 1.51
N VAL A 14 -2.24 3.03 0.63
CA VAL A 14 -1.66 3.89 -0.39
C VAL A 14 -1.93 5.38 -0.09
N LEU A 15 -0.88 6.11 0.26
CA LEU A 15 -1.00 7.55 0.54
C LEU A 15 -0.98 8.34 -0.77
N TRP A 16 -2.10 9.01 -1.08
CA TRP A 16 -2.25 9.73 -2.35
C TRP A 16 -1.86 11.21 -2.19
N LEU A 17 -1.01 11.71 -3.08
CA LEU A 17 -0.55 13.10 -3.04
C LEU A 17 -0.81 13.81 -4.38
N ASP A 18 -0.67 15.13 -4.38
CA ASP A 18 -0.86 15.93 -5.60
C ASP A 18 0.13 15.49 -6.71
N GLN A 19 -0.37 14.66 -7.62
CA GLN A 19 0.43 14.11 -8.72
C GLN A 19 1.57 13.21 -8.21
N ASN A 20 1.42 12.69 -7.00
CA ASN A 20 2.37 11.73 -6.39
C ASN A 20 1.60 10.58 -5.70
N VAL A 21 2.31 9.50 -5.40
CA VAL A 21 1.68 8.32 -4.77
C VAL A 21 2.69 7.55 -3.90
N ALA A 22 2.23 7.09 -2.73
CA ALA A 22 3.06 6.31 -1.80
C ALA A 22 2.35 5.03 -1.34
N ILE A 23 3.08 3.92 -1.28
CA ILE A 23 2.49 2.62 -0.89
C ILE A 23 3.12 2.05 0.40
N ALA A 24 2.29 1.36 1.20
CA ALA A 24 2.75 0.71 2.43
C ALA A 24 1.90 -0.53 2.75
N VAL A 25 2.52 -1.52 3.39
CA VAL A 25 1.81 -2.74 3.83
C VAL A 25 1.81 -2.87 5.36
N ASP A 26 0.65 -3.21 5.93
CA ASP A 26 0.49 -3.36 7.37
C ASP A 26 0.09 -4.81 7.73
N GLN A 27 0.29 -5.19 8.98
CA GLN A 27 -0.02 -6.56 9.42
C GLN A 27 -1.27 -6.61 10.32
N ILE A 28 -2.16 -7.57 10.04
CA ILE A 28 -3.36 -7.78 10.86
C ILE A 28 -3.10 -8.82 11.95
N VAL A 29 -2.98 -8.36 13.19
CA VAL A 29 -2.69 -9.23 14.33
C VAL A 29 -3.98 -9.61 15.08
N GLY A 30 -3.91 -10.64 15.91
CA GLY A 30 -5.06 -11.01 16.75
C GLY A 30 -5.48 -9.93 17.74
N LYS A 31 -4.75 -8.81 17.76
CA LYS A 31 -5.08 -7.65 18.59
C LYS A 31 -5.49 -6.44 17.73
N GLY A 32 -5.70 -6.68 16.44
CA GLY A 32 -6.08 -5.60 15.52
C GLY A 32 -5.10 -5.41 14.38
N THR A 33 -4.55 -4.20 14.26
CA THR A 33 -3.62 -3.87 13.16
C THR A 33 -2.34 -3.19 13.67
N SER A 34 -1.25 -3.39 12.96
CA SER A 34 0.05 -2.78 13.32
C SER A 34 0.89 -2.52 12.05
N PRO A 35 1.55 -1.34 11.96
CA PRO A 35 2.36 -0.97 10.79
C PRO A 35 3.52 -1.96 10.52
N LEU A 36 3.56 -2.52 9.31
CA LEU A 36 4.59 -3.49 8.95
C LEU A 36 5.73 -2.86 8.13
N THR A 37 5.38 -1.92 7.25
CA THR A 37 6.36 -1.25 6.37
C THR A 37 6.06 0.25 6.23
N SER A 38 7.07 1.02 5.80
CA SER A 38 6.90 2.47 5.59
C SER A 38 6.32 2.80 4.20
N TYR A 39 6.06 4.07 3.95
CA TYR A 39 5.46 4.52 2.67
C TYR A 39 6.54 4.87 1.64
N PHE A 40 6.59 4.12 0.54
CA PHE A 40 7.54 4.37 -0.55
C PHE A 40 6.90 5.22 -1.66
N PHE A 41 7.59 6.27 -2.09
CA PHE A 41 7.03 7.25 -3.04
C PHE A 41 7.39 6.95 -4.51
N TRP A 42 6.36 6.69 -5.31
CA TRP A 42 6.48 6.49 -6.76
C TRP A 42 6.02 7.76 -7.51
N PRO A 43 6.71 8.15 -8.61
CA PRO A 43 7.87 7.45 -9.17
C PRO A 43 9.23 7.98 -8.66
N ARG A 44 9.22 8.72 -7.55
CA ARG A 44 10.44 9.30 -6.98
C ARG A 44 11.48 8.23 -6.64
N ALA A 45 11.02 7.03 -6.26
CA ALA A 45 11.90 5.91 -5.95
C ALA A 45 11.30 4.57 -6.42
N ASP A 46 12.12 3.52 -6.40
CA ASP A 46 11.66 2.18 -6.75
C ASP A 46 10.70 1.63 -5.68
N ALA A 47 9.45 2.07 -5.74
CA ALA A 47 8.45 1.73 -4.72
C ALA A 47 8.28 0.22 -4.55
N TRP A 48 8.05 -0.49 -5.65
CA TRP A 48 7.78 -1.93 -5.62
C TRP A 48 9.02 -2.73 -5.17
N GLN A 49 10.19 -2.35 -5.70
CA GLN A 49 11.45 -3.03 -5.37
C GLN A 49 11.77 -2.93 -3.86
N GLN A 50 11.55 -1.74 -3.30
CA GLN A 50 11.74 -1.51 -1.86
C GLN A 50 10.72 -2.31 -1.05
N LEU A 51 9.45 -2.24 -1.44
CA LEU A 51 8.37 -2.92 -0.74
C LEU A 51 8.57 -4.44 -0.72
N LYS A 52 8.83 -5.04 -1.89
CA LYS A 52 9.02 -6.49 -1.98
C LYS A 52 10.18 -6.95 -1.09
N ASP A 53 11.30 -6.21 -1.14
CA ASP A 53 12.48 -6.55 -0.34
C ASP A 53 12.15 -6.54 1.16
N GLU A 54 11.36 -5.56 1.60
CA GLU A 54 10.93 -5.47 3.00
C GLU A 54 10.08 -6.68 3.41
N LEU A 55 9.13 -7.06 2.55
CA LEU A 55 8.24 -8.20 2.83
C LEU A 55 8.99 -9.55 2.80
N GLU A 56 9.85 -9.73 1.80
CA GLU A 56 10.58 -10.99 1.61
C GLU A 56 11.70 -11.16 2.64
N ALA A 57 12.29 -10.05 3.10
CA ALA A 57 13.29 -10.09 4.17
C ALA A 57 12.67 -10.67 5.46
N LYS A 58 11.39 -10.38 5.68
CA LYS A 58 10.65 -10.93 6.81
C LYS A 58 10.22 -12.37 6.51
N HIS A 59 11.04 -13.34 6.94
CA HIS A 59 10.80 -14.75 6.58
C HIS A 59 9.56 -15.35 7.26
N TRP A 60 8.88 -14.56 8.09
CA TRP A 60 7.64 -14.99 8.73
C TRP A 60 6.39 -14.57 7.92
N ILE A 61 6.62 -13.95 6.76
CA ILE A 61 5.52 -13.57 5.85
C ILE A 61 5.21 -14.71 4.85
N ALA A 62 3.93 -15.06 4.74
CA ALA A 62 3.49 -16.08 3.78
C ALA A 62 3.71 -15.63 2.33
N GLU A 63 4.29 -16.51 1.49
CA GLU A 63 4.64 -16.16 0.12
C GLU A 63 3.41 -15.77 -0.72
N ALA A 64 2.35 -16.57 -0.66
CA ALA A 64 1.13 -16.28 -1.41
C ALA A 64 0.58 -14.89 -1.07
N ASP A 65 0.52 -14.58 0.22
CA ASP A 65 0.09 -13.25 0.69
C ASP A 65 1.06 -12.15 0.22
N ARG A 66 2.37 -12.43 0.32
CA ARG A 66 3.41 -11.50 -0.12
C ARG A 66 3.26 -11.17 -1.61
N ILE A 67 3.01 -12.19 -2.43
CA ILE A 67 2.81 -11.99 -3.87
C ILE A 67 1.49 -11.24 -4.14
N ASN A 68 0.45 -11.59 -3.39
CA ASN A 68 -0.85 -10.91 -3.51
C ASN A 68 -0.73 -9.39 -3.34
N VAL A 69 -0.21 -8.97 -2.17
CA VAL A 69 -0.06 -7.54 -1.87
C VAL A 69 0.89 -6.83 -2.87
N LEU A 70 1.90 -7.56 -3.35
CA LEU A 70 2.81 -7.03 -4.37
C LEU A 70 2.10 -6.81 -5.71
N ASN A 71 1.26 -7.75 -6.11
CA ASN A 71 0.51 -7.64 -7.37
C ASN A 71 -0.47 -6.47 -7.35
N GLN A 72 -1.33 -6.41 -6.33
CA GLN A 72 -2.31 -5.33 -6.20
C GLN A 72 -1.61 -3.96 -6.04
N ALA A 73 -0.47 -3.94 -5.35
CA ALA A 73 0.36 -2.73 -5.28
C ALA A 73 0.85 -2.31 -6.67
N THR A 74 1.33 -3.30 -7.45
CA THR A 74 1.76 -3.05 -8.83
C THR A 74 0.62 -2.48 -9.68
N GLU A 75 -0.59 -3.02 -9.49
CA GLU A 75 -1.77 -2.52 -10.19
C GLU A 75 -2.04 -1.05 -9.85
N VAL A 76 -1.93 -0.69 -8.57
CA VAL A 76 -2.10 0.71 -8.14
C VAL A 76 -1.01 1.62 -8.77
N ILE A 77 0.24 1.15 -8.74
CA ILE A 77 1.36 1.87 -9.36
C ILE A 77 1.12 2.10 -10.87
N ASN A 78 0.82 1.04 -11.60
CA ASN A 78 0.53 1.13 -13.02
C ASN A 78 -0.76 1.95 -13.29
N PHE A 79 -1.71 1.86 -12.37
CA PHE A 79 -2.97 2.61 -12.47
C PHE A 79 -2.70 4.12 -12.38
N TRP A 80 -1.86 4.53 -11.41
CA TRP A 80 -1.45 5.93 -11.27
C TRP A 80 -0.85 6.46 -12.58
N GLN A 81 0.06 5.67 -13.17
CA GLN A 81 0.67 6.02 -14.45
C GLN A 81 -0.37 6.01 -15.58
N ASP A 82 -1.35 5.12 -15.47
CA ASP A 82 -2.46 5.03 -16.42
C ASP A 82 -3.31 6.32 -16.38
N LEU A 83 -3.52 6.86 -15.18
CA LEU A 83 -4.21 8.14 -14.99
C LEU A 83 -3.37 9.28 -15.57
N LYS A 84 -2.06 9.21 -15.35
CA LYS A 84 -1.11 10.23 -15.80
C LYS A 84 -1.09 10.36 -17.34
N ASN A 85 -1.00 9.24 -18.06
CA ASN A 85 -0.93 9.27 -19.52
C ASN A 85 -2.28 9.65 -20.15
N GLN A 86 -3.38 9.33 -19.47
CA GLN A 86 -4.72 9.77 -19.89
C GLN A 86 -5.01 11.22 -19.43
N ASN A 87 -4.08 11.81 -18.68
CA ASN A 87 -4.20 13.20 -18.20
C ASN A 87 -5.48 13.38 -17.35
N LYS A 88 -5.92 12.29 -16.70
CA LYS A 88 -7.14 12.31 -15.87
C LYS A 88 -7.04 13.32 -14.72
N GLN A 89 -5.87 13.39 -14.08
CA GLN A 89 -5.61 14.35 -12.98
C GLN A 89 -6.68 14.26 -11.86
N ILE A 90 -7.18 13.04 -11.64
CA ILE A 90 -8.24 12.82 -10.64
C ILE A 90 -7.71 12.83 -9.20
N SER A 91 -8.51 13.36 -8.28
CA SER A 91 -8.15 13.38 -6.85
C SER A 91 -8.47 12.04 -6.18
N MET A 92 -7.81 10.98 -6.65
CA MET A 92 -7.93 9.62 -6.05
C MET A 92 -9.34 9.00 -6.22
N ALA A 93 -10.25 9.74 -6.87
CA ALA A 93 -11.66 9.32 -6.98
C ALA A 93 -11.84 7.92 -7.61
N GLU A 94 -11.37 7.75 -8.84
CA GLU A 94 -11.48 6.45 -9.54
C GLU A 94 -10.66 5.36 -8.84
N ALA A 95 -9.54 5.76 -8.23
CA ALA A 95 -8.67 4.82 -7.52
C ALA A 95 -9.45 4.03 -6.44
N GLN A 96 -10.20 4.74 -5.60
CA GLN A 96 -11.02 4.10 -4.56
C GLN A 96 -12.17 3.28 -5.16
N GLY A 97 -12.59 3.63 -6.37
CA GLY A 97 -13.66 2.90 -7.04
C GLY A 97 -13.20 1.58 -7.66
N LYS A 98 -11.99 1.59 -8.22
CA LYS A 98 -11.42 0.38 -8.84
C LYS A 98 -10.77 -0.53 -7.79
N PHE A 99 -10.18 0.07 -6.74
CA PHE A 99 -9.52 -0.71 -5.68
C PHE A 99 -10.26 -0.58 -4.33
N PRO A 100 -11.40 -1.28 -4.15
CA PRO A 100 -12.19 -1.20 -2.90
C PRO A 100 -11.46 -1.86 -1.72
N GLU A 101 -10.63 -2.86 -2.04
CA GLU A 101 -9.89 -3.61 -1.02
C GLU A 101 -8.59 -2.91 -0.61
N VAL A 102 -8.25 -1.81 -1.29
CA VAL A 102 -7.03 -1.05 -0.99
C VAL A 102 -7.35 0.23 -0.21
N VAL A 103 -6.67 0.44 0.91
CA VAL A 103 -6.92 1.60 1.76
C VAL A 103 -6.09 2.81 1.32
N PHE A 104 -6.72 3.74 0.62
CA PHE A 104 -6.06 4.98 0.20
C PHE A 104 -6.13 6.04 1.31
N SER A 105 -5.05 6.78 1.50
CA SER A 105 -4.99 7.81 2.56
C SER A 105 -4.71 9.19 1.97
N GLY A 106 -5.71 10.06 2.05
CA GLY A 106 -5.57 11.44 1.59
C GLY A 106 -5.95 12.46 2.66
N SER A 107 -5.95 13.74 2.30
CA SER A 107 -6.36 14.81 3.22
C SER A 107 -7.00 15.97 2.47
N ASN A 108 -8.32 16.10 2.58
CA ASN A 108 -9.07 17.15 1.90
C ASN A 108 -9.12 18.43 2.75
N LEU A 109 -9.56 18.28 4.00
CA LEU A 109 -9.70 19.43 4.91
C LEU A 109 -8.39 19.72 5.66
N GLU A 110 -8.30 20.91 6.24
CA GLU A 110 -7.16 21.27 7.09
C GLU A 110 -7.37 20.75 8.52
N HIS A 111 -6.64 19.71 8.89
CA HIS A 111 -6.80 19.06 10.21
C HIS A 111 -5.46 18.56 10.76
N HIS A 112 -5.52 17.78 11.84
CA HIS A 112 -4.33 17.16 12.42
C HIS A 112 -4.31 15.65 12.13
N HIS A 113 -3.13 15.12 11.86
CA HIS A 113 -2.96 13.67 11.67
C HIS A 113 -2.87 12.97 13.04
N HIS A 114 -2.29 13.67 14.01
CA HIS A 114 -2.16 13.16 15.38
C HIS A 114 -3.45 13.42 16.18
N HIS A 115 -3.82 12.49 17.06
CA HIS A 115 -5.02 12.64 17.90
C HIS A 115 -4.88 13.82 18.88
N HIS A 116 -6.03 14.35 19.29
CA HIS A 116 -6.07 15.49 20.23
C HIS A 116 -6.56 15.05 21.63
N MET A 1 -7.74 -30.62 22.39
CA MET A 1 -7.52 -29.98 21.06
C MET A 1 -6.80 -28.63 21.19
N ALA A 2 -5.57 -28.55 20.69
CA ALA A 2 -4.79 -27.31 20.72
C ALA A 2 -4.75 -26.63 19.34
N ALA A 3 -4.33 -25.37 19.30
CA ALA A 3 -4.26 -24.62 18.05
C ALA A 3 -3.41 -23.34 18.19
N SER A 4 -3.92 -22.38 18.97
CA SER A 4 -3.27 -21.07 19.15
C SER A 4 -2.99 -20.38 17.80
N THR A 5 -1.82 -20.66 17.20
CA THR A 5 -1.47 -20.16 15.86
C THR A 5 -1.44 -18.62 15.77
N VAL A 6 -0.25 -18.05 15.57
CA VAL A 6 -0.11 -16.61 15.35
C VAL A 6 -0.77 -16.17 14.03
N HIS A 7 -2.09 -16.06 14.06
CA HIS A 7 -2.88 -15.75 12.86
C HIS A 7 -2.76 -14.26 12.47
N THR A 8 -1.73 -13.95 11.71
CA THR A 8 -1.47 -12.57 11.25
C THR A 8 -1.84 -12.38 9.77
N SER A 9 -2.54 -11.29 9.47
CA SER A 9 -2.88 -10.95 8.07
C SER A 9 -2.17 -9.65 7.63
N PHE A 10 -2.33 -9.27 6.37
CA PHE A 10 -1.63 -8.09 5.82
C PHE A 10 -2.60 -7.17 5.05
N ILE A 11 -2.51 -5.86 5.31
CA ILE A 11 -3.35 -4.86 4.64
C ILE A 11 -2.51 -3.86 3.84
N LEU A 12 -2.88 -3.62 2.58
CA LEU A 12 -2.16 -2.66 1.72
C LEU A 12 -2.80 -1.26 1.77
N LYS A 13 -1.99 -0.24 2.00
CA LYS A 13 -2.45 1.15 1.98
C LYS A 13 -1.72 1.95 0.88
N VAL A 14 -2.45 2.87 0.25
CA VAL A 14 -1.88 3.75 -0.77
C VAL A 14 -2.08 5.23 -0.39
N LEU A 15 -0.97 5.93 -0.17
CA LEU A 15 -1.01 7.37 0.14
C LEU A 15 -1.00 8.17 -1.18
N TRP A 16 -2.20 8.56 -1.62
CA TRP A 16 -2.36 9.25 -2.91
C TRP A 16 -2.15 10.77 -2.77
N LEU A 17 -1.14 11.30 -3.44
CA LEU A 17 -0.83 12.74 -3.41
C LEU A 17 -1.10 13.41 -4.77
N ASP A 18 -0.77 14.70 -4.85
CA ASP A 18 -0.98 15.48 -6.08
C ASP A 18 0.00 15.06 -7.19
N GLN A 19 1.29 14.96 -6.86
CA GLN A 19 2.33 14.59 -7.83
C GLN A 19 2.88 13.18 -7.57
N ASN A 20 2.60 12.62 -6.40
CA ASN A 20 3.21 11.34 -5.99
C ASN A 20 2.16 10.34 -5.46
N VAL A 21 2.58 9.09 -5.32
CA VAL A 21 1.73 8.01 -4.80
C VAL A 21 2.56 6.99 -4.01
N ALA A 22 2.27 6.84 -2.72
CA ALA A 22 3.05 5.95 -1.85
C ALA A 22 2.28 4.68 -1.46
N ILE A 23 3.00 3.61 -1.17
CA ILE A 23 2.39 2.33 -0.75
C ILE A 23 3.03 1.79 0.54
N ALA A 24 2.22 1.10 1.35
CA ALA A 24 2.69 0.51 2.62
C ALA A 24 1.79 -0.66 3.06
N VAL A 25 2.28 -1.49 3.98
CA VAL A 25 1.52 -2.66 4.47
C VAL A 25 1.51 -2.75 6.00
N ASP A 26 0.33 -3.02 6.58
CA ASP A 26 0.20 -3.26 8.03
C ASP A 26 -0.04 -4.74 8.32
N GLN A 27 0.43 -5.21 9.47
CA GLN A 27 0.20 -6.59 9.91
C GLN A 27 -0.91 -6.65 10.98
N ILE A 28 -1.93 -7.47 10.75
CA ILE A 28 -3.03 -7.63 11.70
C ILE A 28 -2.65 -8.58 12.85
N VAL A 29 -2.24 -8.00 13.97
CA VAL A 29 -1.85 -8.78 15.15
C VAL A 29 -3.07 -9.07 16.05
N GLY A 30 -2.93 -10.03 16.96
CA GLY A 30 -4.03 -10.40 17.86
C GLY A 30 -4.44 -9.30 18.84
N LYS A 31 -3.78 -8.13 18.78
CA LYS A 31 -4.12 -7.00 19.64
C LYS A 31 -4.29 -5.70 18.84
N GLY A 32 -4.30 -5.80 17.51
CA GLY A 32 -4.41 -4.62 16.66
C GLY A 32 -3.44 -4.64 15.49
N THR A 33 -3.63 -3.74 14.53
CA THR A 33 -2.77 -3.66 13.35
C THR A 33 -1.54 -2.77 13.59
N SER A 34 -0.38 -3.22 13.13
CA SER A 34 0.87 -2.47 13.28
C SER A 34 1.58 -2.30 11.92
N PRO A 35 2.15 -1.11 11.65
CA PRO A 35 2.84 -0.84 10.37
C PRO A 35 4.04 -1.78 10.12
N LEU A 36 3.91 -2.62 9.09
CA LEU A 36 4.97 -3.59 8.75
C LEU A 36 6.02 -2.96 7.82
N THR A 37 5.57 -2.14 6.89
CA THR A 37 6.46 -1.43 5.96
C THR A 37 6.15 0.08 5.94
N SER A 38 7.10 0.90 5.51
CA SER A 38 6.90 2.35 5.44
C SER A 38 6.30 2.77 4.10
N TYR A 39 5.95 4.05 3.98
CA TYR A 39 5.31 4.58 2.77
C TYR A 39 6.37 4.93 1.70
N PHE A 40 6.46 4.09 0.67
CA PHE A 40 7.41 4.30 -0.43
C PHE A 40 6.80 5.17 -1.54
N PHE A 41 7.34 6.38 -1.73
CA PHE A 41 6.75 7.37 -2.64
C PHE A 41 7.15 7.15 -4.12
N TRP A 42 6.23 6.62 -4.90
CA TRP A 42 6.39 6.51 -6.36
C TRP A 42 6.01 7.84 -7.05
N PRO A 43 6.73 8.27 -8.11
CA PRO A 43 7.90 7.56 -8.67
C PRO A 43 9.26 8.06 -8.13
N ARG A 44 9.23 8.91 -7.10
CA ARG A 44 10.46 9.50 -6.55
C ARG A 44 11.36 8.42 -5.90
N ALA A 45 10.75 7.31 -5.52
CA ALA A 45 11.49 6.19 -4.94
C ALA A 45 10.94 4.86 -5.46
N ASP A 46 11.78 3.81 -5.41
CA ASP A 46 11.38 2.47 -5.86
C ASP A 46 10.28 1.89 -4.96
N ALA A 47 9.03 2.30 -5.21
CA ALA A 47 7.90 1.90 -4.37
C ALA A 47 7.72 0.37 -4.30
N TRP A 48 7.42 -0.24 -5.43
CA TRP A 48 7.13 -1.68 -5.49
C TRP A 48 8.38 -2.51 -5.16
N GLN A 49 9.53 -2.10 -5.69
CA GLN A 49 10.79 -2.81 -5.45
C GLN A 49 11.17 -2.83 -3.95
N GLN A 50 11.06 -1.69 -3.27
CA GLN A 50 11.34 -1.63 -1.83
C GLN A 50 10.30 -2.41 -1.03
N LEU A 51 9.03 -2.33 -1.44
CA LEU A 51 7.95 -3.06 -0.76
C LEU A 51 8.20 -4.58 -0.77
N LYS A 52 8.47 -5.13 -1.95
CA LYS A 52 8.73 -6.57 -2.07
C LYS A 52 10.01 -6.96 -1.32
N ASP A 53 11.07 -6.16 -1.46
CA ASP A 53 12.34 -6.44 -0.78
C ASP A 53 12.16 -6.50 0.74
N GLU A 54 11.37 -5.58 1.29
CA GLU A 54 11.01 -5.61 2.72
C GLU A 54 10.30 -6.92 3.09
N LEU A 55 9.25 -7.25 2.34
CA LEU A 55 8.47 -8.48 2.59
C LEU A 55 9.35 -9.73 2.47
N GLU A 56 10.26 -9.73 1.49
CA GLU A 56 11.17 -10.87 1.29
C GLU A 56 12.24 -10.94 2.39
N ALA A 57 12.65 -9.78 2.90
CA ALA A 57 13.59 -9.72 4.04
C ALA A 57 12.95 -10.31 5.31
N LYS A 58 11.65 -10.05 5.47
CA LYS A 58 10.89 -10.59 6.60
C LYS A 58 10.51 -12.05 6.33
N HIS A 59 11.46 -12.95 6.55
CA HIS A 59 11.32 -14.38 6.18
C HIS A 59 10.04 -15.05 6.71
N TRP A 60 9.41 -14.47 7.73
CA TRP A 60 8.19 -15.06 8.31
C TRP A 60 6.94 -14.77 7.44
N ILE A 61 7.13 -14.00 6.37
CA ILE A 61 6.08 -13.75 5.38
C ILE A 61 6.05 -14.89 4.33
N ALA A 62 4.86 -15.21 3.83
CA ALA A 62 4.71 -16.28 2.84
C ALA A 62 4.57 -15.72 1.42
N GLU A 63 4.95 -16.51 0.42
CA GLU A 63 4.86 -16.09 -0.98
C GLU A 63 3.43 -15.64 -1.34
N ALA A 64 2.44 -16.43 -0.92
CA ALA A 64 1.04 -16.15 -1.25
C ALA A 64 0.57 -14.75 -0.79
N ASP A 65 0.83 -14.41 0.47
CA ASP A 65 0.37 -13.12 1.02
C ASP A 65 1.19 -11.93 0.49
N ARG A 66 2.51 -12.03 0.47
CA ARG A 66 3.34 -10.95 -0.08
C ARG A 66 3.00 -10.68 -1.56
N ILE A 67 2.89 -11.74 -2.37
CA ILE A 67 2.53 -11.59 -3.77
C ILE A 67 1.11 -10.99 -3.92
N ASN A 68 0.21 -11.38 -3.02
CA ASN A 68 -1.16 -10.83 -3.01
C ASN A 68 -1.13 -9.28 -2.90
N VAL A 69 -0.52 -8.77 -1.85
CA VAL A 69 -0.42 -7.32 -1.64
C VAL A 69 0.45 -6.65 -2.73
N LEU A 70 1.44 -7.39 -3.24
CA LEU A 70 2.29 -6.89 -4.31
C LEU A 70 1.51 -6.70 -5.63
N ASN A 71 0.65 -7.65 -5.97
CA ASN A 71 -0.14 -7.56 -7.21
C ASN A 71 -1.09 -6.35 -7.18
N GLN A 72 -1.91 -6.25 -6.13
CA GLN A 72 -2.83 -5.12 -5.98
C GLN A 72 -2.06 -3.79 -5.92
N ALA A 73 -0.86 -3.81 -5.32
CA ALA A 73 0.03 -2.64 -5.33
C ALA A 73 0.51 -2.32 -6.75
N THR A 74 0.87 -3.35 -7.50
CA THR A 74 1.30 -3.19 -8.90
C THR A 74 0.21 -2.52 -9.74
N GLU A 75 -1.04 -2.97 -9.53
CA GLU A 75 -2.19 -2.42 -10.25
C GLU A 75 -2.34 -0.91 -10.01
N VAL A 76 -2.28 -0.52 -8.73
CA VAL A 76 -2.40 0.90 -8.36
C VAL A 76 -1.28 1.76 -8.98
N ILE A 77 -0.04 1.28 -8.88
CA ILE A 77 1.11 1.99 -9.46
C ILE A 77 0.96 2.16 -10.98
N ASN A 78 0.65 1.07 -11.68
CA ASN A 78 0.43 1.13 -13.13
C ASN A 78 -0.80 1.98 -13.47
N PHE A 79 -1.80 1.99 -12.58
CA PHE A 79 -3.00 2.81 -12.74
C PHE A 79 -2.64 4.30 -12.70
N TRP A 80 -1.85 4.69 -11.71
CA TRP A 80 -1.38 6.08 -11.57
C TRP A 80 -0.61 6.52 -12.83
N GLN A 81 0.32 5.68 -13.27
CA GLN A 81 1.09 5.94 -14.49
C GLN A 81 0.16 6.02 -15.72
N ASP A 82 -0.83 5.13 -15.75
CA ASP A 82 -1.85 5.10 -16.81
C ASP A 82 -2.62 6.43 -16.85
N LEU A 83 -2.91 6.99 -15.67
CA LEU A 83 -3.57 8.29 -15.57
C LEU A 83 -2.65 9.42 -16.05
N LYS A 84 -1.35 9.33 -15.73
CA LYS A 84 -0.36 10.31 -16.17
C LYS A 84 -0.22 10.34 -17.70
N ASN A 85 -0.20 9.16 -18.31
CA ASN A 85 -0.12 9.05 -19.77
C ASN A 85 -1.35 9.68 -20.46
N GLN A 86 -2.52 9.48 -19.87
CA GLN A 86 -3.77 10.03 -20.41
C GLN A 86 -4.13 11.40 -19.79
N ASN A 87 -3.28 11.87 -18.87
CA ASN A 87 -3.46 13.20 -18.23
C ASN A 87 -4.84 13.33 -17.54
N LYS A 88 -5.42 12.20 -17.14
CA LYS A 88 -6.77 12.20 -16.55
C LYS A 88 -6.85 13.03 -15.25
N GLN A 89 -5.91 12.79 -14.33
CA GLN A 89 -5.80 13.58 -13.09
C GLN A 89 -7.03 13.45 -12.18
N ILE A 90 -7.62 12.25 -12.12
CA ILE A 90 -8.77 12.00 -11.24
C ILE A 90 -8.35 11.97 -9.76
N SER A 91 -9.33 11.89 -8.86
CA SER A 91 -9.06 11.90 -7.41
C SER A 91 -8.86 10.49 -6.86
N MET A 92 -8.30 10.40 -5.65
CA MET A 92 -8.15 9.12 -4.95
C MET A 92 -9.51 8.45 -4.72
N ALA A 93 -10.55 9.27 -4.50
CA ALA A 93 -11.91 8.77 -4.31
C ALA A 93 -12.43 8.08 -5.58
N GLU A 94 -12.07 8.61 -6.75
CA GLU A 94 -12.43 8.00 -8.03
C GLU A 94 -11.58 6.75 -8.30
N ALA A 95 -10.32 6.79 -7.88
CA ALA A 95 -9.40 5.65 -8.04
C ALA A 95 -9.88 4.42 -7.25
N GLN A 96 -10.40 4.65 -6.04
CA GLN A 96 -10.92 3.55 -5.19
C GLN A 96 -12.11 2.83 -5.84
N GLY A 97 -12.71 3.44 -6.87
CA GLY A 97 -13.77 2.78 -7.63
C GLY A 97 -13.28 1.50 -8.31
N LYS A 98 -12.02 1.51 -8.75
CA LYS A 98 -11.40 0.33 -9.37
C LYS A 98 -10.73 -0.56 -8.30
N PHE A 99 -10.32 0.05 -7.18
CA PHE A 99 -9.65 -0.69 -6.09
C PHE A 99 -10.44 -0.60 -4.77
N PRO A 100 -11.59 -1.30 -4.67
CA PRO A 100 -12.46 -1.21 -3.47
C PRO A 100 -11.86 -1.91 -2.24
N GLU A 101 -10.92 -2.83 -2.48
CA GLU A 101 -10.30 -3.59 -1.39
C GLU A 101 -8.92 -3.04 -1.00
N VAL A 102 -8.55 -1.90 -1.59
CA VAL A 102 -7.27 -1.25 -1.27
C VAL A 102 -7.50 0.04 -0.46
N VAL A 103 -6.81 0.17 0.67
CA VAL A 103 -7.01 1.32 1.56
C VAL A 103 -6.20 2.54 1.11
N PHE A 104 -6.87 3.52 0.50
CA PHE A 104 -6.23 4.78 0.11
C PHE A 104 -6.39 5.83 1.23
N SER A 105 -5.27 6.30 1.78
CA SER A 105 -5.31 7.26 2.90
C SER A 105 -4.69 8.61 2.51
N GLY A 106 -5.41 9.69 2.77
CA GLY A 106 -4.91 11.03 2.48
C GLY A 106 -4.94 11.95 3.70
N SER A 107 -3.84 11.96 4.46
CA SER A 107 -3.74 12.76 5.68
C SER A 107 -3.65 14.26 5.38
N ASN A 108 -4.80 14.94 5.32
CA ASN A 108 -4.85 16.37 5.04
C ASN A 108 -5.17 17.18 6.31
N LEU A 109 -4.86 18.48 6.30
CA LEU A 109 -5.11 19.35 7.46
C LEU A 109 -5.81 20.66 7.04
N GLU A 110 -6.43 21.33 8.01
CA GLU A 110 -7.14 22.59 7.75
C GLU A 110 -6.26 23.81 8.03
N HIS A 111 -5.33 23.66 8.97
CA HIS A 111 -4.41 24.74 9.33
C HIS A 111 -2.96 24.23 9.41
N HIS A 112 -2.08 24.82 8.60
CA HIS A 112 -0.69 24.37 8.48
C HIS A 112 0.26 25.13 9.42
N HIS A 113 -0.23 26.19 10.07
CA HIS A 113 0.60 26.97 10.98
C HIS A 113 0.72 26.30 12.37
N HIS A 114 1.95 26.12 12.82
CA HIS A 114 2.25 25.43 14.07
C HIS A 114 1.80 26.27 15.30
N HIS A 115 0.62 25.96 15.83
CA HIS A 115 0.11 26.65 17.03
C HIS A 115 0.46 25.85 18.30
N HIS A 116 0.59 24.54 18.15
CA HIS A 116 0.99 23.64 19.25
C HIS A 116 2.03 22.62 18.78
N MET A 1 -0.13 -18.63 20.48
CA MET A 1 0.78 -19.70 20.95
C MET A 1 1.96 -19.90 19.98
N ALA A 2 3.11 -20.29 20.51
CA ALA A 2 4.33 -20.50 19.71
C ALA A 2 4.29 -21.86 18.99
N ALA A 3 3.65 -22.85 19.63
CA ALA A 3 3.52 -24.20 19.04
C ALA A 3 2.27 -24.32 18.15
N SER A 4 1.68 -23.19 17.80
CA SER A 4 0.46 -23.16 16.96
C SER A 4 0.60 -22.14 15.83
N THR A 5 -0.27 -22.25 14.84
CA THR A 5 -0.23 -21.36 13.66
C THR A 5 -0.85 -19.99 13.96
N VAL A 6 -0.05 -18.94 13.82
CA VAL A 6 -0.53 -17.56 14.08
C VAL A 6 -1.41 -17.05 12.92
N HIS A 7 -2.50 -16.36 13.26
CA HIS A 7 -3.38 -15.76 12.26
C HIS A 7 -3.12 -14.25 12.10
N THR A 8 -2.58 -13.85 10.95
CA THR A 8 -2.27 -12.45 10.67
C THR A 8 -2.37 -12.15 9.17
N SER A 9 -3.36 -11.33 8.79
CA SER A 9 -3.54 -10.93 7.39
C SER A 9 -2.78 -9.63 7.07
N PHE A 10 -2.77 -9.22 5.81
CA PHE A 10 -1.99 -8.05 5.38
C PHE A 10 -2.82 -7.10 4.49
N ILE A 11 -2.74 -5.80 4.79
CA ILE A 11 -3.45 -4.77 4.04
C ILE A 11 -2.46 -3.84 3.31
N LEU A 12 -2.84 -3.37 2.12
CA LEU A 12 -2.02 -2.40 1.37
C LEU A 12 -2.63 -0.99 1.45
N LYS A 13 -1.85 0.00 1.90
CA LYS A 13 -2.30 1.39 1.91
C LYS A 13 -1.53 2.23 0.88
N VAL A 14 -2.24 3.10 0.17
CA VAL A 14 -1.63 3.95 -0.87
C VAL A 14 -1.78 5.45 -0.54
N LEU A 15 -0.65 6.14 -0.42
CA LEU A 15 -0.64 7.59 -0.18
C LEU A 15 -0.62 8.32 -1.54
N TRP A 16 -1.75 8.90 -1.93
CA TRP A 16 -1.93 9.46 -3.27
C TRP A 16 -1.65 10.98 -3.30
N LEU A 17 -0.62 11.39 -4.04
CA LEU A 17 -0.29 12.82 -4.21
C LEU A 17 -0.33 13.21 -5.70
N ASP A 18 -0.13 14.51 -5.98
CA ASP A 18 -0.15 15.00 -7.36
C ASP A 18 1.17 14.68 -8.09
N GLN A 19 2.30 14.98 -7.45
CA GLN A 19 3.62 14.74 -8.04
C GLN A 19 4.17 13.36 -7.68
N ASN A 20 3.74 12.82 -6.53
CA ASN A 20 4.28 11.56 -6.01
C ASN A 20 3.18 10.58 -5.59
N VAL A 21 3.56 9.34 -5.30
CA VAL A 21 2.65 8.36 -4.72
C VAL A 21 3.44 7.34 -3.89
N ALA A 22 2.89 6.95 -2.73
CA ALA A 22 3.59 6.05 -1.81
C ALA A 22 2.79 4.77 -1.53
N ILE A 23 3.49 3.67 -1.33
CA ILE A 23 2.86 2.38 -1.00
C ILE A 23 3.46 1.78 0.28
N ALA A 24 2.60 1.18 1.11
CA ALA A 24 3.03 0.54 2.36
C ALA A 24 2.07 -0.58 2.78
N VAL A 25 2.60 -1.56 3.52
CA VAL A 25 1.80 -2.71 3.98
C VAL A 25 1.60 -2.68 5.50
N ASP A 26 0.38 -3.01 5.95
CA ASP A 26 0.05 -3.09 7.37
C ASP A 26 -0.35 -4.53 7.76
N GLN A 27 0.07 -4.96 8.95
CA GLN A 27 -0.23 -6.32 9.43
C GLN A 27 -1.44 -6.35 10.38
N ILE A 28 -2.38 -7.25 10.12
CA ILE A 28 -3.54 -7.44 11.00
C ILE A 28 -3.23 -8.44 12.12
N VAL A 29 -2.82 -7.92 13.27
CA VAL A 29 -2.47 -8.74 14.43
C VAL A 29 -3.73 -9.05 15.26
N GLY A 30 -3.67 -10.09 16.10
CA GLY A 30 -4.78 -10.37 17.02
C GLY A 30 -5.02 -9.23 18.00
N LYS A 31 -4.01 -8.39 18.17
CA LYS A 31 -4.09 -7.19 19.03
C LYS A 31 -4.69 -6.00 18.25
N GLY A 32 -4.61 -6.06 16.92
CA GLY A 32 -5.06 -4.96 16.07
C GLY A 32 -4.17 -4.81 14.85
N THR A 33 -4.40 -3.77 14.06
CA THR A 33 -3.59 -3.50 12.87
C THR A 33 -2.36 -2.66 13.20
N SER A 34 -1.24 -2.97 12.55
CA SER A 34 0.03 -2.26 12.82
C SER A 34 0.84 -2.09 11.52
N PRO A 35 1.44 -0.90 11.30
CA PRO A 35 2.25 -0.63 10.09
C PRO A 35 3.46 -1.56 9.97
N LEU A 36 3.52 -2.33 8.88
CA LEU A 36 4.61 -3.29 8.66
C LEU A 36 5.81 -2.64 7.95
N THR A 37 5.55 -1.99 6.82
CA THR A 37 6.62 -1.36 6.02
C THR A 37 6.45 0.16 5.98
N SER A 38 7.50 0.87 5.52
CA SER A 38 7.44 2.32 5.37
C SER A 38 6.77 2.72 4.05
N TYR A 39 6.50 4.02 3.90
CA TYR A 39 5.84 4.53 2.69
C TYR A 39 6.87 4.90 1.61
N PHE A 40 6.99 4.05 0.59
CA PHE A 40 7.97 4.25 -0.48
C PHE A 40 7.39 5.11 -1.62
N PHE A 41 7.98 6.29 -1.85
CA PHE A 41 7.51 7.21 -2.90
C PHE A 41 8.27 7.01 -4.23
N TRP A 42 7.52 6.78 -5.30
CA TRP A 42 8.11 6.72 -6.65
C TRP A 42 7.50 7.84 -7.53
N PRO A 43 8.18 8.27 -8.63
CA PRO A 43 9.45 7.70 -9.09
C PRO A 43 10.70 8.32 -8.42
N ARG A 44 10.53 8.86 -7.21
CA ARG A 44 11.67 9.41 -6.47
C ARG A 44 12.68 8.31 -6.10
N ALA A 45 12.17 7.11 -5.82
CA ALA A 45 13.01 5.95 -5.53
C ALA A 45 12.32 4.65 -5.97
N ASP A 46 13.08 3.56 -6.06
CA ASP A 46 12.52 2.26 -6.43
C ASP A 46 11.54 1.75 -5.35
N ALA A 47 10.30 2.23 -5.42
CA ALA A 47 9.27 1.91 -4.40
C ALA A 47 8.96 0.41 -4.35
N TRP A 48 8.58 -0.17 -5.47
CA TRP A 48 8.18 -1.58 -5.53
C TRP A 48 9.37 -2.51 -5.18
N GLN A 49 10.56 -2.15 -5.66
CA GLN A 49 11.78 -2.92 -5.39
C GLN A 49 12.12 -2.93 -3.89
N GLN A 50 11.94 -1.80 -3.22
CA GLN A 50 12.20 -1.71 -1.77
C GLN A 50 11.08 -2.41 -0.97
N LEU A 51 9.83 -2.22 -1.39
CA LEU A 51 8.68 -2.87 -0.73
C LEU A 51 8.81 -4.39 -0.76
N LYS A 52 9.07 -4.96 -1.93
CA LYS A 52 9.24 -6.41 -2.07
C LYS A 52 10.44 -6.89 -1.24
N ASP A 53 11.52 -6.12 -1.26
CA ASP A 53 12.74 -6.45 -0.52
C ASP A 53 12.45 -6.68 0.97
N GLU A 54 11.70 -5.76 1.56
CA GLU A 54 11.26 -5.86 2.95
C GLU A 54 10.42 -7.13 3.20
N LEU A 55 9.45 -7.38 2.32
CA LEU A 55 8.57 -8.55 2.44
C LEU A 55 9.35 -9.87 2.34
N GLU A 56 10.39 -9.89 1.50
CA GLU A 56 11.25 -11.08 1.36
C GLU A 56 12.10 -11.29 2.63
N ALA A 57 12.49 -10.20 3.26
CA ALA A 57 13.32 -10.25 4.48
C ALA A 57 12.50 -10.68 5.71
N LYS A 58 11.24 -10.25 5.78
CA LYS A 58 10.36 -10.62 6.89
C LYS A 58 9.80 -12.05 6.67
N HIS A 59 10.55 -13.04 7.13
CA HIS A 59 10.28 -14.44 6.80
C HIS A 59 8.95 -14.97 7.36
N TRP A 60 8.34 -14.23 8.28
CA TRP A 60 7.05 -14.64 8.85
C TRP A 60 5.87 -14.31 7.92
N ILE A 61 6.16 -13.56 6.85
CA ILE A 61 5.17 -13.30 5.79
C ILE A 61 5.04 -14.53 4.86
N ALA A 62 3.82 -15.00 4.66
CA ALA A 62 3.58 -16.12 3.75
C ALA A 62 3.74 -15.70 2.29
N GLU A 63 4.24 -16.60 1.45
CA GLU A 63 4.47 -16.29 0.03
C GLU A 63 3.19 -15.76 -0.65
N ALA A 64 2.05 -16.39 -0.32
CA ALA A 64 0.76 -15.92 -0.81
C ALA A 64 0.52 -14.43 -0.50
N ASP A 65 0.81 -14.03 0.74
CA ASP A 65 0.61 -12.64 1.16
C ASP A 65 1.54 -11.68 0.42
N ARG A 66 2.85 -11.97 0.40
CA ARG A 66 3.81 -11.08 -0.27
C ARG A 66 3.46 -10.93 -1.77
N ILE A 67 3.11 -12.02 -2.43
CA ILE A 67 2.72 -11.98 -3.85
C ILE A 67 1.43 -11.18 -4.05
N ASN A 68 0.43 -11.43 -3.21
CA ASN A 68 -0.85 -10.72 -3.27
C ASN A 68 -0.67 -9.19 -3.20
N VAL A 69 -0.07 -8.72 -2.10
CA VAL A 69 0.10 -7.29 -1.88
C VAL A 69 1.01 -6.62 -2.93
N LEU A 70 2.04 -7.35 -3.38
CA LEU A 70 2.93 -6.82 -4.43
C LEU A 70 2.21 -6.70 -5.78
N ASN A 71 1.36 -7.68 -6.12
CA ASN A 71 0.60 -7.64 -7.36
C ASN A 71 -0.40 -6.48 -7.37
N GLN A 72 -1.22 -6.38 -6.32
CA GLN A 72 -2.20 -5.29 -6.23
C GLN A 72 -1.50 -3.92 -6.14
N ALA A 73 -0.31 -3.89 -5.51
CA ALA A 73 0.52 -2.69 -5.50
C ALA A 73 0.94 -2.30 -6.92
N THR A 74 1.41 -3.28 -7.69
CA THR A 74 1.79 -3.08 -9.09
C THR A 74 0.60 -2.50 -9.88
N GLU A 75 -0.58 -3.08 -9.68
CA GLU A 75 -1.79 -2.58 -10.35
C GLU A 75 -2.07 -1.10 -10.01
N VAL A 76 -1.88 -0.73 -8.75
CA VAL A 76 -2.03 0.67 -8.32
C VAL A 76 -0.95 1.58 -8.97
N ILE A 77 0.29 1.09 -8.99
CA ILE A 77 1.40 1.82 -9.61
C ILE A 77 1.10 2.16 -11.09
N ASN A 78 0.71 1.15 -11.87
CA ASN A 78 0.33 1.35 -13.27
C ASN A 78 -0.93 2.21 -13.41
N PHE A 79 -1.82 2.12 -12.42
CA PHE A 79 -3.04 2.94 -12.39
C PHE A 79 -2.71 4.44 -12.24
N TRP A 80 -1.83 4.75 -11.29
CA TRP A 80 -1.35 6.13 -11.08
C TRP A 80 -0.71 6.68 -12.36
N GLN A 81 0.15 5.88 -12.98
CA GLN A 81 0.76 6.24 -14.26
C GLN A 81 -0.30 6.40 -15.36
N ASP A 82 -1.26 5.48 -15.39
CA ASP A 82 -2.36 5.51 -16.38
C ASP A 82 -3.15 6.83 -16.30
N LEU A 83 -3.48 7.24 -15.07
CA LEU A 83 -4.23 8.49 -14.86
C LEU A 83 -3.42 9.72 -15.32
N LYS A 84 -2.10 9.68 -15.14
CA LYS A 84 -1.24 10.77 -15.63
C LYS A 84 -1.20 10.80 -17.16
N ASN A 85 -1.11 9.61 -17.78
CA ASN A 85 -1.13 9.50 -19.25
C ASN A 85 -2.44 10.05 -19.83
N GLN A 86 -3.56 9.62 -19.25
CA GLN A 86 -4.89 10.07 -19.68
C GLN A 86 -5.29 11.39 -18.98
N ASN A 87 -4.38 11.92 -18.15
CA ASN A 87 -4.60 13.20 -17.47
C ASN A 87 -5.88 13.20 -16.60
N LYS A 88 -6.30 12.01 -16.18
CA LYS A 88 -7.52 11.86 -15.38
C LYS A 88 -7.31 12.25 -13.91
N GLN A 89 -7.76 13.44 -13.54
CA GLN A 89 -7.80 13.83 -12.13
C GLN A 89 -9.13 13.40 -11.51
N ILE A 90 -9.36 12.08 -11.48
CA ILE A 90 -10.62 11.53 -10.95
C ILE A 90 -10.71 11.67 -9.43
N SER A 91 -11.90 11.44 -8.88
CA SER A 91 -12.13 11.58 -7.44
C SER A 91 -11.61 10.36 -6.65
N MET A 92 -11.18 10.59 -5.42
CA MET A 92 -10.67 9.52 -4.54
C MET A 92 -11.68 8.35 -4.44
N ALA A 93 -12.96 8.69 -4.35
CA ALA A 93 -14.03 7.68 -4.35
C ALA A 93 -13.97 6.77 -5.59
N GLU A 94 -13.60 7.34 -6.74
CA GLU A 94 -13.50 6.59 -7.99
C GLU A 94 -12.27 5.66 -7.97
N ALA A 95 -11.19 6.10 -7.32
CA ALA A 95 -10.02 5.25 -7.11
C ALA A 95 -10.39 4.02 -6.27
N GLN A 96 -11.28 4.21 -5.30
CA GLN A 96 -11.83 3.10 -4.51
C GLN A 96 -12.79 2.23 -5.34
N GLY A 97 -13.37 2.82 -6.39
CA GLY A 97 -14.18 2.04 -7.32
C GLY A 97 -13.34 1.02 -8.10
N LYS A 98 -12.09 1.37 -8.36
CA LYS A 98 -11.14 0.48 -9.04
C LYS A 98 -10.42 -0.44 -8.03
N PHE A 99 -10.07 0.09 -6.86
CA PHE A 99 -9.39 -0.70 -5.82
C PHE A 99 -10.11 -0.64 -4.47
N PRO A 100 -11.31 -1.24 -4.35
CA PRO A 100 -12.05 -1.27 -3.08
C PRO A 100 -11.34 -2.12 -2.01
N GLU A 101 -10.44 -2.99 -2.46
CA GLU A 101 -9.67 -3.86 -1.58
C GLU A 101 -8.45 -3.13 -1.00
N VAL A 102 -7.93 -2.15 -1.75
CA VAL A 102 -6.73 -1.42 -1.37
C VAL A 102 -7.09 -0.09 -0.69
N VAL A 103 -6.51 0.16 0.48
CA VAL A 103 -6.86 1.36 1.25
C VAL A 103 -6.06 2.60 0.80
N PHE A 104 -6.71 3.46 0.03
CA PHE A 104 -6.12 4.75 -0.35
C PHE A 104 -6.32 5.78 0.77
N SER A 105 -5.30 6.60 1.01
CA SER A 105 -5.36 7.62 2.08
C SER A 105 -6.62 8.49 1.94
N GLY A 106 -7.55 8.35 2.87
CA GLY A 106 -8.80 9.09 2.82
C GLY A 106 -9.09 9.87 4.09
N SER A 107 -10.34 9.82 4.54
CA SER A 107 -10.79 10.57 5.71
C SER A 107 -11.71 9.71 6.59
N ASN A 108 -12.52 10.37 7.43
CA ASN A 108 -13.46 9.68 8.32
C ASN A 108 -14.35 8.65 7.58
N LEU A 109 -14.12 7.35 7.85
CA LEU A 109 -14.91 6.25 7.27
C LEU A 109 -14.92 6.30 5.74
N GLU A 110 -15.81 5.52 5.12
CA GLU A 110 -16.08 5.65 3.69
C GLU A 110 -16.80 6.98 3.43
N HIS A 111 -16.03 8.06 3.33
CA HIS A 111 -16.54 9.43 3.24
C HIS A 111 -17.79 9.55 2.35
N HIS A 112 -17.81 8.84 1.22
CA HIS A 112 -18.97 8.82 0.33
C HIS A 112 -19.10 7.46 -0.36
N HIS A 113 -19.92 6.58 0.21
CA HIS A 113 -20.13 5.25 -0.37
C HIS A 113 -21.61 5.01 -0.72
N HIS A 114 -21.90 5.01 -2.01
CA HIS A 114 -23.24 4.71 -2.53
C HIS A 114 -23.21 3.43 -3.39
N HIS A 115 -22.05 2.79 -3.45
CA HIS A 115 -21.86 1.58 -4.28
C HIS A 115 -20.56 0.85 -3.93
N HIS A 116 -20.27 -0.20 -4.68
CA HIS A 116 -19.00 -0.92 -4.56
C HIS A 116 -18.33 -1.10 -5.95
N MET A 1 -4.18 -25.48 6.31
CA MET A 1 -2.72 -25.21 6.29
C MET A 1 -2.07 -25.47 7.66
N ALA A 2 -1.30 -26.56 7.74
CA ALA A 2 -0.57 -26.90 8.97
C ALA A 2 0.86 -26.34 8.94
N ALA A 3 1.06 -25.18 9.55
CA ALA A 3 2.38 -24.54 9.56
C ALA A 3 2.60 -23.73 10.84
N SER A 4 3.82 -23.74 11.36
CA SER A 4 4.14 -22.99 12.58
C SER A 4 4.28 -21.48 12.29
N THR A 5 3.14 -20.83 12.09
CA THR A 5 3.10 -19.39 11.78
C THR A 5 1.80 -18.76 12.26
N VAL A 6 1.87 -17.56 12.82
CA VAL A 6 0.69 -16.84 13.30
C VAL A 6 -0.11 -16.24 12.13
N HIS A 7 -1.42 -16.52 12.09
CA HIS A 7 -2.29 -16.04 11.03
C HIS A 7 -2.34 -14.49 10.99
N THR A 8 -1.41 -13.89 10.27
CA THR A 8 -1.33 -12.43 10.16
C THR A 8 -1.71 -11.95 8.76
N SER A 9 -2.87 -11.33 8.65
CA SER A 9 -3.33 -10.77 7.36
C SER A 9 -2.56 -9.48 7.03
N PHE A 10 -2.56 -9.09 5.75
CA PHE A 10 -1.79 -7.92 5.31
C PHE A 10 -2.65 -6.93 4.50
N ILE A 11 -2.65 -5.68 4.93
CA ILE A 11 -3.44 -4.63 4.28
C ILE A 11 -2.55 -3.70 3.44
N LEU A 12 -3.01 -3.31 2.27
CA LEU A 12 -2.28 -2.37 1.41
C LEU A 12 -2.84 -0.95 1.54
N LYS A 13 -2.00 -0.01 1.97
CA LYS A 13 -2.40 1.40 2.03
C LYS A 13 -1.59 2.24 1.01
N VAL A 14 -2.28 3.08 0.26
CA VAL A 14 -1.64 3.92 -0.75
C VAL A 14 -1.84 5.41 -0.43
N LEU A 15 -0.73 6.10 -0.14
CA LEU A 15 -0.76 7.53 0.15
C LEU A 15 -0.70 8.32 -1.18
N TRP A 16 -1.85 8.80 -1.64
CA TRP A 16 -1.95 9.48 -2.94
C TRP A 16 -1.57 10.97 -2.81
N LEU A 17 -0.48 11.37 -3.48
CA LEU A 17 -0.01 12.76 -3.43
C LEU A 17 -0.49 13.55 -4.67
N ASP A 18 -0.03 14.80 -4.78
CA ASP A 18 -0.43 15.68 -5.88
C ASP A 18 -0.05 15.10 -7.25
N GLN A 19 1.25 15.08 -7.54
CA GLN A 19 1.75 14.53 -8.81
C GLN A 19 2.55 13.23 -8.57
N ASN A 20 2.67 12.85 -7.31
CA ASN A 20 3.39 11.62 -6.91
C ASN A 20 2.45 10.67 -6.14
N VAL A 21 2.97 9.50 -5.74
CA VAL A 21 2.20 8.54 -4.95
C VAL A 21 3.13 7.68 -4.06
N ALA A 22 2.62 7.24 -2.92
CA ALA A 22 3.40 6.41 -1.99
C ALA A 22 2.63 5.14 -1.59
N ILE A 23 3.35 4.04 -1.34
CA ILE A 23 2.73 2.75 -1.00
C ILE A 23 3.30 2.16 0.30
N ALA A 24 2.46 1.43 1.05
CA ALA A 24 2.88 0.77 2.30
C ALA A 24 1.92 -0.38 2.66
N VAL A 25 2.40 -1.31 3.50
CA VAL A 25 1.60 -2.45 3.94
C VAL A 25 1.54 -2.55 5.48
N ASP A 26 0.39 -2.95 6.02
CA ASP A 26 0.21 -3.11 7.47
C ASP A 26 -0.10 -4.58 7.83
N GLN A 27 0.40 -5.03 8.98
CA GLN A 27 0.16 -6.39 9.46
C GLN A 27 -0.99 -6.41 10.48
N ILE A 28 -1.95 -7.32 10.30
CA ILE A 28 -3.05 -7.47 11.24
C ILE A 28 -2.68 -8.43 12.38
N VAL A 29 -2.42 -7.86 13.55
CA VAL A 29 -1.99 -8.63 14.73
C VAL A 29 -3.20 -9.19 15.49
N GLY A 30 -2.98 -10.17 16.36
CA GLY A 30 -4.07 -10.79 17.11
C GLY A 30 -4.95 -9.79 17.87
N LYS A 31 -4.35 -8.72 18.37
CA LYS A 31 -5.10 -7.72 19.16
C LYS A 31 -5.34 -6.41 18.37
N GLY A 32 -5.22 -6.47 17.04
CA GLY A 32 -5.48 -5.28 16.22
C GLY A 32 -4.62 -5.22 14.96
N THR A 33 -4.09 -4.03 14.65
CA THR A 33 -3.27 -3.82 13.45
C THR A 33 -1.99 -3.05 13.76
N SER A 34 -0.97 -3.25 12.95
CA SER A 34 0.33 -2.60 13.16
C SER A 34 1.08 -2.39 11.83
N PRO A 35 1.73 -1.22 11.61
CA PRO A 35 2.47 -0.93 10.37
C PRO A 35 3.57 -1.96 10.07
N LEU A 36 3.61 -2.45 8.83
CA LEU A 36 4.60 -3.46 8.42
C LEU A 36 5.77 -2.83 7.63
N THR A 37 5.42 -1.99 6.65
CA THR A 37 6.45 -1.32 5.82
C THR A 37 6.28 0.21 5.85
N SER A 38 7.34 0.94 5.51
CA SER A 38 7.28 2.41 5.41
C SER A 38 6.60 2.84 4.10
N TYR A 39 6.31 4.13 4.00
CA TYR A 39 5.66 4.69 2.80
C TYR A 39 6.70 5.09 1.75
N PHE A 40 6.85 4.27 0.72
CA PHE A 40 7.86 4.48 -0.32
C PHE A 40 7.35 5.42 -1.42
N PHE A 41 8.15 6.42 -1.80
CA PHE A 41 7.71 7.47 -2.73
C PHE A 41 8.04 7.15 -4.20
N TRP A 42 7.02 7.22 -5.05
CA TRP A 42 7.14 6.96 -6.48
C TRP A 42 6.43 8.05 -7.31
N PRO A 43 7.09 8.63 -8.34
CA PRO A 43 8.49 8.32 -8.70
C PRO A 43 9.52 9.18 -7.95
N ARG A 44 10.11 8.63 -6.90
CA ARG A 44 11.24 9.25 -6.19
C ARG A 44 12.34 8.22 -5.95
N ALA A 45 11.91 7.03 -5.56
CA ALA A 45 12.78 5.86 -5.46
C ALA A 45 12.05 4.61 -5.99
N ASP A 46 12.76 3.51 -6.14
CA ASP A 46 12.14 2.26 -6.59
C ASP A 46 11.18 1.71 -5.51
N ALA A 47 9.95 2.21 -5.53
CA ALA A 47 8.94 1.89 -4.51
C ALA A 47 8.67 0.38 -4.40
N TRP A 48 8.26 -0.25 -5.49
CA TRP A 48 7.91 -1.67 -5.49
C TRP A 48 9.11 -2.53 -5.06
N GLN A 49 10.31 -2.11 -5.47
CA GLN A 49 11.55 -2.80 -5.07
C GLN A 49 11.75 -2.74 -3.54
N GLN A 50 11.48 -1.58 -2.94
CA GLN A 50 11.59 -1.42 -1.48
C GLN A 50 10.49 -2.21 -0.75
N LEU A 51 9.29 -2.23 -1.35
CA LEU A 51 8.16 -2.96 -0.77
C LEU A 51 8.42 -4.48 -0.74
N LYS A 52 8.79 -5.04 -1.89
CA LYS A 52 9.11 -6.47 -1.97
C LYS A 52 10.30 -6.81 -1.07
N ASP A 53 11.28 -5.90 -1.01
CA ASP A 53 12.47 -6.09 -0.18
C ASP A 53 12.09 -6.36 1.29
N GLU A 54 11.19 -5.53 1.82
CA GLU A 54 10.67 -5.71 3.18
C GLU A 54 9.92 -7.05 3.33
N LEU A 55 8.96 -7.28 2.43
CA LEU A 55 8.12 -8.49 2.50
C LEU A 55 8.94 -9.79 2.39
N GLU A 56 10.00 -9.75 1.58
CA GLU A 56 10.91 -10.90 1.43
C GLU A 56 11.85 -11.03 2.62
N ALA A 57 12.33 -9.89 3.13
CA ALA A 57 13.21 -9.87 4.31
C ALA A 57 12.50 -10.49 5.52
N LYS A 58 11.25 -10.10 5.72
CA LYS A 58 10.43 -10.67 6.79
C LYS A 58 9.94 -12.05 6.37
N HIS A 59 10.78 -13.07 6.57
CA HIS A 59 10.52 -14.42 6.06
C HIS A 59 9.34 -15.12 6.75
N TRP A 60 8.80 -14.51 7.81
CA TRP A 60 7.60 -15.04 8.46
C TRP A 60 6.34 -14.73 7.61
N ILE A 61 6.51 -13.94 6.56
CA ILE A 61 5.46 -13.69 5.56
C ILE A 61 5.39 -14.86 4.57
N ALA A 62 4.21 -15.44 4.41
CA ALA A 62 4.01 -16.54 3.45
C ALA A 62 4.02 -16.03 2.01
N GLU A 63 4.32 -16.93 1.06
CA GLU A 63 4.47 -16.55 -0.34
C GLU A 63 3.22 -15.89 -0.91
N ALA A 64 2.09 -16.60 -0.88
CA ALA A 64 0.83 -16.09 -1.44
C ALA A 64 0.46 -14.71 -0.88
N ASP A 65 0.73 -14.47 0.41
CA ASP A 65 0.46 -13.18 1.03
C ASP A 65 1.27 -12.04 0.39
N ARG A 66 2.59 -12.21 0.28
CA ARG A 66 3.44 -11.19 -0.34
C ARG A 66 3.15 -11.05 -1.85
N ILE A 67 2.90 -12.17 -2.52
CA ILE A 67 2.56 -12.17 -3.94
C ILE A 67 1.28 -11.35 -4.20
N ASN A 68 0.23 -11.62 -3.42
CA ASN A 68 -1.04 -10.92 -3.57
C ASN A 68 -0.89 -9.40 -3.38
N VAL A 69 -0.30 -8.98 -2.26
CA VAL A 69 -0.13 -7.55 -1.99
C VAL A 69 0.81 -6.88 -3.01
N LEU A 70 1.84 -7.60 -3.47
CA LEU A 70 2.74 -7.08 -4.51
C LEU A 70 2.02 -6.94 -5.86
N ASN A 71 1.16 -7.90 -6.18
CA ASN A 71 0.39 -7.86 -7.43
C ASN A 71 -0.56 -6.65 -7.46
N GLN A 72 -1.39 -6.52 -6.42
CA GLN A 72 -2.33 -5.40 -6.34
C GLN A 72 -1.60 -4.06 -6.21
N ALA A 73 -0.46 -4.05 -5.53
CA ALA A 73 0.40 -2.86 -5.45
C ALA A 73 0.87 -2.44 -6.86
N THR A 74 1.34 -3.41 -7.64
CA THR A 74 1.75 -3.17 -9.03
C THR A 74 0.58 -2.61 -9.84
N GLU A 75 -0.60 -3.19 -9.64
CA GLU A 75 -1.82 -2.73 -10.31
C GLU A 75 -2.12 -1.24 -9.99
N VAL A 76 -1.91 -0.86 -8.73
CA VAL A 76 -2.08 0.54 -8.31
C VAL A 76 -1.05 1.46 -8.99
N ILE A 77 0.20 1.00 -9.08
CA ILE A 77 1.25 1.75 -9.76
C ILE A 77 0.93 1.94 -11.26
N ASN A 78 0.55 0.85 -11.93
CA ASN A 78 0.14 0.91 -13.33
C ASN A 78 -1.09 1.81 -13.51
N PHE A 79 -2.03 1.72 -12.57
CA PHE A 79 -3.23 2.57 -12.55
C PHE A 79 -2.84 4.05 -12.47
N TRP A 80 -2.05 4.40 -11.46
CA TRP A 80 -1.55 5.77 -11.28
C TRP A 80 -0.83 6.28 -12.54
N GLN A 81 0.07 5.44 -13.08
CA GLN A 81 0.83 5.78 -14.29
C GLN A 81 -0.12 6.02 -15.47
N ASP A 82 -1.11 5.14 -15.63
CA ASP A 82 -2.09 5.26 -16.72
C ASP A 82 -2.86 6.58 -16.63
N LEU A 83 -3.25 6.97 -15.42
CA LEU A 83 -3.92 8.25 -15.19
C LEU A 83 -3.03 9.42 -15.60
N LYS A 84 -1.76 9.35 -15.22
CA LYS A 84 -0.78 10.38 -15.57
C LYS A 84 -0.58 10.46 -17.10
N ASN A 85 -0.61 9.30 -17.76
CA ASN A 85 -0.51 9.24 -19.22
C ASN A 85 -1.70 9.96 -19.90
N GLN A 86 -2.90 9.68 -19.40
CA GLN A 86 -4.13 10.26 -19.98
C GLN A 86 -4.53 11.58 -19.31
N ASN A 87 -3.73 12.02 -18.33
CA ASN A 87 -3.98 13.28 -17.61
C ASN A 87 -5.35 13.30 -16.91
N LYS A 88 -5.82 12.11 -16.49
CA LYS A 88 -7.11 11.99 -15.81
C LYS A 88 -7.06 12.63 -14.40
N GLN A 89 -7.81 13.72 -14.24
CA GLN A 89 -7.84 14.46 -12.97
C GLN A 89 -8.81 13.83 -11.95
N ILE A 90 -8.98 12.52 -11.99
CA ILE A 90 -9.99 11.84 -11.17
C ILE A 90 -9.74 12.03 -9.65
N SER A 91 -10.76 11.73 -8.86
CA SER A 91 -10.69 11.91 -7.40
C SER A 91 -10.41 10.57 -6.68
N MET A 92 -9.92 10.66 -5.44
CA MET A 92 -9.60 9.47 -4.64
C MET A 92 -10.77 8.48 -4.55
N ALA A 93 -11.99 9.01 -4.51
CA ALA A 93 -13.20 8.17 -4.43
C ALA A 93 -13.33 7.25 -5.66
N GLU A 94 -12.86 7.71 -6.80
CA GLU A 94 -12.87 6.92 -8.03
C GLU A 94 -11.81 5.82 -7.99
N ALA A 95 -10.67 6.11 -7.33
CA ALA A 95 -9.66 5.08 -7.08
C ALA A 95 -10.25 3.93 -6.25
N GLN A 96 -11.14 4.27 -5.32
CA GLN A 96 -11.89 3.26 -4.54
C GLN A 96 -12.84 2.44 -5.43
N GLY A 97 -13.14 2.96 -6.62
CA GLY A 97 -13.95 2.21 -7.59
C GLY A 97 -13.14 1.18 -8.34
N LYS A 98 -11.82 1.38 -8.40
CA LYS A 98 -10.90 0.45 -9.07
C LYS A 98 -10.33 -0.57 -8.07
N PHE A 99 -9.91 -0.09 -6.90
CA PHE A 99 -9.38 -0.97 -5.85
C PHE A 99 -10.08 -0.71 -4.51
N PRO A 100 -11.31 -1.22 -4.33
CA PRO A 100 -12.10 -0.98 -3.10
C PRO A 100 -11.48 -1.59 -1.84
N GLU A 101 -10.69 -2.66 -2.01
CA GLU A 101 -10.03 -3.32 -0.88
C GLU A 101 -8.80 -2.55 -0.40
N VAL A 102 -8.21 -1.75 -1.28
CA VAL A 102 -6.98 -1.01 -0.95
C VAL A 102 -7.31 0.32 -0.25
N VAL A 103 -6.62 0.60 0.86
CA VAL A 103 -6.87 1.81 1.65
C VAL A 103 -6.05 3.00 1.13
N PHE A 104 -6.71 3.91 0.42
CA PHE A 104 -6.07 5.15 -0.04
C PHE A 104 -6.18 6.26 1.02
N SER A 105 -5.06 6.87 1.38
CA SER A 105 -5.04 7.94 2.39
C SER A 105 -5.83 9.17 1.91
N GLY A 106 -6.73 9.66 2.75
CA GLY A 106 -7.57 10.79 2.38
C GLY A 106 -7.49 11.96 3.35
N SER A 107 -8.59 12.72 3.46
CA SER A 107 -8.61 13.93 4.30
C SER A 107 -8.99 13.63 5.75
N ASN A 108 -7.99 13.47 6.61
CA ASN A 108 -8.22 13.32 8.06
C ASN A 108 -8.16 14.68 8.77
N LEU A 109 -8.00 15.74 7.97
CA LEU A 109 -7.90 17.11 8.50
C LEU A 109 -9.27 17.81 8.47
N GLU A 110 -9.31 19.08 8.87
CA GLU A 110 -10.52 19.87 8.82
C GLU A 110 -10.73 20.44 7.40
N HIS A 111 -11.85 20.09 6.77
CA HIS A 111 -12.12 20.49 5.38
C HIS A 111 -12.26 22.01 5.25
N HIS A 112 -12.85 22.65 6.28
CA HIS A 112 -13.08 24.11 6.32
C HIS A 112 -13.60 24.70 4.99
N HIS A 113 -13.58 26.03 4.88
CA HIS A 113 -13.98 26.73 3.65
C HIS A 113 -15.46 26.51 3.30
N HIS A 114 -16.23 25.95 4.23
CA HIS A 114 -17.66 25.72 4.01
C HIS A 114 -18.53 26.42 5.07
N HIS A 115 -18.97 27.63 4.75
CA HIS A 115 -19.86 28.41 5.62
C HIS A 115 -21.02 29.00 4.80
N HIS A 116 -22.20 29.07 5.39
CA HIS A 116 -23.36 29.68 4.73
C HIS A 116 -23.46 31.17 5.07
N MET A 1 -12.69 -21.56 16.14
CA MET A 1 -12.25 -22.17 17.43
C MET A 1 -11.01 -23.06 17.25
N ALA A 2 -10.86 -23.68 16.08
CA ALA A 2 -9.68 -24.50 15.78
C ALA A 2 -8.66 -23.71 14.95
N ALA A 3 -7.46 -23.52 15.51
CA ALA A 3 -6.44 -22.70 14.84
C ALA A 3 -5.02 -23.26 15.07
N SER A 4 -4.48 -23.95 14.06
CA SER A 4 -3.11 -24.48 14.13
C SER A 4 -2.10 -23.44 13.61
N THR A 5 -2.59 -22.51 12.80
CA THR A 5 -1.77 -21.41 12.27
C THR A 5 -2.54 -20.08 12.32
N VAL A 6 -1.95 -19.08 12.98
CA VAL A 6 -2.61 -17.76 13.13
C VAL A 6 -2.86 -17.09 11.77
N HIS A 7 -1.92 -17.27 10.83
CA HIS A 7 -2.02 -16.70 9.48
C HIS A 7 -2.12 -15.17 9.51
N THR A 8 -0.98 -14.50 9.64
CA THR A 8 -0.92 -13.04 9.63
C THR A 8 -1.12 -12.49 8.21
N SER A 9 -2.26 -11.85 7.96
CA SER A 9 -2.55 -11.27 6.64
C SER A 9 -2.00 -9.83 6.55
N PHE A 10 -2.17 -9.19 5.39
CA PHE A 10 -1.59 -7.86 5.14
C PHE A 10 -2.56 -6.96 4.38
N ILE A 11 -2.56 -5.66 4.73
CA ILE A 11 -3.44 -4.67 4.08
C ILE A 11 -2.61 -3.57 3.39
N LEU A 12 -3.01 -3.19 2.17
CA LEU A 12 -2.30 -2.16 1.40
C LEU A 12 -2.92 -0.76 1.61
N LYS A 13 -2.08 0.20 1.99
CA LYS A 13 -2.48 1.60 2.14
C LYS A 13 -1.74 2.50 1.15
N VAL A 14 -2.48 3.15 0.26
CA VAL A 14 -1.90 4.04 -0.75
C VAL A 14 -2.22 5.52 -0.46
N LEU A 15 -1.17 6.32 -0.29
CA LEU A 15 -1.32 7.76 -0.05
C LEU A 15 -1.34 8.52 -1.39
N TRP A 16 -2.50 9.07 -1.74
CA TRP A 16 -2.69 9.75 -3.04
C TRP A 16 -2.30 11.24 -2.92
N LEU A 17 -1.22 11.65 -3.59
CA LEU A 17 -0.71 13.02 -3.51
C LEU A 17 -0.90 13.80 -4.82
N ASP A 18 -0.41 15.04 -4.82
CA ASP A 18 -0.53 15.96 -5.97
C ASP A 18 0.17 15.38 -7.22
N GLN A 19 1.47 15.09 -7.09
CA GLN A 19 2.27 14.59 -8.21
C GLN A 19 2.89 13.22 -7.90
N ASN A 20 2.68 12.72 -6.69
CA ASN A 20 3.26 11.43 -6.26
C ASN A 20 2.20 10.50 -5.67
N VAL A 21 2.61 9.25 -5.43
CA VAL A 21 1.73 8.22 -4.86
C VAL A 21 2.54 7.25 -3.98
N ALA A 22 2.20 7.18 -2.69
CA ALA A 22 2.97 6.36 -1.74
C ALA A 22 2.22 5.07 -1.36
N ILE A 23 2.98 3.99 -1.12
CA ILE A 23 2.39 2.72 -0.72
C ILE A 23 2.97 2.21 0.61
N ALA A 24 2.10 1.66 1.46
CA ALA A 24 2.51 1.08 2.75
C ALA A 24 1.66 -0.17 3.08
N VAL A 25 2.15 -1.03 3.98
CA VAL A 25 1.44 -2.27 4.34
C VAL A 25 1.33 -2.47 5.86
N ASP A 26 0.13 -2.80 6.33
CA ASP A 26 -0.10 -3.15 7.74
C ASP A 26 -0.35 -4.65 7.90
N GLN A 27 0.17 -5.25 8.97
CA GLN A 27 -0.04 -6.68 9.24
C GLN A 27 -1.27 -6.88 10.15
N ILE A 28 -2.17 -7.79 9.74
CA ILE A 28 -3.37 -8.09 10.51
C ILE A 28 -3.08 -9.03 11.69
N VAL A 29 -3.28 -8.52 12.91
CA VAL A 29 -3.03 -9.28 14.14
C VAL A 29 -4.33 -9.35 14.98
N GLY A 30 -4.37 -10.27 15.95
CA GLY A 30 -5.51 -10.34 16.87
C GLY A 30 -5.78 -9.01 17.59
N LYS A 31 -4.73 -8.19 17.70
CA LYS A 31 -4.84 -6.86 18.30
C LYS A 31 -5.48 -5.84 17.34
N GLY A 32 -5.39 -6.11 16.03
CA GLY A 32 -5.87 -5.18 15.02
C GLY A 32 -4.96 -5.16 13.78
N THR A 33 -4.33 -4.02 13.52
CA THR A 33 -3.35 -3.92 12.42
C THR A 33 -2.10 -3.15 12.86
N SER A 34 -0.94 -3.75 12.67
CA SER A 34 0.35 -3.14 13.05
C SER A 34 1.13 -2.69 11.80
N PRO A 35 1.59 -1.42 11.77
CA PRO A 35 2.32 -0.86 10.62
C PRO A 35 3.58 -1.67 10.27
N LEU A 36 3.53 -2.41 9.16
CA LEU A 36 4.66 -3.26 8.74
C LEU A 36 5.70 -2.44 7.96
N THR A 37 5.25 -1.82 6.87
CA THR A 37 6.15 -1.01 6.01
C THR A 37 5.71 0.46 5.97
N SER A 38 6.68 1.36 5.77
CA SER A 38 6.39 2.79 5.66
C SER A 38 5.91 3.15 4.24
N TYR A 39 5.50 4.41 4.07
CA TYR A 39 4.98 4.88 2.78
C TYR A 39 6.09 5.15 1.76
N PHE A 40 6.24 4.24 0.79
CA PHE A 40 7.22 4.42 -0.30
C PHE A 40 6.65 5.33 -1.41
N PHE A 41 7.27 6.49 -1.61
CA PHE A 41 6.75 7.50 -2.55
C PHE A 41 7.15 7.22 -4.01
N TRP A 42 6.21 6.72 -4.79
CA TRP A 42 6.41 6.50 -6.23
C TRP A 42 6.02 7.78 -7.02
N PRO A 43 6.82 8.19 -8.02
CA PRO A 43 8.07 7.53 -8.44
C PRO A 43 9.34 8.14 -7.82
N ARG A 44 9.18 8.83 -6.68
CA ARG A 44 10.32 9.46 -6.01
C ARG A 44 11.21 8.43 -5.27
N ALA A 45 10.74 7.19 -5.22
CA ALA A 45 11.49 6.07 -4.66
C ALA A 45 11.04 4.75 -5.30
N ASP A 46 11.92 3.76 -5.33
CA ASP A 46 11.58 2.44 -5.88
C ASP A 46 10.53 1.74 -5.01
N ALA A 47 9.26 2.07 -5.26
CA ALA A 47 8.15 1.60 -4.43
C ALA A 47 8.03 0.06 -4.39
N TRP A 48 7.71 -0.55 -5.53
CA TRP A 48 7.48 -1.99 -5.60
C TRP A 48 8.75 -2.78 -5.20
N GLN A 49 9.91 -2.31 -5.64
CA GLN A 49 11.18 -2.97 -5.34
C GLN A 49 11.47 -2.95 -3.82
N GLN A 50 11.41 -1.77 -3.21
CA GLN A 50 11.64 -1.65 -1.76
C GLN A 50 10.57 -2.40 -0.95
N LEU A 51 9.35 -2.45 -1.49
CA LEU A 51 8.26 -3.18 -0.84
C LEU A 51 8.53 -4.69 -0.81
N LYS A 52 8.82 -5.28 -1.98
CA LYS A 52 9.13 -6.71 -2.05
C LYS A 52 10.39 -7.04 -1.26
N ASP A 53 11.38 -6.14 -1.30
CA ASP A 53 12.60 -6.30 -0.51
C ASP A 53 12.28 -6.34 1.00
N GLU A 54 11.40 -5.44 1.44
CA GLU A 54 10.92 -5.41 2.82
C GLU A 54 10.28 -6.75 3.23
N LEU A 55 9.61 -7.40 2.29
CA LEU A 55 8.94 -8.68 2.54
C LEU A 55 9.93 -9.86 2.43
N GLU A 56 10.86 -9.78 1.48
CA GLU A 56 11.86 -10.84 1.28
C GLU A 56 12.79 -10.99 2.49
N ALA A 57 13.17 -9.86 3.09
CA ALA A 57 14.01 -9.88 4.29
C ALA A 57 13.29 -10.52 5.48
N LYS A 58 11.96 -10.41 5.49
CA LYS A 58 11.14 -11.00 6.55
C LYS A 58 10.77 -12.46 6.23
N HIS A 59 11.54 -13.40 6.76
CA HIS A 59 11.34 -14.82 6.45
C HIS A 59 10.04 -15.38 7.08
N TRP A 60 9.40 -14.59 7.93
CA TRP A 60 8.12 -14.99 8.53
C TRP A 60 6.93 -14.64 7.61
N ILE A 61 7.23 -13.98 6.49
CA ILE A 61 6.23 -13.72 5.43
C ILE A 61 6.20 -14.89 4.43
N ALA A 62 5.00 -15.26 3.98
CA ALA A 62 4.85 -16.35 3.02
C ALA A 62 4.74 -15.81 1.59
N GLU A 63 5.02 -16.65 0.60
CA GLU A 63 4.98 -16.22 -0.78
C GLU A 63 3.55 -15.83 -1.21
N ALA A 64 2.57 -16.65 -0.82
CA ALA A 64 1.17 -16.38 -1.15
C ALA A 64 0.72 -14.96 -0.75
N ASP A 65 1.00 -14.56 0.50
CA ASP A 65 0.57 -13.25 1.00
C ASP A 65 1.44 -12.09 0.48
N ARG A 66 2.75 -12.31 0.32
CA ARG A 66 3.60 -11.26 -0.26
C ARG A 66 3.20 -10.97 -1.72
N ILE A 67 2.95 -12.03 -2.49
CA ILE A 67 2.54 -11.88 -3.90
C ILE A 67 1.19 -11.16 -3.98
N ASN A 68 0.27 -11.48 -3.07
CA ASN A 68 -1.03 -10.81 -2.99
C ASN A 68 -0.87 -9.28 -2.94
N VAL A 69 -0.13 -8.79 -1.93
CA VAL A 69 0.07 -7.35 -1.76
C VAL A 69 0.94 -6.75 -2.89
N LEU A 70 1.91 -7.51 -3.38
CA LEU A 70 2.76 -7.05 -4.48
C LEU A 70 1.96 -6.86 -5.79
N ASN A 71 1.04 -7.79 -6.06
CA ASN A 71 0.18 -7.69 -7.25
C ASN A 71 -0.79 -6.51 -7.16
N GLN A 72 -1.55 -6.43 -6.07
CA GLN A 72 -2.52 -5.36 -5.88
C GLN A 72 -1.82 -3.98 -5.83
N ALA A 73 -0.61 -3.94 -5.28
CA ALA A 73 0.21 -2.72 -5.29
C ALA A 73 0.62 -2.36 -6.73
N THR A 74 1.08 -3.36 -7.48
CA THR A 74 1.42 -3.19 -8.91
C THR A 74 0.22 -2.66 -9.69
N GLU A 75 -0.96 -3.23 -9.43
CA GLU A 75 -2.22 -2.77 -10.04
C GLU A 75 -2.40 -1.24 -9.85
N VAL A 76 -2.30 -0.79 -8.60
CA VAL A 76 -2.45 0.64 -8.28
C VAL A 76 -1.36 1.51 -8.96
N ILE A 77 -0.11 1.09 -8.85
CA ILE A 77 1.02 1.82 -9.45
C ILE A 77 0.86 1.93 -10.98
N ASN A 78 0.65 0.80 -11.64
CA ASN A 78 0.42 0.77 -13.09
C ASN A 78 -0.78 1.65 -13.48
N PHE A 79 -1.82 1.64 -12.63
CA PHE A 79 -3.00 2.49 -12.85
C PHE A 79 -2.64 3.99 -12.77
N TRP A 80 -1.88 4.37 -11.75
CA TRP A 80 -1.42 5.75 -11.58
C TRP A 80 -0.63 6.21 -12.81
N GLN A 81 0.28 5.34 -13.29
CA GLN A 81 1.07 5.63 -14.49
C GLN A 81 0.15 5.70 -15.73
N ASP A 82 -0.89 4.89 -15.75
CA ASP A 82 -1.89 4.91 -16.82
C ASP A 82 -2.66 6.24 -16.82
N LEU A 83 -2.88 6.81 -15.64
CA LEU A 83 -3.50 8.12 -15.53
C LEU A 83 -2.61 9.21 -16.16
N LYS A 84 -1.31 8.95 -16.21
CA LYS A 84 -0.34 9.89 -16.79
C LYS A 84 -0.31 9.85 -18.32
N ASN A 85 -0.24 8.66 -18.92
CA ASN A 85 -0.18 8.56 -20.40
C ASN A 85 -1.51 8.99 -21.04
N GLN A 86 -2.62 8.86 -20.31
CA GLN A 86 -3.93 9.32 -20.77
C GLN A 86 -4.24 10.76 -20.28
N ASN A 87 -3.45 11.24 -19.31
CA ASN A 87 -3.68 12.55 -18.68
C ASN A 87 -5.10 12.69 -18.10
N LYS A 88 -5.37 11.95 -17.01
CA LYS A 88 -6.67 12.01 -16.34
C LYS A 88 -6.61 12.87 -15.06
N GLN A 89 -5.64 12.58 -14.20
CA GLN A 89 -5.47 13.30 -12.92
C GLN A 89 -6.75 13.25 -12.07
N ILE A 90 -7.20 12.04 -11.75
CA ILE A 90 -8.40 11.84 -10.95
C ILE A 90 -8.09 11.81 -9.43
N SER A 91 -9.12 11.99 -8.62
CA SER A 91 -8.96 12.05 -7.16
C SER A 91 -8.89 10.65 -6.52
N MET A 92 -8.54 10.62 -5.23
CA MET A 92 -8.46 9.36 -4.48
C MET A 92 -9.83 8.66 -4.39
N ALA A 93 -10.91 9.44 -4.51
CA ALA A 93 -12.27 8.90 -4.58
C ALA A 93 -12.41 7.90 -5.74
N GLU A 94 -11.94 8.32 -6.90
CA GLU A 94 -11.96 7.49 -8.11
C GLU A 94 -11.04 6.26 -7.96
N ALA A 95 -9.95 6.44 -7.20
CA ALA A 95 -9.07 5.32 -6.86
C ALA A 95 -9.79 4.32 -5.93
N GLN A 96 -10.64 4.84 -5.06
CA GLN A 96 -11.50 4.00 -4.20
C GLN A 96 -12.56 3.26 -5.04
N GLY A 97 -13.13 3.96 -6.02
CA GLY A 97 -14.06 3.32 -6.94
C GLY A 97 -13.41 2.27 -7.82
N LYS A 98 -12.10 2.39 -8.00
CA LYS A 98 -11.32 1.42 -8.79
C LYS A 98 -10.85 0.24 -7.93
N PHE A 99 -10.35 0.55 -6.72
CA PHE A 99 -9.84 -0.47 -5.79
C PHE A 99 -10.50 -0.34 -4.40
N PRO A 100 -11.70 -0.94 -4.22
CA PRO A 100 -12.47 -0.81 -2.97
C PRO A 100 -11.79 -1.42 -1.73
N GLU A 101 -10.93 -2.42 -1.93
CA GLU A 101 -10.28 -3.11 -0.81
C GLU A 101 -8.93 -2.49 -0.43
N VAL A 102 -8.47 -1.52 -1.21
CA VAL A 102 -7.21 -0.83 -0.90
C VAL A 102 -7.48 0.46 -0.09
N VAL A 103 -6.77 0.64 1.01
CA VAL A 103 -6.98 1.80 1.90
C VAL A 103 -6.28 3.05 1.38
N PHE A 104 -7.02 4.14 1.21
CA PHE A 104 -6.46 5.41 0.76
C PHE A 104 -6.68 6.54 1.78
N SER A 105 -5.59 7.21 2.15
CA SER A 105 -5.66 8.40 3.02
C SER A 105 -5.77 9.67 2.16
N GLY A 106 -6.82 10.47 2.39
CA GLY A 106 -7.06 11.64 1.54
C GLY A 106 -7.19 12.96 2.30
N SER A 107 -8.17 13.76 1.91
CA SER A 107 -8.34 15.13 2.45
C SER A 107 -9.38 15.17 3.59
N ASN A 108 -10.15 14.09 3.74
CA ASN A 108 -11.19 14.03 4.78
C ASN A 108 -10.58 14.08 6.20
N LEU A 109 -9.59 13.22 6.44
CA LEU A 109 -8.89 13.19 7.74
C LEU A 109 -7.79 14.26 7.80
N GLU A 110 -7.47 14.73 9.01
CA GLU A 110 -6.43 15.74 9.20
C GLU A 110 -5.07 15.26 8.69
N HIS A 111 -4.33 16.18 8.06
CA HIS A 111 -3.05 15.84 7.45
C HIS A 111 -2.03 16.98 7.60
N HIS A 112 -0.90 16.69 8.26
CA HIS A 112 0.15 17.69 8.53
C HIS A 112 -0.39 18.88 9.35
N HIS A 113 -1.43 18.61 10.16
CA HIS A 113 -2.10 19.67 10.94
C HIS A 113 -1.40 19.93 12.28
N HIS A 114 -0.26 19.28 12.52
CA HIS A 114 0.48 19.46 13.77
C HIS A 114 1.92 19.96 13.51
N HIS A 115 2.16 21.23 13.82
CA HIS A 115 3.49 21.84 13.68
C HIS A 115 4.01 22.34 15.04
N HIS A 116 5.32 22.28 15.23
CA HIS A 116 5.95 22.82 16.45
C HIS A 116 6.39 24.29 16.25
N MET A 1 -13.04 -25.07 17.59
CA MET A 1 -11.67 -24.57 17.87
C MET A 1 -11.23 -24.88 19.32
N ALA A 2 -10.58 -26.02 19.51
CA ALA A 2 -9.97 -26.34 20.82
C ALA A 2 -8.54 -25.78 20.89
N ALA A 3 -7.85 -25.84 19.77
CA ALA A 3 -6.54 -25.19 19.63
C ALA A 3 -6.62 -24.06 18.59
N SER A 4 -6.58 -22.80 19.06
CA SER A 4 -6.74 -21.64 18.18
C SER A 4 -5.39 -21.09 17.69
N THR A 5 -5.20 -21.07 16.38
CA THR A 5 -3.98 -20.50 15.76
C THR A 5 -4.26 -19.10 15.21
N VAL A 6 -3.43 -18.13 15.58
CA VAL A 6 -3.58 -16.75 15.10
C VAL A 6 -3.16 -16.63 13.62
N HIS A 7 -3.85 -15.77 12.86
CA HIS A 7 -3.51 -15.56 11.44
C HIS A 7 -3.28 -14.07 11.15
N THR A 8 -2.02 -13.64 11.25
CA THR A 8 -1.67 -12.24 10.98
C THR A 8 -1.73 -11.94 9.48
N SER A 9 -2.89 -11.47 9.01
CA SER A 9 -3.08 -11.10 7.61
C SER A 9 -2.41 -9.75 7.29
N PHE A 10 -2.39 -9.38 6.01
CA PHE A 10 -1.73 -8.14 5.59
C PHE A 10 -2.68 -7.25 4.78
N ILE A 11 -2.58 -5.93 4.99
CA ILE A 11 -3.44 -4.95 4.30
C ILE A 11 -2.60 -3.91 3.54
N LEU A 12 -2.90 -3.70 2.26
CA LEU A 12 -2.17 -2.74 1.44
C LEU A 12 -2.77 -1.33 1.53
N LYS A 13 -1.91 -0.34 1.79
CA LYS A 13 -2.32 1.07 1.81
C LYS A 13 -1.59 1.88 0.73
N VAL A 14 -2.30 2.84 0.14
CA VAL A 14 -1.72 3.72 -0.87
C VAL A 14 -1.95 5.20 -0.52
N LEU A 15 -0.87 5.92 -0.22
CA LEU A 15 -0.93 7.35 0.06
C LEU A 15 -0.99 8.14 -1.26
N TRP A 16 -2.18 8.63 -1.59
CA TRP A 16 -2.40 9.30 -2.88
C TRP A 16 -2.23 10.82 -2.75
N LEU A 17 -1.24 11.37 -3.45
CA LEU A 17 -0.94 12.80 -3.38
C LEU A 17 -1.35 13.55 -4.66
N ASP A 18 -1.08 14.86 -4.68
CA ASP A 18 -1.37 15.71 -5.85
C ASP A 18 -0.84 15.08 -7.15
N GLN A 19 0.48 14.88 -7.21
CA GLN A 19 1.12 14.22 -8.36
C GLN A 19 1.64 12.83 -8.00
N ASN A 20 2.48 12.77 -6.96
CA ASN A 20 3.17 11.54 -6.56
C ASN A 20 2.25 10.56 -5.82
N VAL A 21 2.79 9.38 -5.53
CA VAL A 21 2.04 8.31 -4.85
C VAL A 21 2.98 7.47 -3.96
N ALA A 22 2.49 7.06 -2.80
CA ALA A 22 3.29 6.24 -1.87
C ALA A 22 2.51 4.99 -1.43
N ILE A 23 3.24 3.94 -1.04
CA ILE A 23 2.61 2.67 -0.61
C ILE A 23 3.17 2.18 0.74
N ALA A 24 2.32 1.49 1.50
CA ALA A 24 2.69 0.93 2.82
C ALA A 24 1.76 -0.23 3.20
N VAL A 25 2.25 -1.18 4.00
CA VAL A 25 1.45 -2.36 4.38
C VAL A 25 1.30 -2.48 5.91
N ASP A 26 0.11 -2.90 6.36
CA ASP A 26 -0.13 -3.18 7.77
C ASP A 26 -0.25 -4.69 8.04
N GLN A 27 0.18 -5.10 9.23
CA GLN A 27 0.04 -6.49 9.68
C GLN A 27 -1.09 -6.59 10.72
N ILE A 28 -2.02 -7.52 10.51
CA ILE A 28 -3.15 -7.71 11.44
C ILE A 28 -2.72 -8.54 12.65
N VAL A 29 -2.35 -7.84 13.73
CA VAL A 29 -1.89 -8.47 14.97
C VAL A 29 -3.09 -8.91 15.83
N GLY A 30 -2.84 -9.79 16.80
CA GLY A 30 -3.89 -10.20 17.73
C GLY A 30 -4.52 -9.02 18.50
N LYS A 31 -3.87 -7.86 18.44
CA LYS A 31 -4.38 -6.64 19.09
C LYS A 31 -5.07 -5.69 18.08
N GLY A 32 -5.14 -6.12 16.82
CA GLY A 32 -5.70 -5.27 15.77
C GLY A 32 -4.79 -5.17 14.55
N THR A 33 -4.42 -3.95 14.18
CA THR A 33 -3.52 -3.72 13.04
C THR A 33 -2.28 -2.91 13.45
N SER A 34 -1.14 -3.20 12.84
CA SER A 34 0.11 -2.48 13.15
C SER A 34 0.94 -2.25 11.87
N PRO A 35 1.57 -1.06 11.73
CA PRO A 35 2.40 -0.74 10.56
C PRO A 35 3.53 -1.75 10.29
N LEU A 36 3.43 -2.47 9.17
CA LEU A 36 4.44 -3.46 8.79
C LEU A 36 5.62 -2.79 8.06
N THR A 37 5.32 -1.90 7.11
CA THR A 37 6.35 -1.19 6.33
C THR A 37 6.17 0.34 6.40
N SER A 38 7.19 1.07 5.95
CA SER A 38 7.11 2.53 5.86
C SER A 38 6.53 2.99 4.51
N TYR A 39 6.46 4.31 4.30
CA TYR A 39 5.91 4.87 3.06
C TYR A 39 6.97 4.92 1.95
N PHE A 40 6.81 4.05 0.94
CA PHE A 40 7.70 4.04 -0.23
C PHE A 40 7.17 4.97 -1.32
N PHE A 41 7.96 5.98 -1.68
CA PHE A 41 7.50 7.03 -2.61
C PHE A 41 7.86 6.72 -4.08
N TRP A 42 6.84 6.78 -4.93
CA TRP A 42 6.97 6.56 -6.38
C TRP A 42 6.48 7.81 -7.14
N PRO A 43 7.18 8.25 -8.21
CA PRO A 43 8.38 7.59 -8.75
C PRO A 43 9.71 8.13 -8.16
N ARG A 44 9.64 8.76 -6.99
CA ARG A 44 10.85 9.26 -6.31
C ARG A 44 11.85 8.13 -6.02
N ALA A 45 11.34 6.91 -5.93
CA ALA A 45 12.15 5.71 -5.78
C ALA A 45 11.37 4.49 -6.27
N ASP A 46 12.07 3.36 -6.45
CA ASP A 46 11.41 2.13 -6.86
C ASP A 46 10.57 1.53 -5.72
N ALA A 47 9.40 2.12 -5.51
CA ALA A 47 8.50 1.74 -4.41
C ALA A 47 8.19 0.24 -4.37
N TRP A 48 7.91 -0.34 -5.54
CA TRP A 48 7.57 -1.77 -5.61
C TRP A 48 8.78 -2.64 -5.26
N GLN A 49 9.95 -2.26 -5.79
CA GLN A 49 11.20 -2.99 -5.48
C GLN A 49 11.52 -2.92 -3.98
N GLN A 50 11.34 -1.74 -3.39
CA GLN A 50 11.58 -1.54 -1.95
C GLN A 50 10.55 -2.33 -1.11
N LEU A 51 9.28 -2.31 -1.53
CA LEU A 51 8.22 -3.02 -0.83
C LEU A 51 8.45 -4.54 -0.83
N LYS A 52 8.68 -5.11 -2.02
CA LYS A 52 8.90 -6.55 -2.15
C LYS A 52 10.12 -7.00 -1.34
N ASP A 53 11.19 -6.19 -1.37
CA ASP A 53 12.41 -6.50 -0.64
C ASP A 53 12.13 -6.60 0.87
N GLU A 54 11.28 -5.71 1.38
CA GLU A 54 10.81 -5.79 2.76
C GLU A 54 10.09 -7.11 3.05
N LEU A 55 9.11 -7.44 2.22
CA LEU A 55 8.33 -8.67 2.39
C LEU A 55 9.21 -9.92 2.26
N GLU A 56 10.23 -9.86 1.42
CA GLU A 56 11.19 -10.96 1.27
C GLU A 56 12.15 -11.03 2.47
N ALA A 57 12.51 -9.86 3.01
CA ALA A 57 13.40 -9.78 4.18
C ALA A 57 12.68 -10.24 5.47
N LYS A 58 11.37 -10.10 5.51
CA LYS A 58 10.57 -10.55 6.66
C LYS A 58 10.10 -12.01 6.45
N HIS A 59 10.90 -12.96 6.95
CA HIS A 59 10.69 -14.38 6.66
C HIS A 59 9.41 -14.97 7.31
N TRP A 60 8.72 -14.20 8.16
CA TRP A 60 7.44 -14.66 8.71
C TRP A 60 6.26 -14.31 7.76
N ILE A 61 6.54 -13.50 6.74
CA ILE A 61 5.58 -13.24 5.66
C ILE A 61 5.57 -14.44 4.68
N ALA A 62 4.39 -14.92 4.32
CA ALA A 62 4.29 -16.10 3.45
C ALA A 62 4.40 -15.71 1.97
N GLU A 63 4.57 -16.70 1.11
CA GLU A 63 4.70 -16.47 -0.33
C GLU A 63 3.36 -16.04 -0.94
N ALA A 64 2.28 -16.73 -0.56
CA ALA A 64 0.95 -16.44 -1.11
C ALA A 64 0.50 -14.99 -0.86
N ASP A 65 0.60 -14.52 0.38
CA ASP A 65 0.15 -13.16 0.71
C ASP A 65 1.09 -12.08 0.17
N ARG A 66 2.42 -12.27 0.29
CA ARG A 66 3.37 -11.30 -0.26
C ARG A 66 3.16 -11.08 -1.77
N ILE A 67 2.97 -12.17 -2.50
CA ILE A 67 2.74 -12.08 -3.95
C ILE A 67 1.44 -11.30 -4.26
N ASN A 68 0.36 -11.65 -3.56
CA ASN A 68 -0.94 -10.98 -3.72
C ASN A 68 -0.79 -9.45 -3.59
N VAL A 69 -0.30 -8.99 -2.44
CA VAL A 69 -0.17 -7.55 -2.17
C VAL A 69 0.77 -6.86 -3.16
N LEU A 70 1.79 -7.58 -3.64
CA LEU A 70 2.71 -7.06 -4.65
C LEU A 70 2.01 -6.89 -6.02
N ASN A 71 1.13 -7.83 -6.37
CA ASN A 71 0.39 -7.75 -7.63
C ASN A 71 -0.59 -6.58 -7.63
N GLN A 72 -1.44 -6.52 -6.60
CA GLN A 72 -2.43 -5.43 -6.49
C GLN A 72 -1.75 -4.06 -6.37
N ALA A 73 -0.59 -4.02 -5.70
CA ALA A 73 0.23 -2.80 -5.63
C ALA A 73 0.70 -2.36 -7.02
N THR A 74 1.26 -3.33 -7.77
CA THR A 74 1.70 -3.07 -9.15
C THR A 74 0.56 -2.50 -10.01
N GLU A 75 -0.64 -3.06 -9.85
CA GLU A 75 -1.82 -2.58 -10.56
C GLU A 75 -2.11 -1.10 -10.24
N VAL A 76 -2.04 -0.73 -8.97
CA VAL A 76 -2.23 0.66 -8.54
C VAL A 76 -1.15 1.58 -9.14
N ILE A 77 0.10 1.12 -9.13
CA ILE A 77 1.21 1.89 -9.68
C ILE A 77 1.05 2.12 -11.20
N ASN A 78 0.75 1.05 -11.94
CA ASN A 78 0.51 1.15 -13.39
C ASN A 78 -0.71 2.04 -13.69
N PHE A 79 -1.73 1.92 -12.85
CA PHE A 79 -2.94 2.76 -12.96
C PHE A 79 -2.58 4.25 -12.79
N TRP A 80 -1.84 4.56 -11.73
CA TRP A 80 -1.37 5.93 -11.46
C TRP A 80 -0.65 6.53 -12.68
N GLN A 81 0.27 5.76 -13.25
CA GLN A 81 1.02 6.20 -14.43
C GLN A 81 0.12 6.31 -15.67
N ASP A 82 -0.78 5.34 -15.84
CA ASP A 82 -1.68 5.32 -16.99
C ASP A 82 -2.59 6.55 -17.00
N LEU A 83 -2.98 7.01 -15.81
CA LEU A 83 -3.75 8.26 -15.68
C LEU A 83 -2.90 9.46 -16.08
N LYS A 84 -1.62 9.45 -15.70
CA LYS A 84 -0.68 10.52 -16.07
C LYS A 84 -0.50 10.59 -17.60
N ASN A 85 -0.64 9.44 -18.27
CA ASN A 85 -0.62 9.40 -19.74
C ASN A 85 -1.88 10.04 -20.33
N GLN A 86 -3.03 9.74 -19.70
CA GLN A 86 -4.32 10.28 -20.13
C GLN A 86 -4.62 11.65 -19.49
N ASN A 87 -3.69 12.14 -18.66
CA ASN A 87 -3.84 13.41 -17.94
C ASN A 87 -5.08 13.40 -17.01
N LYS A 88 -5.56 12.21 -16.65
CA LYS A 88 -6.78 12.07 -15.84
C LYS A 88 -6.54 12.45 -14.37
N GLN A 89 -6.92 13.67 -14.02
CA GLN A 89 -6.85 14.15 -12.63
C GLN A 89 -8.02 13.61 -11.78
N ILE A 90 -7.96 12.33 -11.43
CA ILE A 90 -9.04 11.70 -10.66
C ILE A 90 -8.94 12.05 -9.16
N SER A 91 -9.99 11.72 -8.42
CA SER A 91 -10.03 11.94 -6.97
C SER A 91 -9.71 10.66 -6.20
N MET A 92 -9.55 10.79 -4.88
CA MET A 92 -9.34 9.63 -4.00
C MET A 92 -10.54 8.65 -4.10
N ALA A 93 -11.73 9.21 -4.28
CA ALA A 93 -12.94 8.40 -4.43
C ALA A 93 -12.87 7.50 -5.67
N GLU A 94 -12.41 8.05 -6.80
CA GLU A 94 -12.26 7.29 -8.03
C GLU A 94 -11.21 6.18 -7.88
N ALA A 95 -10.18 6.45 -7.08
CA ALA A 95 -9.18 5.43 -6.73
C ALA A 95 -9.85 4.24 -6.00
N GLN A 96 -10.71 4.56 -5.04
CA GLN A 96 -11.51 3.54 -4.33
C GLN A 96 -12.50 2.84 -5.29
N GLY A 97 -12.90 3.53 -6.35
CA GLY A 97 -13.77 2.93 -7.35
C GLY A 97 -13.06 1.89 -8.20
N LYS A 98 -11.73 1.99 -8.29
CA LYS A 98 -10.92 1.05 -9.08
C LYS A 98 -10.35 -0.07 -8.19
N PHE A 99 -9.87 0.29 -7.00
CA PHE A 99 -9.33 -0.68 -6.04
C PHE A 99 -9.97 -0.51 -4.65
N PRO A 100 -11.22 -1.00 -4.47
CA PRO A 100 -11.99 -0.81 -3.22
C PRO A 100 -11.40 -1.55 -2.01
N GLU A 101 -10.66 -2.63 -2.27
CA GLU A 101 -10.07 -3.43 -1.19
C GLU A 101 -8.75 -2.82 -0.67
N VAL A 102 -8.17 -1.90 -1.45
CA VAL A 102 -6.92 -1.25 -1.07
C VAL A 102 -7.19 0.05 -0.30
N VAL A 103 -6.55 0.21 0.86
CA VAL A 103 -6.78 1.38 1.70
C VAL A 103 -5.98 2.60 1.22
N PHE A 104 -6.66 3.53 0.56
CA PHE A 104 -6.02 4.77 0.10
C PHE A 104 -6.08 5.85 1.20
N SER A 105 -5.10 6.74 1.20
CA SER A 105 -5.04 7.82 2.21
C SER A 105 -4.49 9.12 1.60
N GLY A 106 -5.30 10.17 1.61
CA GLY A 106 -4.86 11.48 1.12
C GLY A 106 -5.08 12.59 2.13
N SER A 107 -4.05 13.38 2.40
CA SER A 107 -4.16 14.52 3.33
C SER A 107 -3.03 15.54 3.12
N ASN A 108 -1.96 15.43 3.93
CA ASN A 108 -0.81 16.35 3.86
C ASN A 108 0.16 16.10 5.03
N LEU A 109 1.45 16.30 4.79
CA LEU A 109 2.46 16.12 5.84
C LEU A 109 2.62 17.41 6.68
N GLU A 110 2.75 17.25 8.00
CA GLU A 110 2.84 18.40 8.91
C GLU A 110 4.15 19.20 8.72
N HIS A 111 4.15 20.44 9.19
CA HIS A 111 5.30 21.34 9.04
C HIS A 111 6.34 21.08 10.14
N HIS A 112 6.86 19.85 10.21
CA HIS A 112 7.82 19.47 11.25
C HIS A 112 9.25 19.93 10.89
N HIS A 113 9.81 19.38 9.81
CA HIS A 113 11.18 19.74 9.40
C HIS A 113 11.26 20.04 7.89
N HIS A 114 11.95 21.13 7.54
CA HIS A 114 12.17 21.46 6.13
C HIS A 114 13.01 20.38 5.43
N HIS A 115 12.67 20.08 4.18
CA HIS A 115 13.32 18.98 3.45
C HIS A 115 14.34 19.50 2.43
N HIS A 116 15.60 19.10 2.62
CA HIS A 116 16.71 19.50 1.75
C HIS A 116 16.75 18.65 0.46
N MET A 1 -11.86 -26.31 16.11
CA MET A 1 -10.64 -26.90 15.50
C MET A 1 -9.36 -26.32 16.11
N ALA A 2 -8.52 -27.17 16.67
CA ALA A 2 -7.23 -26.74 17.23
C ALA A 2 -6.17 -26.61 16.12
N ALA A 3 -6.08 -25.42 15.53
CA ALA A 3 -5.16 -25.18 14.40
C ALA A 3 -3.71 -24.99 14.88
N SER A 4 -3.53 -24.52 16.12
CA SER A 4 -2.21 -24.27 16.71
C SER A 4 -1.46 -23.12 16.00
N THR A 5 -0.98 -23.38 14.79
CA THR A 5 -0.21 -22.39 14.02
C THR A 5 -1.03 -21.13 13.71
N VAL A 6 -0.59 -19.99 14.26
CA VAL A 6 -1.29 -18.72 14.09
C VAL A 6 -0.92 -18.04 12.76
N HIS A 7 -1.94 -17.61 12.02
CA HIS A 7 -1.71 -16.89 10.75
C HIS A 7 -1.66 -15.37 10.98
N THR A 8 -1.21 -14.64 9.96
CA THR A 8 -1.21 -13.17 10.00
C THR A 8 -1.54 -12.59 8.62
N SER A 9 -2.61 -11.80 8.54
CA SER A 9 -3.03 -11.19 7.28
C SER A 9 -2.39 -9.81 7.08
N PHE A 10 -2.43 -9.30 5.84
CA PHE A 10 -1.78 -8.04 5.49
C PHE A 10 -2.68 -7.13 4.63
N ILE A 11 -2.66 -5.83 4.92
CA ILE A 11 -3.44 -4.84 4.15
C ILE A 11 -2.53 -3.86 3.42
N LEU A 12 -2.93 -3.44 2.22
CA LEU A 12 -2.17 -2.45 1.46
C LEU A 12 -2.77 -1.04 1.63
N LYS A 13 -1.98 -0.10 2.14
CA LYS A 13 -2.40 1.30 2.24
C LYS A 13 -1.66 2.18 1.23
N VAL A 14 -2.40 2.99 0.49
CA VAL A 14 -1.81 3.91 -0.50
C VAL A 14 -2.07 5.37 -0.12
N LEU A 15 -0.99 6.13 0.11
CA LEU A 15 -1.10 7.56 0.42
C LEU A 15 -1.17 8.38 -0.88
N TRP A 16 -2.34 8.93 -1.17
CA TRP A 16 -2.55 9.66 -2.43
C TRP A 16 -2.23 11.17 -2.24
N LEU A 17 -1.21 11.65 -2.96
CA LEU A 17 -0.77 13.05 -2.80
C LEU A 17 -1.03 13.89 -4.07
N ASP A 18 -0.65 15.17 -3.99
CA ASP A 18 -0.85 16.14 -5.07
C ASP A 18 -0.27 15.67 -6.42
N GLN A 19 1.00 15.23 -6.41
CA GLN A 19 1.65 14.71 -7.62
C GLN A 19 2.45 13.43 -7.34
N ASN A 20 2.25 12.84 -6.16
CA ASN A 20 2.99 11.63 -5.75
C ASN A 20 2.05 10.54 -5.22
N VAL A 21 2.54 9.31 -5.24
CA VAL A 21 1.79 8.16 -4.73
C VAL A 21 2.69 7.24 -3.87
N ALA A 22 2.32 7.05 -2.61
CA ALA A 22 3.11 6.22 -1.69
C ALA A 22 2.36 4.93 -1.31
N ILE A 23 3.09 3.81 -1.28
CA ILE A 23 2.49 2.51 -0.92
C ILE A 23 3.13 1.92 0.35
N ALA A 24 2.31 1.22 1.14
CA ALA A 24 2.79 0.56 2.37
C ALA A 24 1.90 -0.63 2.75
N VAL A 25 2.42 -1.54 3.55
CA VAL A 25 1.67 -2.73 4.01
C VAL A 25 1.54 -2.76 5.53
N ASP A 26 0.35 -3.12 6.02
CA ASP A 26 0.07 -3.23 7.46
C ASP A 26 -0.23 -4.68 7.85
N GLN A 27 0.29 -5.11 9.00
CA GLN A 27 0.07 -6.47 9.50
C GLN A 27 -1.15 -6.55 10.44
N ILE A 28 -2.10 -7.43 10.13
CA ILE A 28 -3.26 -7.65 10.99
C ILE A 28 -2.92 -8.62 12.14
N VAL A 29 -2.74 -8.08 13.33
CA VAL A 29 -2.40 -8.87 14.51
C VAL A 29 -3.68 -9.26 15.28
N GLY A 30 -3.63 -10.39 15.99
CA GLY A 30 -4.77 -10.80 16.82
C GLY A 30 -5.17 -9.76 17.87
N LYS A 31 -4.27 -8.81 18.15
CA LYS A 31 -4.56 -7.69 19.06
C LYS A 31 -5.10 -6.47 18.29
N GLY A 32 -4.65 -6.31 17.04
CA GLY A 32 -5.06 -5.18 16.23
C GLY A 32 -4.21 -5.00 14.97
N THR A 33 -4.53 -4.00 14.16
CA THR A 33 -3.78 -3.72 12.93
C THR A 33 -2.57 -2.81 13.21
N SER A 34 -1.41 -3.19 12.70
CA SER A 34 -0.17 -2.41 12.92
C SER A 34 0.63 -2.27 11.62
N PRO A 35 1.12 -1.04 11.31
CA PRO A 35 1.95 -0.81 10.11
C PRO A 35 3.17 -1.75 10.03
N LEU A 36 3.31 -2.45 8.90
CA LEU A 36 4.39 -3.41 8.71
C LEU A 36 5.60 -2.77 8.01
N THR A 37 5.34 -2.00 6.95
CA THR A 37 6.40 -1.33 6.18
C THR A 37 6.24 0.19 6.19
N SER A 38 7.20 0.89 5.60
CA SER A 38 7.10 2.35 5.44
C SER A 38 6.47 2.72 4.08
N TYR A 39 6.29 4.00 3.84
CA TYR A 39 5.62 4.48 2.61
C TYR A 39 6.64 4.82 1.50
N PHE A 40 6.63 4.01 0.44
CA PHE A 40 7.55 4.20 -0.68
C PHE A 40 6.92 5.08 -1.79
N PHE A 41 7.64 6.12 -2.21
CA PHE A 41 7.10 7.11 -3.15
C PHE A 41 7.41 6.80 -4.62
N TRP A 42 6.37 6.42 -5.36
CA TRP A 42 6.45 6.21 -6.81
C TRP A 42 6.07 7.52 -7.55
N PRO A 43 6.77 7.88 -8.65
CA PRO A 43 7.90 7.12 -9.21
C PRO A 43 9.27 7.63 -8.76
N ARG A 44 9.32 8.41 -7.69
CA ARG A 44 10.58 9.00 -7.20
C ARG A 44 11.57 7.91 -6.77
N ALA A 45 11.05 6.74 -6.40
CA ALA A 45 11.87 5.57 -6.10
C ALA A 45 11.19 4.29 -6.62
N ASP A 46 11.95 3.20 -6.68
CA ASP A 46 11.39 1.91 -7.10
C ASP A 46 10.48 1.33 -6.01
N ALA A 47 9.29 1.93 -5.87
CA ALA A 47 8.35 1.61 -4.79
C ALA A 47 8.05 0.10 -4.68
N TRP A 48 7.70 -0.52 -5.81
CA TRP A 48 7.33 -1.94 -5.82
C TRP A 48 8.52 -2.83 -5.41
N GLN A 49 9.69 -2.52 -5.98
CA GLN A 49 10.92 -3.26 -5.65
C GLN A 49 11.28 -3.12 -4.16
N GLN A 50 11.21 -1.89 -3.66
CA GLN A 50 11.49 -1.62 -2.25
C GLN A 50 10.47 -2.32 -1.34
N LEU A 51 9.21 -2.39 -1.77
CA LEU A 51 8.15 -3.04 -1.01
C LEU A 51 8.40 -4.56 -0.87
N LYS A 52 8.58 -5.24 -2.01
CA LYS A 52 8.83 -6.68 -2.00
C LYS A 52 10.10 -7.01 -1.20
N ASP A 53 11.13 -6.18 -1.36
CA ASP A 53 12.40 -6.35 -0.64
C ASP A 53 12.18 -6.35 0.89
N GLU A 54 11.29 -5.47 1.37
CA GLU A 54 10.93 -5.44 2.79
C GLU A 54 10.21 -6.71 3.22
N LEU A 55 9.25 -7.17 2.41
CA LEU A 55 8.49 -8.39 2.70
C LEU A 55 9.39 -9.64 2.67
N GLU A 56 10.41 -9.63 1.81
CA GLU A 56 11.39 -10.73 1.76
C GLU A 56 12.37 -10.61 2.94
N ALA A 57 12.66 -9.38 3.35
CA ALA A 57 13.48 -9.13 4.54
C ALA A 57 12.78 -9.62 5.81
N LYS A 58 11.46 -9.42 5.87
CA LYS A 58 10.64 -9.92 6.97
C LYS A 58 10.29 -11.40 6.72
N HIS A 59 11.17 -12.30 7.16
CA HIS A 59 11.09 -13.72 6.81
C HIS A 59 9.86 -14.45 7.38
N TRP A 60 9.04 -13.75 8.16
CA TRP A 60 7.81 -14.36 8.71
C TRP A 60 6.58 -14.08 7.80
N ILE A 61 6.82 -13.37 6.70
CA ILE A 61 5.79 -13.16 5.68
C ILE A 61 5.77 -14.32 4.68
N ALA A 62 4.60 -14.90 4.43
CA ALA A 62 4.47 -16.04 3.49
C ALA A 62 4.44 -15.58 2.02
N GLU A 63 4.73 -16.51 1.11
CA GLU A 63 4.74 -16.20 -0.32
C GLU A 63 3.37 -15.68 -0.81
N ALA A 64 2.32 -16.47 -0.58
CA ALA A 64 0.97 -16.10 -1.03
C ALA A 64 0.57 -14.70 -0.56
N ASP A 65 0.88 -14.39 0.70
CA ASP A 65 0.59 -13.07 1.27
C ASP A 65 1.40 -11.97 0.57
N ARG A 66 2.72 -12.14 0.45
CA ARG A 66 3.56 -11.12 -0.17
C ARG A 66 3.15 -10.89 -1.64
N ILE A 67 2.81 -11.98 -2.34
CA ILE A 67 2.43 -11.89 -3.76
C ILE A 67 1.07 -11.20 -3.95
N ASN A 68 0.11 -11.52 -3.07
CA ASN A 68 -1.21 -10.87 -3.11
C ASN A 68 -1.08 -9.34 -3.04
N VAL A 69 -0.40 -8.84 -2.01
CA VAL A 69 -0.23 -7.40 -1.82
C VAL A 69 0.63 -6.78 -2.95
N LEU A 70 1.61 -7.53 -3.45
CA LEU A 70 2.45 -7.05 -4.57
C LEU A 70 1.65 -6.93 -5.87
N ASN A 71 0.84 -7.93 -6.19
CA ASN A 71 0.03 -7.91 -7.42
C ASN A 71 -0.97 -6.74 -7.41
N GLN A 72 -1.73 -6.60 -6.33
CA GLN A 72 -2.69 -5.48 -6.21
C GLN A 72 -1.96 -4.13 -6.23
N ALA A 73 -0.79 -4.07 -5.57
CA ALA A 73 0.06 -2.87 -5.61
C ALA A 73 0.54 -2.57 -7.04
N THR A 74 0.87 -3.62 -7.79
CA THR A 74 1.31 -3.48 -9.18
C THR A 74 0.27 -2.72 -10.01
N GLU A 75 -0.99 -3.17 -9.92
CA GLU A 75 -2.09 -2.51 -10.64
C GLU A 75 -2.21 -1.04 -10.25
N VAL A 76 -2.20 -0.74 -8.95
CA VAL A 76 -2.27 0.64 -8.44
C VAL A 76 -1.16 1.52 -9.05
N ILE A 77 0.07 1.00 -9.03
CA ILE A 77 1.23 1.71 -9.58
C ILE A 77 1.06 2.02 -11.09
N ASN A 78 0.74 0.99 -11.88
CA ASN A 78 0.53 1.17 -13.32
C ASN A 78 -0.75 1.98 -13.61
N PHE A 79 -1.70 1.96 -12.67
CA PHE A 79 -2.93 2.76 -12.77
C PHE A 79 -2.59 4.25 -12.66
N TRP A 80 -1.79 4.60 -11.65
CA TRP A 80 -1.32 5.97 -11.47
C TRP A 80 -0.52 6.45 -12.70
N GLN A 81 0.38 5.59 -13.19
CA GLN A 81 1.16 5.90 -14.39
C GLN A 81 0.25 6.07 -15.61
N ASP A 82 -0.79 5.25 -15.70
CA ASP A 82 -1.80 5.36 -16.76
C ASP A 82 -2.46 6.75 -16.74
N LEU A 83 -2.85 7.19 -15.54
CA LEU A 83 -3.40 8.52 -15.33
C LEU A 83 -2.41 9.61 -15.74
N LYS A 84 -1.13 9.37 -15.49
CA LYS A 84 -0.06 10.30 -15.87
C LYS A 84 0.10 10.41 -17.40
N ASN A 85 0.03 9.28 -18.08
CA ASN A 85 0.13 9.24 -19.55
C ASN A 85 -1.02 10.05 -20.21
N GLN A 86 -2.22 9.92 -19.64
CA GLN A 86 -3.40 10.62 -20.16
C GLN A 86 -3.65 11.95 -19.44
N ASN A 87 -2.93 12.17 -18.34
CA ASN A 87 -3.08 13.39 -17.52
C ASN A 87 -4.50 13.52 -16.95
N LYS A 88 -5.05 12.41 -16.48
CA LYS A 88 -6.37 12.39 -15.85
C LYS A 88 -6.30 12.93 -14.42
N GLN A 89 -6.73 14.17 -14.21
CA GLN A 89 -6.79 14.76 -12.88
C GLN A 89 -7.99 14.18 -12.09
N ILE A 90 -7.76 13.06 -11.42
CA ILE A 90 -8.82 12.38 -10.67
C ILE A 90 -8.65 12.51 -9.16
N SER A 91 -9.65 12.07 -8.41
CA SER A 91 -9.63 12.12 -6.94
C SER A 91 -9.42 10.73 -6.33
N MET A 92 -9.04 10.68 -5.06
CA MET A 92 -8.83 9.40 -4.35
C MET A 92 -10.10 8.54 -4.37
N ALA A 93 -11.27 9.18 -4.38
CA ALA A 93 -12.56 8.48 -4.44
C ALA A 93 -12.70 7.68 -5.75
N GLU A 94 -12.10 8.17 -6.83
CA GLU A 94 -12.14 7.51 -8.12
C GLU A 94 -11.21 6.29 -8.15
N ALA A 95 -10.11 6.36 -7.41
CA ALA A 95 -9.17 5.23 -7.27
C ALA A 95 -9.84 4.08 -6.51
N GLN A 96 -10.59 4.42 -5.45
CA GLN A 96 -11.39 3.43 -4.70
C GLN A 96 -12.36 2.66 -5.61
N GLY A 97 -12.81 3.32 -6.68
CA GLY A 97 -13.72 2.68 -7.64
C GLY A 97 -13.12 1.45 -8.31
N LYS A 98 -11.80 1.35 -8.32
CA LYS A 98 -11.10 0.20 -8.91
C LYS A 98 -10.55 -0.73 -7.80
N PHE A 99 -10.02 -0.14 -6.72
CA PHE A 99 -9.35 -0.92 -5.66
C PHE A 99 -10.06 -0.78 -4.30
N PRO A 100 -11.18 -1.51 -4.09
CA PRO A 100 -11.93 -1.44 -2.83
C PRO A 100 -11.21 -2.15 -1.68
N GLU A 101 -10.33 -3.09 -2.03
CA GLU A 101 -9.57 -3.86 -1.04
C GLU A 101 -8.34 -3.07 -0.54
N VAL A 102 -8.04 -1.95 -1.22
CA VAL A 102 -6.87 -1.14 -0.86
C VAL A 102 -7.28 0.10 -0.05
N VAL A 103 -6.65 0.31 1.10
CA VAL A 103 -6.99 1.44 1.97
C VAL A 103 -6.17 2.69 1.60
N PHE A 104 -6.80 3.64 0.92
CA PHE A 104 -6.14 4.88 0.54
C PHE A 104 -6.14 5.89 1.71
N SER A 105 -4.95 6.26 2.16
CA SER A 105 -4.79 7.19 3.30
C SER A 105 -4.98 8.64 2.86
N GLY A 106 -5.91 9.35 3.51
CA GLY A 106 -6.18 10.75 3.17
C GLY A 106 -6.03 11.69 4.37
N SER A 107 -6.73 12.82 4.33
CA SER A 107 -6.63 13.84 5.38
C SER A 107 -7.93 13.97 6.19
N ASN A 108 -8.00 13.30 7.34
CA ASN A 108 -9.15 13.41 8.24
C ASN A 108 -8.94 14.57 9.24
N LEU A 109 -7.69 14.82 9.59
CA LEU A 109 -7.32 15.99 10.43
C LEU A 109 -6.22 16.82 9.77
N GLU A 110 -6.10 18.09 10.14
CA GLU A 110 -5.16 19.01 9.48
C GLU A 110 -3.73 18.87 10.02
N HIS A 111 -3.14 17.69 9.85
CA HIS A 111 -1.72 17.46 10.19
C HIS A 111 -0.95 16.89 8.98
N HIS A 112 -0.17 17.73 8.31
CA HIS A 112 0.67 17.30 7.20
C HIS A 112 2.15 17.55 7.52
N HIS A 113 3.01 16.60 7.17
CA HIS A 113 4.46 16.77 7.38
C HIS A 113 5.23 16.44 6.08
N HIS A 114 6.02 17.43 5.61
CA HIS A 114 6.74 17.30 4.33
C HIS A 114 7.75 16.14 4.36
N HIS A 115 8.46 16.00 5.48
CA HIS A 115 9.32 14.83 5.71
C HIS A 115 8.88 14.11 7.00
N HIS A 116 9.24 12.85 7.15
CA HIS A 116 8.85 12.08 8.35
C HIS A 116 9.98 12.09 9.42
N MET A 1 -7.65 -24.05 15.95
CA MET A 1 -8.51 -24.46 17.10
C MET A 1 -8.27 -23.56 18.32
N ALA A 2 -9.31 -22.82 18.74
CA ALA A 2 -9.19 -21.85 19.84
C ALA A 2 -7.99 -20.91 19.60
N ALA A 3 -8.07 -20.10 18.54
CA ALA A 3 -6.98 -19.22 18.11
C ALA A 3 -5.79 -20.03 17.56
N SER A 4 -5.07 -20.73 18.46
CA SER A 4 -3.91 -21.57 18.12
C SER A 4 -2.90 -20.85 17.20
N THR A 5 -3.17 -20.83 15.89
CA THR A 5 -2.29 -20.18 14.92
C THR A 5 -2.55 -18.66 14.89
N VAL A 6 -1.57 -17.88 15.36
CA VAL A 6 -1.70 -16.42 15.38
C VAL A 6 -1.76 -15.84 13.95
N HIS A 7 -2.99 -15.73 13.43
CA HIS A 7 -3.20 -15.19 12.09
C HIS A 7 -2.99 -13.67 12.06
N THR A 8 -1.83 -13.25 11.58
CA THR A 8 -1.52 -11.83 11.39
C THR A 8 -1.60 -11.46 9.92
N SER A 9 -2.73 -10.88 9.51
CA SER A 9 -2.99 -10.55 8.11
C SER A 9 -2.21 -9.30 7.66
N PHE A 10 -2.25 -9.01 6.35
CA PHE A 10 -1.50 -7.88 5.78
C PHE A 10 -2.42 -6.98 4.94
N ILE A 11 -2.24 -5.66 5.07
CA ILE A 11 -3.08 -4.68 4.36
C ILE A 11 -2.24 -3.71 3.53
N LEU A 12 -2.60 -3.53 2.26
CA LEU A 12 -1.90 -2.59 1.37
C LEU A 12 -2.48 -1.17 1.47
N LYS A 13 -1.62 -0.18 1.69
CA LYS A 13 -2.03 1.22 1.74
C LYS A 13 -1.37 2.03 0.62
N VAL A 14 -2.09 3.02 0.10
CA VAL A 14 -1.59 3.89 -0.97
C VAL A 14 -1.78 5.37 -0.62
N LEU A 15 -0.69 6.07 -0.35
CA LEU A 15 -0.71 7.51 -0.07
C LEU A 15 -0.75 8.29 -1.41
N TRP A 16 -1.88 8.92 -1.69
CA TRP A 16 -2.10 9.57 -2.99
C TRP A 16 -1.83 11.08 -2.92
N LEU A 17 -0.93 11.56 -3.79
CA LEU A 17 -0.60 13.00 -3.87
C LEU A 17 -0.80 13.53 -5.30
N ASP A 18 -0.58 14.84 -5.48
CA ASP A 18 -0.75 15.50 -6.78
C ASP A 18 -0.01 14.76 -7.91
N GLN A 19 1.32 14.67 -7.79
CA GLN A 19 2.14 13.93 -8.76
C GLN A 19 3.09 12.95 -8.05
N ASN A 20 2.66 12.45 -6.90
CA ASN A 20 3.41 11.43 -6.15
C ASN A 20 2.45 10.37 -5.59
N VAL A 21 2.94 9.15 -5.43
CA VAL A 21 2.13 8.06 -4.89
C VAL A 21 2.99 7.07 -4.09
N ALA A 22 2.61 6.82 -2.83
CA ALA A 22 3.39 5.96 -1.94
C ALA A 22 2.62 4.70 -1.54
N ILE A 23 3.34 3.59 -1.39
CA ILE A 23 2.74 2.33 -0.95
C ILE A 23 3.37 1.84 0.38
N ALA A 24 2.55 1.21 1.22
CA ALA A 24 3.01 0.68 2.52
C ALA A 24 2.03 -0.37 3.05
N VAL A 25 2.54 -1.34 3.82
CA VAL A 25 1.72 -2.42 4.36
C VAL A 25 1.66 -2.40 5.90
N ASP A 26 0.47 -2.57 6.45
CA ASP A 26 0.29 -2.73 7.90
C ASP A 26 -0.09 -4.17 8.24
N GLN A 27 0.38 -4.65 9.40
CA GLN A 27 0.07 -6.01 9.86
C GLN A 27 -1.10 -6.00 10.86
N ILE A 28 -2.03 -6.94 10.69
CA ILE A 28 -3.15 -7.07 11.62
C ILE A 28 -2.77 -7.98 12.81
N VAL A 29 -2.37 -7.35 13.90
CA VAL A 29 -2.01 -8.08 15.12
C VAL A 29 -3.29 -8.52 15.86
N GLY A 30 -3.19 -9.59 16.64
CA GLY A 30 -4.35 -10.09 17.39
C GLY A 30 -4.95 -9.07 18.36
N LYS A 31 -4.29 -7.93 18.54
CA LYS A 31 -4.76 -6.86 19.42
C LYS A 31 -5.12 -5.58 18.62
N GLY A 32 -4.76 -5.55 17.35
CA GLY A 32 -4.98 -4.36 16.52
C GLY A 32 -3.99 -4.27 15.36
N THR A 33 -4.15 -3.27 14.51
CA THR A 33 -3.26 -3.08 13.35
C THR A 33 -2.02 -2.27 13.71
N SER A 34 -0.87 -2.66 13.16
CA SER A 34 0.41 -1.99 13.40
C SER A 34 1.22 -1.83 12.10
N PRO A 35 1.89 -0.69 11.90
CA PRO A 35 2.70 -0.44 10.69
C PRO A 35 3.79 -1.52 10.47
N LEU A 36 3.74 -2.18 9.32
CA LEU A 36 4.69 -3.25 8.99
C LEU A 36 5.87 -2.72 8.18
N THR A 37 5.57 -1.91 7.16
CA THR A 37 6.60 -1.30 6.30
C THR A 37 6.45 0.23 6.26
N SER A 38 7.51 0.91 5.82
CA SER A 38 7.47 2.36 5.64
C SER A 38 6.79 2.73 4.32
N TYR A 39 6.58 4.03 4.09
CA TYR A 39 5.92 4.51 2.87
C TYR A 39 6.93 4.73 1.74
N PHE A 40 6.81 3.92 0.69
CA PHE A 40 7.70 4.00 -0.47
C PHE A 40 7.09 4.86 -1.59
N PHE A 41 7.75 5.97 -1.92
CA PHE A 41 7.18 6.98 -2.85
C PHE A 41 7.63 6.78 -4.31
N TRP A 42 6.68 6.39 -5.16
CA TRP A 42 6.87 6.34 -6.61
C TRP A 42 6.34 7.64 -7.26
N PRO A 43 7.05 8.22 -8.25
CA PRO A 43 8.30 7.68 -8.81
C PRO A 43 9.57 8.30 -8.19
N ARG A 44 9.53 8.65 -6.92
CA ARG A 44 10.69 9.21 -6.22
C ARG A 44 11.74 8.13 -5.91
N ALA A 45 11.25 6.88 -5.84
CA ALA A 45 12.11 5.71 -5.64
C ALA A 45 11.40 4.44 -6.13
N ASP A 46 12.14 3.33 -6.20
CA ASP A 46 11.57 2.05 -6.61
C ASP A 46 10.64 1.48 -5.53
N ALA A 47 9.41 2.01 -5.49
CA ALA A 47 8.42 1.65 -4.47
C ALA A 47 8.14 0.14 -4.43
N TRP A 48 7.87 -0.45 -5.59
CA TRP A 48 7.53 -1.88 -5.66
C TRP A 48 8.72 -2.75 -5.24
N GLN A 49 9.90 -2.41 -5.73
CA GLN A 49 11.14 -3.12 -5.35
C GLN A 49 11.41 -3.03 -3.85
N GLN A 50 11.20 -1.85 -3.28
CA GLN A 50 11.40 -1.64 -1.83
C GLN A 50 10.35 -2.39 -1.00
N LEU A 51 9.11 -2.44 -1.49
CA LEU A 51 8.03 -3.16 -0.80
C LEU A 51 8.37 -4.66 -0.64
N LYS A 52 8.70 -5.31 -1.76
CA LYS A 52 9.07 -6.74 -1.71
C LYS A 52 10.37 -6.95 -0.92
N ASP A 53 11.29 -5.97 -0.99
CA ASP A 53 12.53 -6.01 -0.20
C ASP A 53 12.23 -6.19 1.29
N GLU A 54 11.21 -5.48 1.78
CA GLU A 54 10.74 -5.63 3.17
C GLU A 54 10.08 -7.00 3.39
N LEU A 55 9.10 -7.33 2.56
CA LEU A 55 8.32 -8.57 2.73
C LEU A 55 9.20 -9.83 2.65
N GLU A 56 10.22 -9.81 1.80
CA GLU A 56 11.13 -10.95 1.66
C GLU A 56 12.09 -11.07 2.86
N ALA A 57 12.44 -9.92 3.45
CA ALA A 57 13.26 -9.90 4.67
C ALA A 57 12.44 -10.38 5.87
N LYS A 58 11.15 -10.05 5.87
CA LYS A 58 10.23 -10.52 6.90
C LYS A 58 9.67 -11.91 6.53
N HIS A 59 10.40 -12.94 6.90
CA HIS A 59 10.14 -14.31 6.41
C HIS A 59 8.85 -14.94 7.02
N TRP A 60 8.19 -14.23 7.92
CA TRP A 60 6.90 -14.69 8.45
C TRP A 60 5.73 -14.28 7.54
N ILE A 61 6.05 -13.56 6.47
CA ILE A 61 5.08 -13.24 5.40
C ILE A 61 4.99 -14.41 4.41
N ALA A 62 3.83 -15.03 4.30
CA ALA A 62 3.60 -16.14 3.36
C ALA A 62 3.75 -15.68 1.91
N GLU A 63 4.42 -16.49 1.08
CA GLU A 63 4.66 -16.14 -0.32
C GLU A 63 3.34 -15.87 -1.08
N ALA A 64 2.35 -16.73 -0.88
CA ALA A 64 1.04 -16.54 -1.52
C ALA A 64 0.46 -15.15 -1.20
N ASP A 65 0.69 -14.68 0.02
CA ASP A 65 0.19 -13.38 0.46
C ASP A 65 1.01 -12.24 -0.18
N ARG A 66 2.35 -12.37 -0.15
CA ARG A 66 3.23 -11.36 -0.75
C ARG A 66 2.89 -11.19 -2.24
N ILE A 67 2.63 -12.31 -2.92
CA ILE A 67 2.24 -12.27 -4.33
C ILE A 67 0.97 -11.43 -4.54
N ASN A 68 -0.05 -11.70 -3.72
CA ASN A 68 -1.30 -10.94 -3.76
C ASN A 68 -1.05 -9.42 -3.65
N VAL A 69 -0.43 -9.00 -2.55
CA VAL A 69 -0.21 -7.57 -2.30
C VAL A 69 0.76 -6.95 -3.33
N LEU A 70 1.71 -7.73 -3.85
CA LEU A 70 2.64 -7.24 -4.88
C LEU A 70 1.92 -6.96 -6.21
N ASN A 71 1.10 -7.92 -6.68
CA ASN A 71 0.37 -7.74 -7.93
C ASN A 71 -0.57 -6.52 -7.86
N GLN A 72 -1.41 -6.45 -6.83
CA GLN A 72 -2.34 -5.33 -6.68
C GLN A 72 -1.59 -3.99 -6.53
N ALA A 73 -0.44 -4.01 -5.83
CA ALA A 73 0.41 -2.83 -5.72
C ALA A 73 0.90 -2.37 -7.10
N THR A 74 1.38 -3.32 -7.91
CA THR A 74 1.82 -3.05 -9.28
C THR A 74 0.68 -2.40 -10.10
N GLU A 75 -0.52 -2.96 -9.96
CA GLU A 75 -1.69 -2.46 -10.69
C GLU A 75 -2.03 -1.01 -10.27
N VAL A 76 -1.87 -0.69 -8.99
CA VAL A 76 -2.09 0.68 -8.51
C VAL A 76 -1.02 1.64 -9.06
N ILE A 77 0.24 1.21 -9.04
CA ILE A 77 1.36 1.98 -9.60
C ILE A 77 1.12 2.28 -11.09
N ASN A 78 0.79 1.24 -11.86
CA ASN A 78 0.47 1.39 -13.28
C ASN A 78 -0.79 2.26 -13.48
N PHE A 79 -1.74 2.15 -12.55
CA PHE A 79 -2.97 2.96 -12.59
C PHE A 79 -2.65 4.47 -12.52
N TRP A 80 -1.88 4.85 -11.50
CA TRP A 80 -1.43 6.25 -11.35
C TRP A 80 -0.68 6.73 -12.59
N GLN A 81 0.27 5.92 -13.05
CA GLN A 81 1.05 6.22 -14.26
C GLN A 81 0.13 6.39 -15.48
N ASP A 82 -0.88 5.52 -15.58
CA ASP A 82 -1.87 5.57 -16.64
C ASP A 82 -2.67 6.88 -16.60
N LEU A 83 -3.05 7.30 -15.39
CA LEU A 83 -3.76 8.57 -15.19
C LEU A 83 -2.88 9.75 -15.65
N LYS A 84 -1.59 9.68 -15.33
CA LYS A 84 -0.61 10.69 -15.76
C LYS A 84 -0.53 10.81 -17.29
N ASN A 85 -0.67 9.68 -17.99
CA ASN A 85 -0.63 9.66 -19.45
C ASN A 85 -1.91 10.24 -20.07
N GLN A 86 -3.06 9.76 -19.62
CA GLN A 86 -4.36 10.19 -20.17
C GLN A 86 -4.85 11.50 -19.54
N ASN A 87 -4.16 11.98 -18.51
CA ASN A 87 -4.54 13.22 -17.81
C ASN A 87 -5.96 13.14 -17.24
N LYS A 88 -6.36 11.95 -16.80
CA LYS A 88 -7.70 11.73 -16.21
C LYS A 88 -7.93 12.60 -14.96
N GLN A 89 -6.89 12.76 -14.14
CA GLN A 89 -6.95 13.62 -12.95
C GLN A 89 -8.06 13.21 -11.96
N ILE A 90 -8.53 11.96 -12.06
CA ILE A 90 -9.60 11.47 -11.19
C ILE A 90 -9.16 11.40 -9.71
N SER A 91 -10.07 11.71 -8.80
CA SER A 91 -9.75 11.74 -7.36
C SER A 91 -9.63 10.34 -6.75
N MET A 92 -9.07 10.29 -5.53
CA MET A 92 -8.93 9.05 -4.77
C MET A 92 -10.28 8.33 -4.60
N ALA A 93 -11.37 9.10 -4.62
CA ALA A 93 -12.72 8.54 -4.51
C ALA A 93 -12.98 7.50 -5.61
N GLU A 94 -12.57 7.82 -6.85
CA GLU A 94 -12.73 6.90 -7.97
C GLU A 94 -11.69 5.76 -7.90
N ALA A 95 -10.51 6.04 -7.37
CA ALA A 95 -9.50 5.00 -7.16
C ALA A 95 -10.02 3.92 -6.20
N GLN A 96 -10.74 4.35 -5.17
CA GLN A 96 -11.41 3.42 -4.24
C GLN A 96 -12.55 2.65 -4.92
N GLY A 97 -13.11 3.23 -5.98
CA GLY A 97 -14.15 2.55 -6.75
C GLY A 97 -13.59 1.53 -7.73
N LYS A 98 -12.27 1.57 -7.95
CA LYS A 98 -11.59 0.63 -8.85
C LYS A 98 -10.80 -0.42 -8.04
N PHE A 99 -10.19 0.01 -6.93
CA PHE A 99 -9.47 -0.91 -6.03
C PHE A 99 -10.15 -0.95 -4.64
N PRO A 100 -11.30 -1.66 -4.51
CA PRO A 100 -12.04 -1.72 -3.24
C PRO A 100 -11.36 -2.62 -2.19
N GLU A 101 -10.25 -3.25 -2.58
CA GLU A 101 -9.47 -4.11 -1.67
C GLU A 101 -8.31 -3.35 -1.02
N VAL A 102 -7.93 -2.22 -1.60
CA VAL A 102 -6.76 -1.46 -1.12
C VAL A 102 -7.17 -0.25 -0.26
N VAL A 103 -6.31 0.11 0.69
CA VAL A 103 -6.53 1.29 1.54
C VAL A 103 -5.80 2.51 0.97
N PHE A 104 -6.46 3.66 0.92
CA PHE A 104 -5.86 4.88 0.38
C PHE A 104 -5.81 6.01 1.43
N SER A 105 -4.79 6.86 1.31
CA SER A 105 -4.66 8.06 2.16
C SER A 105 -4.45 9.30 1.29
N GLY A 106 -5.44 10.20 1.27
CA GLY A 106 -5.36 11.39 0.44
C GLY A 106 -5.57 12.68 1.23
N SER A 107 -4.47 13.28 1.69
CA SER A 107 -4.53 14.50 2.51
C SER A 107 -3.29 15.38 2.33
N ASN A 108 -3.38 16.65 2.73
CA ASN A 108 -2.28 17.61 2.58
C ASN A 108 -2.41 18.77 3.59
N LEU A 109 -1.30 19.12 4.24
CA LEU A 109 -1.29 20.19 5.25
C LEU A 109 -1.39 21.60 4.63
N GLU A 110 -1.69 22.59 5.48
CA GLU A 110 -1.90 23.97 5.00
C GLU A 110 -0.64 24.85 5.17
N HIS A 111 0.53 24.22 5.17
CA HIS A 111 1.81 24.96 5.30
C HIS A 111 2.66 24.82 4.02
N HIS A 112 2.67 25.88 3.20
CA HIS A 112 3.41 25.86 1.92
C HIS A 112 4.91 25.55 2.12
N HIS A 113 5.30 24.31 1.86
CA HIS A 113 6.71 23.90 1.91
C HIS A 113 7.02 22.86 0.82
N HIS A 114 7.26 23.34 -0.40
CA HIS A 114 7.62 22.44 -1.51
C HIS A 114 9.08 21.95 -1.40
N HIS A 115 9.28 20.90 -0.61
CA HIS A 115 10.58 20.25 -0.51
C HIS A 115 10.68 19.15 -1.59
N HIS A 116 10.76 19.57 -2.86
CA HIS A 116 10.65 18.67 -4.03
C HIS A 116 9.21 18.13 -4.17
N MET A 1 -9.06 -23.68 9.97
CA MET A 1 -8.05 -22.90 9.21
C MET A 1 -6.82 -23.74 8.85
N ALA A 2 -6.63 -24.87 9.54
CA ALA A 2 -5.53 -25.82 9.27
C ALA A 2 -4.16 -25.30 9.74
N ALA A 3 -3.79 -24.09 9.35
CA ALA A 3 -2.50 -23.51 9.75
C ALA A 3 -2.36 -23.36 11.27
N SER A 4 -1.34 -23.99 11.85
CA SER A 4 -1.05 -23.87 13.28
C SER A 4 -0.27 -22.59 13.58
N THR A 5 0.32 -22.01 12.54
CA THR A 5 1.06 -20.74 12.65
C THR A 5 0.11 -19.58 13.00
N VAL A 6 0.65 -18.54 13.64
CA VAL A 6 -0.14 -17.34 13.98
C VAL A 6 -0.82 -16.75 12.72
N HIS A 7 -2.14 -16.95 12.62
CA HIS A 7 -2.92 -16.49 11.46
C HIS A 7 -3.02 -14.95 11.42
N THR A 8 -1.99 -14.31 10.87
CA THR A 8 -1.91 -12.85 10.78
C THR A 8 -2.19 -12.35 9.36
N SER A 9 -3.14 -11.43 9.22
CA SER A 9 -3.51 -10.88 7.90
C SER A 9 -2.70 -9.63 7.55
N PHE A 10 -2.81 -9.19 6.29
CA PHE A 10 -2.05 -8.03 5.80
C PHE A 10 -2.94 -7.08 4.99
N ILE A 11 -2.70 -5.77 5.15
CA ILE A 11 -3.44 -4.73 4.43
C ILE A 11 -2.50 -3.87 3.59
N LEU A 12 -2.98 -3.35 2.45
CA LEU A 12 -2.17 -2.45 1.62
C LEU A 12 -2.73 -1.01 1.66
N LYS A 13 -1.92 -0.08 2.13
CA LYS A 13 -2.29 1.35 2.09
C LYS A 13 -1.47 2.10 1.03
N VAL A 14 -2.12 3.01 0.33
CA VAL A 14 -1.46 3.83 -0.70
C VAL A 14 -1.65 5.33 -0.43
N LEU A 15 -0.54 6.05 -0.26
CA LEU A 15 -0.57 7.49 -0.06
C LEU A 15 -0.68 8.20 -1.42
N TRP A 16 -1.84 8.80 -1.68
CA TRP A 16 -2.13 9.48 -2.95
C TRP A 16 -1.83 10.99 -2.85
N LEU A 17 -0.78 11.44 -3.54
CA LEU A 17 -0.39 12.86 -3.51
C LEU A 17 -0.59 13.55 -4.87
N ASP A 18 -0.27 14.84 -4.93
CA ASP A 18 -0.43 15.64 -6.15
C ASP A 18 0.48 15.13 -7.29
N GLN A 19 1.76 14.96 -7.00
CA GLN A 19 2.73 14.44 -7.98
C GLN A 19 3.52 13.26 -7.41
N ASN A 20 2.93 12.56 -6.44
CA ASN A 20 3.58 11.43 -5.78
C ASN A 20 2.57 10.34 -5.42
N VAL A 21 3.06 9.12 -5.24
CA VAL A 21 2.24 8.00 -4.78
C VAL A 21 3.10 6.98 -3.98
N ALA A 22 2.68 6.66 -2.77
CA ALA A 22 3.47 5.78 -1.89
C ALA A 22 2.69 4.51 -1.50
N ILE A 23 3.39 3.38 -1.44
CA ILE A 23 2.78 2.12 -1.04
C ILE A 23 3.36 1.61 0.29
N ALA A 24 2.51 0.99 1.10
CA ALA A 24 2.92 0.42 2.40
C ALA A 24 1.97 -0.70 2.84
N VAL A 25 2.51 -1.69 3.58
CA VAL A 25 1.70 -2.81 4.07
C VAL A 25 1.56 -2.79 5.60
N ASP A 26 0.37 -3.13 6.09
CA ASP A 26 0.08 -3.18 7.52
C ASP A 26 -0.24 -4.61 7.98
N GLN A 27 0.40 -5.05 9.07
CA GLN A 27 0.17 -6.39 9.62
C GLN A 27 -0.94 -6.36 10.70
N ILE A 28 -1.99 -7.16 10.50
CA ILE A 28 -3.08 -7.26 11.48
C ILE A 28 -2.70 -8.19 12.64
N VAL A 29 -2.17 -7.61 13.72
CA VAL A 29 -1.67 -8.39 14.86
C VAL A 29 -2.81 -8.77 15.83
N GLY A 30 -3.47 -9.89 15.54
CA GLY A 30 -4.50 -10.43 16.42
C GLY A 30 -5.50 -9.40 16.95
N LYS A 31 -5.10 -8.71 18.01
CA LYS A 31 -5.97 -7.75 18.71
C LYS A 31 -6.14 -6.45 17.92
N GLY A 32 -5.11 -6.04 17.19
CA GLY A 32 -5.16 -4.79 16.43
C GLY A 32 -4.37 -4.84 15.13
N THR A 33 -3.84 -3.68 14.72
CA THR A 33 -3.05 -3.57 13.47
C THR A 33 -1.75 -2.77 13.71
N SER A 34 -0.75 -3.05 12.90
CA SER A 34 0.55 -2.36 12.98
C SER A 34 1.22 -2.23 11.60
N PRO A 35 1.75 -1.04 11.26
CA PRO A 35 2.46 -0.84 9.98
C PRO A 35 3.63 -1.81 9.78
N LEU A 36 3.50 -2.73 8.81
CA LEU A 36 4.53 -3.74 8.55
C LEU A 36 5.74 -3.12 7.85
N THR A 37 5.49 -2.35 6.79
CA THR A 37 6.55 -1.66 6.04
C THR A 37 6.43 -0.14 6.16
N SER A 38 7.35 0.59 5.54
CA SER A 38 7.28 2.05 5.48
C SER A 38 6.69 2.52 4.14
N TYR A 39 6.51 3.83 3.98
CA TYR A 39 5.94 4.39 2.75
C TYR A 39 7.00 4.55 1.65
N PHE A 40 6.85 3.82 0.55
CA PHE A 40 7.78 3.90 -0.58
C PHE A 40 7.17 4.70 -1.74
N PHE A 41 7.78 5.85 -2.05
CA PHE A 41 7.21 6.79 -3.05
C PHE A 41 7.69 6.52 -4.48
N TRP A 42 6.74 6.22 -5.36
CA TRP A 42 6.99 6.11 -6.81
C TRP A 42 6.56 7.42 -7.52
N PRO A 43 7.32 7.90 -8.53
CA PRO A 43 8.57 7.28 -9.01
C PRO A 43 9.83 7.86 -8.36
N ARG A 44 9.70 8.33 -7.12
CA ARG A 44 10.83 8.92 -6.39
C ARG A 44 11.87 7.86 -5.99
N ALA A 45 11.42 6.62 -5.83
CA ALA A 45 12.30 5.50 -5.50
C ALA A 45 11.71 4.18 -6.00
N ASP A 46 12.49 3.10 -5.92
CA ASP A 46 12.03 1.77 -6.30
C ASP A 46 10.96 1.24 -5.33
N ALA A 47 9.75 1.77 -5.45
CA ALA A 47 8.64 1.42 -4.55
C ALA A 47 8.41 -0.09 -4.47
N TRP A 48 8.22 -0.73 -5.61
CA TRP A 48 7.90 -2.16 -5.66
C TRP A 48 9.07 -3.02 -5.13
N GLN A 49 10.29 -2.71 -5.57
CA GLN A 49 11.48 -3.45 -5.11
C GLN A 49 11.68 -3.32 -3.60
N GLN A 50 11.62 -2.10 -3.08
CA GLN A 50 11.77 -1.85 -1.64
C GLN A 50 10.67 -2.56 -0.82
N LEU A 51 9.44 -2.52 -1.32
CA LEU A 51 8.32 -3.19 -0.64
C LEU A 51 8.54 -4.72 -0.57
N LYS A 52 8.80 -5.34 -1.72
CA LYS A 52 9.00 -6.79 -1.77
C LYS A 52 10.23 -7.22 -0.95
N ASP A 53 11.27 -6.39 -0.95
CA ASP A 53 12.49 -6.67 -0.19
C ASP A 53 12.18 -6.77 1.32
N GLU A 54 11.36 -5.83 1.82
CA GLU A 54 10.89 -5.89 3.21
C GLU A 54 10.11 -7.19 3.47
N LEU A 55 9.20 -7.52 2.57
CA LEU A 55 8.38 -8.73 2.68
C LEU A 55 9.23 -10.01 2.66
N GLU A 56 10.29 -10.01 1.84
CA GLU A 56 11.22 -11.15 1.76
C GLU A 56 12.17 -11.19 2.97
N ALA A 57 12.52 -10.01 3.49
CA ALA A 57 13.37 -9.90 4.68
C ALA A 57 12.63 -10.41 5.92
N LYS A 58 11.35 -10.09 6.00
CA LYS A 58 10.48 -10.59 7.07
C LYS A 58 9.97 -12.00 6.70
N HIS A 59 10.74 -13.02 7.05
CA HIS A 59 10.53 -14.38 6.56
C HIS A 59 9.20 -15.00 6.99
N TRP A 60 8.52 -14.39 7.97
CA TRP A 60 7.22 -14.90 8.41
C TRP A 60 6.08 -14.49 7.46
N ILE A 61 6.37 -13.62 6.50
CA ILE A 61 5.41 -13.26 5.44
C ILE A 61 5.39 -14.36 4.36
N ALA A 62 4.30 -15.10 4.30
CA ALA A 62 4.16 -16.21 3.36
C ALA A 62 4.19 -15.74 1.89
N GLU A 63 4.61 -16.64 0.99
CA GLU A 63 4.67 -16.35 -0.45
C GLU A 63 3.34 -15.76 -0.97
N ALA A 64 2.25 -16.47 -0.76
CA ALA A 64 0.93 -16.02 -1.23
C ALA A 64 0.62 -14.58 -0.80
N ASP A 65 0.92 -14.26 0.47
CA ASP A 65 0.65 -12.92 1.01
C ASP A 65 1.56 -11.85 0.37
N ARG A 66 2.86 -12.12 0.29
CA ARG A 66 3.81 -11.16 -0.29
C ARG A 66 3.49 -10.91 -1.78
N ILE A 67 3.14 -11.98 -2.51
CA ILE A 67 2.78 -11.86 -3.94
C ILE A 67 1.43 -11.13 -4.11
N ASN A 68 0.45 -11.49 -3.28
CA ASN A 68 -0.87 -10.83 -3.31
C ASN A 68 -0.76 -9.30 -3.24
N VAL A 69 -0.12 -8.79 -2.18
CA VAL A 69 0.02 -7.35 -1.97
C VAL A 69 0.89 -6.70 -3.06
N LEU A 70 1.89 -7.42 -3.57
CA LEU A 70 2.74 -6.90 -4.65
C LEU A 70 1.96 -6.72 -5.96
N ASN A 71 1.12 -7.70 -6.30
CA ASN A 71 0.32 -7.62 -7.53
C ASN A 71 -0.67 -6.44 -7.48
N GLN A 72 -1.45 -6.36 -6.41
CA GLN A 72 -2.44 -5.29 -6.26
C GLN A 72 -1.76 -3.92 -6.14
N ALA A 73 -0.58 -3.87 -5.51
CA ALA A 73 0.21 -2.64 -5.43
C ALA A 73 0.70 -2.19 -6.81
N THR A 74 1.21 -3.14 -7.60
CA THR A 74 1.66 -2.86 -8.97
C THR A 74 0.54 -2.23 -9.81
N GLU A 75 -0.67 -2.78 -9.69
CA GLU A 75 -1.83 -2.23 -10.39
C GLU A 75 -2.06 -0.76 -10.03
N VAL A 76 -1.98 -0.44 -8.74
CA VAL A 76 -2.13 0.95 -8.26
C VAL A 76 -1.04 1.86 -8.85
N ILE A 77 0.20 1.37 -8.83
CA ILE A 77 1.34 2.11 -9.41
C ILE A 77 1.09 2.42 -10.90
N ASN A 78 0.76 1.40 -11.67
CA ASN A 78 0.46 1.57 -13.10
C ASN A 78 -0.79 2.44 -13.33
N PHE A 79 -1.74 2.35 -12.40
CA PHE A 79 -2.96 3.17 -12.45
C PHE A 79 -2.63 4.67 -12.29
N TRP A 80 -1.80 4.98 -11.30
CA TRP A 80 -1.36 6.37 -11.07
C TRP A 80 -0.70 6.94 -12.34
N GLN A 81 0.30 6.22 -12.86
CA GLN A 81 0.98 6.61 -14.10
C GLN A 81 -0.02 6.80 -15.25
N ASP A 82 -0.93 5.83 -15.38
CA ASP A 82 -1.95 5.82 -16.44
C ASP A 82 -2.77 7.13 -16.44
N LEU A 83 -3.18 7.57 -15.26
CA LEU A 83 -3.96 8.81 -15.12
C LEU A 83 -3.13 10.04 -15.55
N LYS A 84 -1.83 10.00 -15.26
CA LYS A 84 -0.95 11.14 -15.54
C LYS A 84 -0.78 11.37 -17.06
N ASN A 85 -0.51 10.31 -17.81
CA ASN A 85 -0.33 10.44 -19.26
C ASN A 85 -1.67 10.68 -19.98
N GLN A 86 -2.78 10.26 -19.37
CA GLN A 86 -4.11 10.51 -19.94
C GLN A 86 -4.77 11.77 -19.36
N ASN A 87 -4.04 12.51 -18.53
CA ASN A 87 -4.51 13.79 -17.98
C ASN A 87 -5.81 13.66 -17.17
N LYS A 88 -6.10 12.46 -16.67
CA LYS A 88 -7.36 12.20 -15.96
C LYS A 88 -7.35 12.79 -14.54
N GLN A 89 -8.04 13.90 -14.34
CA GLN A 89 -8.22 14.48 -13.00
C GLN A 89 -9.45 13.85 -12.33
N ILE A 90 -9.30 12.64 -11.82
CA ILE A 90 -10.42 11.90 -11.22
C ILE A 90 -10.50 12.08 -9.69
N SER A 91 -11.71 11.96 -9.17
CA SER A 91 -11.97 12.06 -7.73
C SER A 91 -11.37 10.85 -7.00
N MET A 92 -11.01 11.01 -5.73
CA MET A 92 -10.37 9.91 -4.98
C MET A 92 -11.29 8.67 -4.91
N ALA A 93 -12.59 8.91 -4.84
CA ALA A 93 -13.59 7.83 -4.84
C ALA A 93 -13.54 7.02 -6.14
N GLU A 94 -13.25 7.71 -7.26
CA GLU A 94 -13.11 7.05 -8.56
C GLU A 94 -11.95 6.04 -8.56
N ALA A 95 -10.91 6.34 -7.77
CA ALA A 95 -9.80 5.41 -7.55
C ALA A 95 -10.27 4.19 -6.76
N GLN A 96 -11.07 4.42 -5.72
CA GLN A 96 -11.70 3.33 -4.94
C GLN A 96 -12.59 2.45 -5.83
N GLY A 97 -13.29 3.07 -6.77
CA GLY A 97 -14.10 2.33 -7.72
C GLY A 97 -13.30 1.28 -8.52
N LYS A 98 -12.00 1.52 -8.63
CA LYS A 98 -11.10 0.56 -9.28
C LYS A 98 -10.38 -0.35 -8.25
N PHE A 99 -10.00 0.21 -7.10
CA PHE A 99 -9.28 -0.55 -6.07
C PHE A 99 -9.98 -0.46 -4.69
N PRO A 100 -11.11 -1.16 -4.50
CA PRO A 100 -11.80 -1.20 -3.20
C PRO A 100 -11.05 -2.06 -2.17
N GLU A 101 -10.14 -2.90 -2.68
CA GLU A 101 -9.32 -3.78 -1.84
C GLU A 101 -8.06 -3.06 -1.34
N VAL A 102 -7.86 -1.82 -1.80
CA VAL A 102 -6.69 -1.02 -1.40
C VAL A 102 -7.12 0.24 -0.63
N VAL A 103 -6.46 0.51 0.50
CA VAL A 103 -6.81 1.67 1.34
C VAL A 103 -5.96 2.90 0.96
N PHE A 104 -6.61 3.89 0.34
CA PHE A 104 -5.92 5.14 -0.06
C PHE A 104 -5.92 6.19 1.07
N SER A 105 -4.92 7.06 1.05
CA SER A 105 -4.83 8.19 1.99
C SER A 105 -4.14 9.38 1.31
N GLY A 106 -4.68 10.59 1.49
CA GLY A 106 -4.14 11.76 0.79
C GLY A 106 -3.70 12.87 1.73
N SER A 107 -2.39 13.00 1.92
CA SER A 107 -1.82 14.00 2.82
C SER A 107 -0.78 14.87 2.08
N ASN A 108 -0.89 16.19 2.22
CA ASN A 108 -0.01 17.12 1.48
C ASN A 108 0.75 18.08 2.40
N LEU A 109 0.64 17.88 3.71
CA LEU A 109 1.36 18.73 4.68
C LEU A 109 2.86 18.42 4.71
N GLU A 110 3.65 19.45 5.00
CA GLU A 110 5.12 19.35 4.97
C GLU A 110 5.66 18.53 6.15
N HIS A 111 6.45 17.50 5.84
CA HIS A 111 7.20 16.78 6.87
C HIS A 111 8.16 17.74 7.60
N HIS A 112 8.24 17.65 8.92
CA HIS A 112 9.02 18.60 9.71
C HIS A 112 10.54 18.44 9.51
N HIS A 113 10.92 17.45 8.69
CA HIS A 113 12.34 17.25 8.35
C HIS A 113 12.85 18.30 7.35
N HIS A 114 12.84 19.55 7.78
CA HIS A 114 13.44 20.66 7.02
C HIS A 114 14.60 21.26 7.83
N HIS A 115 14.32 21.62 9.07
CA HIS A 115 15.36 22.09 9.99
C HIS A 115 15.73 20.98 11.01
N HIS A 116 16.40 19.94 10.51
CA HIS A 116 16.85 18.80 11.34
C HIS A 116 17.59 17.75 10.50
N MET A 1 -8.43 -26.65 7.00
CA MET A 1 -9.04 -25.52 7.76
C MET A 1 -8.17 -25.11 8.96
N ALA A 2 -8.05 -25.99 9.95
CA ALA A 2 -7.32 -25.68 11.19
C ALA A 2 -5.80 -25.60 10.95
N ALA A 3 -5.29 -24.37 10.90
CA ALA A 3 -3.84 -24.13 10.75
C ALA A 3 -3.19 -23.86 12.12
N SER A 4 -1.91 -24.18 12.24
CA SER A 4 -1.17 -23.99 13.51
C SER A 4 -0.91 -22.51 13.78
N THR A 5 -0.26 -21.84 12.83
CA THR A 5 0.08 -20.42 12.97
C THR A 5 -1.19 -19.54 12.97
N VAL A 6 -1.31 -18.66 13.97
CA VAL A 6 -2.41 -17.71 14.01
C VAL A 6 -2.34 -16.75 12.80
N HIS A 7 -3.30 -16.91 11.87
CA HIS A 7 -3.32 -16.15 10.62
C HIS A 7 -3.18 -14.64 10.84
N THR A 8 -1.95 -14.14 10.72
CA THR A 8 -1.67 -12.70 10.81
C THR A 8 -1.82 -12.06 9.42
N SER A 9 -2.94 -11.38 9.21
CA SER A 9 -3.26 -10.81 7.89
C SER A 9 -2.48 -9.51 7.61
N PHE A 10 -2.65 -8.97 6.41
CA PHE A 10 -1.94 -7.75 5.99
C PHE A 10 -2.89 -6.76 5.31
N ILE A 11 -2.53 -5.48 5.35
CA ILE A 11 -3.32 -4.42 4.70
C ILE A 11 -2.41 -3.51 3.85
N LEU A 12 -2.78 -3.32 2.58
CA LEU A 12 -2.01 -2.43 1.70
C LEU A 12 -2.58 -1.00 1.72
N LYS A 13 -1.71 -0.04 1.99
CA LYS A 13 -2.09 1.38 1.94
C LYS A 13 -1.39 2.12 0.81
N VAL A 14 -2.11 3.01 0.14
CA VAL A 14 -1.54 3.85 -0.91
C VAL A 14 -1.80 5.34 -0.66
N LEU A 15 -0.75 6.08 -0.36
CA LEU A 15 -0.83 7.53 -0.18
C LEU A 15 -0.82 8.23 -1.54
N TRP A 16 -2.01 8.63 -2.01
CA TRP A 16 -2.17 9.21 -3.34
C TRP A 16 -1.84 10.71 -3.34
N LEU A 17 -0.88 11.11 -4.18
CA LEU A 17 -0.51 12.52 -4.33
C LEU A 17 -0.57 12.98 -5.80
N ASP A 18 -0.35 14.28 -6.02
CA ASP A 18 -0.42 14.86 -7.36
C ASP A 18 0.69 14.32 -8.28
N GLN A 19 1.94 14.42 -7.83
CA GLN A 19 3.10 13.95 -8.60
C GLN A 19 3.82 12.80 -7.88
N ASN A 20 3.13 12.14 -6.95
CA ASN A 20 3.71 11.02 -6.19
C ASN A 20 2.65 9.97 -5.82
N VAL A 21 3.12 8.75 -5.56
CA VAL A 21 2.26 7.69 -5.03
C VAL A 21 3.08 6.84 -4.04
N ALA A 22 2.58 6.67 -2.82
CA ALA A 22 3.32 5.93 -1.79
C ALA A 22 2.59 4.65 -1.36
N ILE A 23 3.32 3.55 -1.26
CA ILE A 23 2.75 2.27 -0.84
C ILE A 23 3.34 1.80 0.50
N ALA A 24 2.49 1.21 1.35
CA ALA A 24 2.94 0.69 2.66
C ALA A 24 1.98 -0.39 3.18
N VAL A 25 2.52 -1.55 3.53
CA VAL A 25 1.73 -2.66 4.08
C VAL A 25 1.87 -2.76 5.61
N ASP A 26 0.73 -2.86 6.30
CA ASP A 26 0.72 -3.07 7.76
C ASP A 26 0.20 -4.47 8.11
N GLN A 27 0.57 -4.98 9.28
CA GLN A 27 0.16 -6.33 9.71
C GLN A 27 -0.99 -6.28 10.73
N ILE A 28 -1.98 -7.16 10.55
CA ILE A 28 -3.12 -7.25 11.48
C ILE A 28 -2.80 -8.18 12.66
N VAL A 29 -2.70 -7.59 13.85
CA VAL A 29 -2.36 -8.33 15.07
C VAL A 29 -3.62 -8.91 15.73
N GLY A 30 -3.45 -9.92 16.58
CA GLY A 30 -4.59 -10.58 17.24
C GLY A 30 -5.52 -9.63 17.98
N LYS A 31 -5.04 -8.42 18.30
CA LYS A 31 -5.87 -7.39 18.94
C LYS A 31 -6.34 -6.35 17.92
N GLY A 32 -5.40 -5.84 17.11
CA GLY A 32 -5.72 -4.82 16.12
C GLY A 32 -4.75 -4.79 14.93
N THR A 33 -4.03 -3.70 14.76
CA THR A 33 -3.10 -3.54 13.62
C THR A 33 -1.78 -2.87 14.05
N SER A 34 -0.73 -3.09 13.27
CA SER A 34 0.59 -2.47 13.53
C SER A 34 1.35 -2.20 12.23
N PRO A 35 2.02 -1.03 12.12
CA PRO A 35 2.79 -0.67 10.92
C PRO A 35 3.96 -1.65 10.62
N LEU A 36 3.92 -2.29 9.45
CA LEU A 36 4.92 -3.28 9.08
C LEU A 36 6.02 -2.70 8.17
N THR A 37 5.61 -1.86 7.21
CA THR A 37 6.54 -1.27 6.23
C THR A 37 6.34 0.24 6.09
N SER A 38 7.40 0.94 5.65
CA SER A 38 7.35 2.39 5.47
C SER A 38 6.71 2.79 4.14
N TYR A 39 6.34 4.06 4.02
CA TYR A 39 5.73 4.57 2.79
C TYR A 39 6.79 4.86 1.72
N PHE A 40 6.84 4.02 0.70
CA PHE A 40 7.81 4.18 -0.39
C PHE A 40 7.27 5.11 -1.48
N PHE A 41 7.98 6.23 -1.71
CA PHE A 41 7.46 7.29 -2.58
C PHE A 41 7.90 7.13 -4.05
N TRP A 42 6.95 6.70 -4.88
CA TRP A 42 7.13 6.66 -6.34
C TRP A 42 6.74 8.02 -6.97
N PRO A 43 7.46 8.50 -8.01
CA PRO A 43 8.64 7.84 -8.58
C PRO A 43 9.98 8.35 -8.00
N ARG A 44 9.91 8.95 -6.81
CA ARG A 44 11.12 9.46 -6.13
C ARG A 44 12.09 8.34 -5.75
N ALA A 45 11.55 7.15 -5.49
CA ALA A 45 12.35 5.97 -5.17
C ALA A 45 11.69 4.69 -5.71
N ASP A 46 12.44 3.60 -5.71
CA ASP A 46 11.93 2.30 -6.16
C ASP A 46 10.84 1.77 -5.20
N ALA A 47 9.61 2.26 -5.37
CA ALA A 47 8.50 1.94 -4.47
C ALA A 47 8.24 0.43 -4.35
N TRP A 48 7.79 -0.18 -5.45
CA TRP A 48 7.43 -1.60 -5.44
C TRP A 48 8.65 -2.49 -5.15
N GLN A 49 9.82 -2.12 -5.67
CA GLN A 49 11.06 -2.85 -5.41
C GLN A 49 11.42 -2.84 -3.91
N GLN A 50 11.31 -1.68 -3.26
CA GLN A 50 11.57 -1.58 -1.82
C GLN A 50 10.50 -2.34 -1.00
N LEU A 51 9.26 -2.35 -1.50
CA LEU A 51 8.18 -3.10 -0.83
C LEU A 51 8.44 -4.61 -0.86
N LYS A 52 8.69 -5.15 -2.05
CA LYS A 52 9.00 -6.59 -2.20
C LYS A 52 10.29 -6.94 -1.46
N ASP A 53 11.25 -6.02 -1.46
CA ASP A 53 12.52 -6.20 -0.73
C ASP A 53 12.25 -6.43 0.77
N GLU A 54 11.35 -5.63 1.34
CA GLU A 54 10.93 -5.79 2.74
C GLU A 54 10.19 -7.12 2.96
N LEU A 55 9.17 -7.38 2.14
CA LEU A 55 8.33 -8.57 2.28
C LEU A 55 9.12 -9.88 2.10
N GLU A 56 10.09 -9.87 1.20
CA GLU A 56 10.98 -11.02 1.00
C GLU A 56 12.05 -11.11 2.10
N ALA A 57 12.41 -9.97 2.68
CA ALA A 57 13.31 -9.95 3.84
C ALA A 57 12.63 -10.54 5.08
N LYS A 58 11.34 -10.25 5.22
CA LYS A 58 10.54 -10.78 6.32
C LYS A 58 9.97 -12.16 5.94
N HIS A 59 10.64 -13.22 6.37
CA HIS A 59 10.31 -14.58 5.92
C HIS A 59 9.07 -15.17 6.62
N TRP A 60 8.63 -14.56 7.73
CA TRP A 60 7.40 -15.02 8.38
C TRP A 60 6.16 -14.72 7.52
N ILE A 61 6.35 -13.90 6.48
CA ILE A 61 5.32 -13.68 5.45
C ILE A 61 5.32 -14.87 4.48
N ALA A 62 4.14 -15.42 4.19
CA ALA A 62 4.03 -16.53 3.24
C ALA A 62 4.01 -16.02 1.79
N GLU A 63 4.32 -16.91 0.84
CA GLU A 63 4.39 -16.55 -0.57
C GLU A 63 3.10 -15.87 -1.06
N ALA A 64 1.97 -16.56 -0.92
CA ALA A 64 0.68 -16.02 -1.38
C ALA A 64 0.36 -14.66 -0.75
N ASP A 65 0.70 -14.49 0.52
CA ASP A 65 0.45 -13.24 1.24
C ASP A 65 1.22 -12.06 0.62
N ARG A 66 2.54 -12.23 0.43
CA ARG A 66 3.36 -11.17 -0.17
C ARG A 66 3.00 -10.95 -1.65
N ILE A 67 2.74 -12.02 -2.38
CA ILE A 67 2.37 -11.92 -3.80
C ILE A 67 1.04 -11.16 -3.97
N ASN A 68 0.06 -11.45 -3.12
CA ASN A 68 -1.23 -10.75 -3.14
C ASN A 68 -1.03 -9.22 -3.04
N VAL A 69 -0.41 -8.78 -1.95
CA VAL A 69 -0.21 -7.34 -1.71
C VAL A 69 0.71 -6.71 -2.76
N LEU A 70 1.69 -7.48 -3.28
CA LEU A 70 2.57 -6.99 -4.34
C LEU A 70 1.82 -6.79 -5.67
N ASN A 71 0.95 -7.73 -6.02
CA ASN A 71 0.15 -7.63 -7.24
C ASN A 71 -0.79 -6.42 -7.22
N GLN A 72 -1.60 -6.32 -6.16
CA GLN A 72 -2.56 -5.20 -6.03
C GLN A 72 -1.81 -3.85 -5.91
N ALA A 73 -0.64 -3.86 -5.29
CA ALA A 73 0.21 -2.65 -5.24
C ALA A 73 0.65 -2.23 -6.64
N THR A 74 1.12 -3.20 -7.43
CA THR A 74 1.52 -2.95 -8.81
C THR A 74 0.34 -2.39 -9.63
N GLU A 75 -0.83 -3.00 -9.47
CA GLU A 75 -2.06 -2.56 -10.14
C GLU A 75 -2.34 -1.07 -9.87
N VAL A 76 -2.19 -0.65 -8.61
CA VAL A 76 -2.40 0.75 -8.23
C VAL A 76 -1.35 1.69 -8.86
N ILE A 77 -0.06 1.33 -8.74
CA ILE A 77 1.02 2.14 -9.31
C ILE A 77 0.86 2.30 -10.83
N ASN A 78 0.52 1.20 -11.52
CA ASN A 78 0.23 1.25 -12.96
C ASN A 78 -0.90 2.24 -13.25
N PHE A 79 -1.97 2.16 -12.45
CA PHE A 79 -3.13 3.04 -12.59
C PHE A 79 -2.73 4.53 -12.42
N TRP A 80 -1.92 4.82 -11.40
CA TRP A 80 -1.42 6.18 -11.16
C TRP A 80 -0.68 6.72 -12.39
N GLN A 81 0.34 5.98 -12.84
CA GLN A 81 1.12 6.35 -14.02
C GLN A 81 0.20 6.47 -15.26
N ASP A 82 -0.74 5.55 -15.37
CA ASP A 82 -1.72 5.52 -16.46
C ASP A 82 -2.49 6.86 -16.56
N LEU A 83 -2.99 7.32 -15.43
CA LEU A 83 -3.70 8.60 -15.37
C LEU A 83 -2.77 9.78 -15.72
N LYS A 84 -1.53 9.72 -15.24
CA LYS A 84 -0.57 10.81 -15.43
C LYS A 84 -0.23 11.06 -16.92
N ASN A 85 0.07 9.99 -17.67
CA ASN A 85 0.44 10.15 -19.09
C ASN A 85 -0.78 10.47 -19.98
N GLN A 86 -1.97 10.02 -19.56
CA GLN A 86 -3.21 10.31 -20.31
C GLN A 86 -3.90 11.59 -19.80
N ASN A 87 -3.45 12.09 -18.65
CA ASN A 87 -4.04 13.29 -18.03
C ASN A 87 -5.52 13.09 -17.68
N LYS A 88 -5.86 11.91 -17.19
CA LYS A 88 -7.23 11.61 -16.76
C LYS A 88 -7.56 12.29 -15.42
N GLN A 89 -8.32 13.36 -15.47
CA GLN A 89 -8.68 14.11 -14.27
C GLN A 89 -9.88 13.47 -13.54
N ILE A 90 -9.65 12.29 -12.97
CA ILE A 90 -10.69 11.58 -12.22
C ILE A 90 -10.60 11.89 -10.72
N SER A 91 -11.71 11.68 -10.01
CA SER A 91 -11.76 11.95 -8.57
C SER A 91 -11.17 10.80 -7.76
N MET A 92 -10.51 11.13 -6.64
CA MET A 92 -9.90 10.13 -5.74
C MET A 92 -10.88 9.00 -5.40
N ALA A 93 -12.15 9.35 -5.16
CA ALA A 93 -13.19 8.36 -4.84
C ALA A 93 -13.29 7.25 -5.89
N GLU A 94 -12.99 7.58 -7.15
CA GLU A 94 -13.04 6.61 -8.25
C GLU A 94 -11.96 5.52 -8.09
N ALA A 95 -10.82 5.90 -7.50
CA ALA A 95 -9.73 4.95 -7.22
C ALA A 95 -10.21 3.84 -6.28
N GLN A 96 -11.09 4.20 -5.33
CA GLN A 96 -11.70 3.22 -4.42
C GLN A 96 -12.73 2.34 -5.17
N GLY A 97 -13.29 2.87 -6.25
CA GLY A 97 -14.18 2.09 -7.09
C GLY A 97 -13.43 1.12 -7.99
N LYS A 98 -12.15 1.40 -8.24
CA LYS A 98 -11.29 0.53 -9.04
C LYS A 98 -10.57 -0.51 -8.17
N PHE A 99 -10.06 -0.09 -7.00
CA PHE A 99 -9.34 -0.99 -6.09
C PHE A 99 -9.97 -1.00 -4.68
N PRO A 100 -11.05 -1.79 -4.48
CA PRO A 100 -11.76 -1.85 -3.18
C PRO A 100 -10.93 -2.52 -2.08
N GLU A 101 -9.96 -3.35 -2.48
CA GLU A 101 -9.12 -4.09 -1.54
C GLU A 101 -7.92 -3.27 -1.06
N VAL A 102 -7.74 -2.07 -1.61
CA VAL A 102 -6.60 -1.22 -1.27
C VAL A 102 -7.02 0.02 -0.46
N VAL A 103 -6.33 0.25 0.66
CA VAL A 103 -6.61 1.40 1.53
C VAL A 103 -5.83 2.64 1.09
N PHE A 104 -6.49 3.58 0.44
CA PHE A 104 -5.86 4.84 0.02
C PHE A 104 -5.88 5.89 1.14
N SER A 105 -4.86 6.72 1.19
CA SER A 105 -4.76 7.77 2.22
C SER A 105 -5.23 9.12 1.70
N GLY A 106 -6.28 9.66 2.32
CA GLY A 106 -6.81 10.96 1.94
C GLY A 106 -6.88 11.93 3.11
N SER A 107 -7.44 13.12 2.89
CA SER A 107 -7.47 14.16 3.93
C SER A 107 -8.91 14.52 4.34
N ASN A 108 -9.44 13.79 5.31
CA ASN A 108 -10.77 14.09 5.88
C ASN A 108 -10.61 14.85 7.22
N LEU A 109 -9.76 14.32 8.10
CA LEU A 109 -9.45 14.98 9.36
C LEU A 109 -8.22 15.89 9.21
N GLU A 110 -8.26 17.07 9.81
CA GLU A 110 -7.18 18.06 9.66
C GLU A 110 -5.89 17.60 10.36
N HIS A 111 -4.99 16.98 9.60
CA HIS A 111 -3.70 16.52 10.12
C HIS A 111 -2.68 17.67 10.11
N HIS A 112 -2.49 18.29 8.95
CA HIS A 112 -1.60 19.46 8.84
C HIS A 112 -2.41 20.76 8.95
N HIS A 113 -2.77 21.12 10.18
CA HIS A 113 -3.60 22.29 10.45
C HIS A 113 -3.53 22.66 11.95
N HIS A 114 -2.47 23.36 12.33
CA HIS A 114 -2.12 23.54 13.74
C HIS A 114 -2.94 24.65 14.43
N HIS A 115 -3.79 24.24 15.37
CA HIS A 115 -4.57 25.16 16.21
C HIS A 115 -5.00 24.45 17.51
N HIS A 116 -5.12 25.19 18.61
CA HIS A 116 -5.56 24.61 19.89
C HIS A 116 -7.07 24.30 19.91
#